data_8SJ9
#
_entry.id   8SJ9
#
_cell.length_a   68.504
_cell.length_b   218.725
_cell.length_c   68.572
_cell.angle_alpha   90.000
_cell.angle_beta   109.680
_cell.angle_gamma   90.000
#
_symmetry.space_group_name_H-M   'P 1 21 1'
#
loop_
_entity.id
_entity.type
_entity.pdbx_description
1 polymer Hemagglutinin
2 branched beta-D-mannopyranose-(1-4)-2-acetamido-2-deoxy-beta-D-glucopyranose-(1-4)-2-acetamido-2-deoxy-beta-D-glucopyranose
3 branched 2-acetamido-2-deoxy-beta-D-glucopyranose-(1-4)-2-acetamido-2-deoxy-beta-D-glucopyranose
4 non-polymer 2-acetamido-2-deoxy-beta-D-glucopyranose
5 non-polymer 1,2-ETHANEDIOL
6 non-polymer GLYCEROL
#
_entity_poly.entity_id   1
_entity_poly.type   'polypeptide(L)'
_entity_poly.pdbx_seq_one_letter_code
;AATNADTICIGYHANNSTDTVDTVLEKNVTVTHSVNLLEDSHNGKLCLLKGIAPLQLGNCSVAGWILGNPECELLISKES
WSYIVETPNPENGTCYPGYFADYEELREQLSSVSSFERFEIFPKESSWPNHTVTGVSASCSHNGKSSFYRNLLWLTGKNG
LYPNLSKSYANNKEKEVLVLWGVHHPPNIGDQRALYHTENAYVSVVSSHYSRKFTPEIAKRPKVRDQEGRINYYWTLLEP
GDTIIFEANGNLIAPRYAFALSRGFGSGIITSNAPMDECDAKCQTPQGAINSSLPFQNVHPVTIGECPKYVRSAKLRMVT
GLRNIPSIQSRGLFGAIAGFIEGGWTGMVDGWYGYHHQNEQGSGYAADQKSTQNAINGITNKVNSVIEKMNTQFTAVGKE
FNKLERRMENLNKKVDDGFLDIWTYNAELLVLLENERTLDFHDSNVKNLYEKVKSQLKNNAKEIGNGCFEFYHKCNNECM
ESVKNGTYDYPKYSEESKLNREKIDGVKLLVPR
;
_entity_poly.pdbx_strand_id   A,B,C
#
loop_
_chem_comp.id
_chem_comp.type
_chem_comp.name
_chem_comp.formula
BMA D-saccharide, beta linking beta-D-mannopyranose 'C6 H12 O6'
EDO non-polymer 1,2-ETHANEDIOL 'C2 H6 O2'
GOL non-polymer GLYCEROL 'C3 H8 O3'
NAG D-saccharide, beta linking 2-acetamido-2-deoxy-beta-D-glucopyranose 'C8 H15 N O6'
#
# COMPACT_ATOMS: atom_id res chain seq x y z
N ALA A 5 -19.74 -26.50 -59.76
CA ALA A 5 -18.83 -25.39 -59.59
C ALA A 5 -19.24 -24.52 -58.41
N ASP A 6 -20.20 -25.01 -57.63
CA ASP A 6 -20.68 -24.28 -56.46
C ASP A 6 -19.60 -24.23 -55.38
N THR A 7 -19.51 -23.10 -54.70
CA THR A 7 -18.49 -22.88 -53.69
C THR A 7 -19.09 -22.25 -52.45
N ILE A 8 -18.63 -22.70 -51.28
CA ILE A 8 -19.01 -22.13 -49.99
C ILE A 8 -17.74 -21.75 -49.25
N CYS A 9 -17.63 -20.49 -48.85
CA CYS A 9 -16.46 -20.00 -48.14
C CYS A 9 -16.84 -19.55 -46.74
N ILE A 10 -15.90 -19.71 -45.82
CA ILE A 10 -16.07 -19.33 -44.42
C ILE A 10 -15.13 -18.16 -44.13
N GLY A 11 -15.64 -17.13 -43.49
CA GLY A 11 -14.84 -15.96 -43.22
C GLY A 11 -15.41 -15.12 -42.10
N TYR A 12 -14.81 -13.94 -41.93
CA TYR A 12 -15.19 -13.03 -40.85
C TYR A 12 -15.53 -11.63 -41.39
N HIS A 13 -15.70 -10.67 -40.49
CA HIS A 13 -16.25 -9.37 -40.82
C HIS A 13 -15.22 -8.26 -40.66
N ALA A 14 -15.30 -7.26 -41.53
CA ALA A 14 -14.46 -6.07 -41.47
C ALA A 14 -15.32 -4.84 -41.75
N ASN A 15 -14.91 -3.71 -41.19
CA ASN A 15 -15.68 -2.47 -41.32
C ASN A 15 -14.70 -1.31 -41.51
N ASN A 16 -15.21 -0.09 -41.34
CA ASN A 16 -14.41 1.10 -41.55
C ASN A 16 -13.25 1.22 -40.57
N SER A 17 -13.26 0.46 -39.46
CA SER A 17 -12.13 0.43 -38.52
C SER A 17 -11.90 1.77 -37.85
N THR A 18 -10.73 2.36 -38.05
CA THR A 18 -10.31 3.63 -37.48
C THR A 18 -10.16 3.55 -35.95
N ASP A 19 -10.27 2.36 -35.37
CA ASP A 19 -10.07 2.16 -33.93
C ASP A 19 -8.92 1.19 -33.74
N THR A 20 -7.98 1.54 -32.85
CA THR A 20 -6.76 0.77 -32.67
C THR A 20 -6.65 0.27 -31.22
N VAL A 21 -5.96 -0.85 -31.06
CA VAL A 21 -5.70 -1.46 -29.76
C VAL A 21 -4.24 -1.91 -29.72
N ASP A 22 -3.77 -2.16 -28.51
CA ASP A 22 -2.41 -2.64 -28.29
C ASP A 22 -2.46 -4.01 -27.61
N THR A 23 -1.66 -4.94 -28.11
CA THR A 23 -1.58 -6.29 -27.57
C THR A 23 -0.16 -6.56 -27.07
N VAL A 24 0.07 -7.80 -26.62
CA VAL A 24 1.37 -8.17 -26.11
C VAL A 24 2.39 -8.26 -27.25
N LEU A 25 1.99 -8.89 -28.37
CA LEU A 25 2.92 -9.16 -29.46
C LEU A 25 2.98 -8.05 -30.48
N GLU A 26 1.89 -7.31 -30.68
CA GLU A 26 1.81 -6.29 -31.72
C GLU A 26 1.26 -4.99 -31.14
N LYS A 27 1.65 -3.88 -31.76
CA LYS A 27 1.17 -2.56 -31.38
C LYS A 27 0.40 -1.96 -32.55
N ASN A 28 -0.49 -1.01 -32.23
CA ASN A 28 -1.31 -0.33 -33.22
C ASN A 28 -2.12 -1.31 -34.06
N VAL A 29 -2.74 -2.26 -33.39
CA VAL A 29 -3.57 -3.27 -34.05
C VAL A 29 -4.97 -2.69 -34.26
N THR A 30 -5.48 -2.81 -35.47
CA THR A 30 -6.79 -2.28 -35.84
C THR A 30 -7.84 -3.39 -35.71
N VAL A 31 -8.93 -3.07 -35.01
CA VAL A 31 -9.98 -4.04 -34.72
C VAL A 31 -11.34 -3.49 -35.13
N THR A 32 -12.27 -4.41 -35.40
CA THR A 32 -13.61 -4.00 -35.80
C THR A 32 -14.34 -3.27 -34.68
N HIS A 33 -14.22 -3.76 -33.44
CA HIS A 33 -14.92 -3.18 -32.31
C HIS A 33 -14.00 -3.20 -31.08
N SER A 34 -14.19 -2.24 -30.20
CA SER A 34 -13.38 -2.10 -29.00
C SER A 34 -14.15 -1.34 -27.94
N VAL A 35 -13.67 -1.43 -26.70
CA VAL A 35 -14.29 -0.74 -25.57
C VAL A 35 -13.21 0.03 -24.83
N ASN A 36 -13.54 1.27 -24.43
CA ASN A 36 -12.62 2.10 -23.66
C ASN A 36 -12.90 1.91 -22.17
N LEU A 37 -11.85 1.59 -21.41
CA LEU A 37 -11.94 1.40 -19.97
C LEU A 37 -11.18 2.47 -19.20
N LEU A 38 -10.96 3.63 -19.81
CA LEU A 38 -10.20 4.71 -19.18
C LEU A 38 -10.97 6.01 -19.33
N GLU A 39 -11.40 6.57 -18.22
CA GLU A 39 -12.10 7.86 -18.24
C GLU A 39 -11.09 8.99 -18.32
N ASP A 40 -11.28 9.88 -19.29
CA ASP A 40 -10.31 10.94 -19.58
C ASP A 40 -10.99 12.30 -19.74
N SER A 41 -12.14 12.49 -19.09
CA SER A 41 -12.85 13.75 -19.19
C SER A 41 -13.58 14.04 -17.88
N HIS A 42 -13.75 15.33 -17.61
CA HIS A 42 -14.51 15.79 -16.45
C HIS A 42 -15.36 16.99 -16.88
N ASN A 43 -16.49 17.16 -16.20
CA ASN A 43 -17.43 18.23 -16.56
C ASN A 43 -16.91 19.62 -16.20
N GLY A 44 -15.87 19.72 -15.38
CA GLY A 44 -15.34 21.00 -15.00
C GLY A 44 -16.11 21.73 -13.92
N LYS A 45 -17.08 21.09 -13.30
CA LYS A 45 -17.93 21.72 -12.29
C LYS A 45 -18.01 20.82 -11.06
N LEU A 46 -18.13 21.46 -9.89
CA LEU A 46 -18.15 20.75 -8.61
C LEU A 46 -19.59 20.37 -8.30
N CYS A 47 -19.97 19.17 -8.72
CA CYS A 47 -21.34 18.69 -8.53
C CYS A 47 -21.57 18.28 -7.07
N LEU A 48 -22.83 18.07 -6.74
CA LEU A 48 -23.18 17.50 -5.45
C LEU A 48 -22.71 16.06 -5.36
N LEU A 49 -22.39 15.62 -4.14
CA LEU A 49 -21.89 14.28 -3.89
C LEU A 49 -22.95 13.48 -3.14
N LYS A 50 -23.57 12.52 -3.83
CA LYS A 50 -24.60 11.66 -3.24
C LYS A 50 -25.74 12.46 -2.65
N GLY A 51 -26.12 13.54 -3.33
CA GLY A 51 -27.23 14.37 -2.91
C GLY A 51 -26.92 15.35 -1.80
N ILE A 52 -25.68 15.42 -1.33
CA ILE A 52 -25.28 16.32 -0.26
C ILE A 52 -24.40 17.41 -0.87
N ALA A 53 -24.86 18.65 -0.82
CA ALA A 53 -24.11 19.75 -1.41
C ALA A 53 -22.84 20.02 -0.62
N PRO A 54 -21.73 20.31 -1.29
CA PRO A 54 -20.50 20.65 -0.57
C PRO A 54 -20.60 22.01 0.12
N LEU A 55 -19.81 22.16 1.18
CA LEU A 55 -19.75 23.41 1.93
C LEU A 55 -18.70 24.31 1.30
N GLN A 56 -19.14 25.24 0.45
CA GLN A 56 -18.21 26.18 -0.16
C GLN A 56 -17.75 27.22 0.84
N LEU A 57 -16.46 27.54 0.80
CA LEU A 57 -15.88 28.52 1.72
C LEU A 57 -15.48 29.83 1.04
N GLY A 58 -15.32 29.84 -0.29
CA GLY A 58 -14.98 31.07 -0.98
C GLY A 58 -13.67 31.64 -0.51
N ASN A 59 -13.67 32.94 -0.19
CA ASN A 59 -12.47 33.66 0.23
C ASN A 59 -12.08 33.36 1.67
N CYS A 60 -12.66 32.33 2.29
CA CYS A 60 -12.39 31.99 3.67
C CYS A 60 -11.82 30.57 3.77
N SER A 61 -11.15 30.31 4.87
CA SER A 61 -10.62 28.99 5.21
C SER A 61 -11.48 28.35 6.28
N VAL A 62 -11.14 27.12 6.63
CA VAL A 62 -11.89 26.40 7.66
C VAL A 62 -11.73 27.10 9.02
N ALA A 63 -10.52 27.56 9.32
CA ALA A 63 -10.28 28.24 10.58
C ALA A 63 -11.12 29.50 10.71
N GLY A 64 -11.18 30.30 9.64
CA GLY A 64 -11.99 31.50 9.69
C GLY A 64 -13.48 31.22 9.78
N TRP A 65 -13.96 30.23 9.03
CA TRP A 65 -15.38 29.89 9.08
C TRP A 65 -15.79 29.40 10.46
N ILE A 66 -14.98 28.54 11.07
CA ILE A 66 -15.33 28.01 12.38
C ILE A 66 -15.16 29.06 13.46
N LEU A 67 -14.08 29.83 13.41
CA LEU A 67 -13.85 30.86 14.42
C LEU A 67 -14.82 32.03 14.26
N GLY A 68 -15.32 32.27 13.05
CA GLY A 68 -16.22 33.36 12.81
C GLY A 68 -15.52 34.64 12.40
N ASN A 69 -14.70 34.55 11.36
CA ASN A 69 -14.03 35.74 10.84
C ASN A 69 -15.07 36.74 10.35
N PRO A 70 -14.91 38.04 10.65
CA PRO A 70 -15.94 39.01 10.26
C PRO A 70 -16.22 39.05 8.77
N GLU A 71 -15.20 38.87 7.94
CA GLU A 71 -15.38 38.91 6.49
C GLU A 71 -15.90 37.60 5.92
N CYS A 72 -16.36 36.68 6.78
CA CYS A 72 -16.89 35.39 6.36
C CYS A 72 -18.38 35.28 6.67
N GLU A 73 -19.12 36.37 6.50
CA GLU A 73 -20.55 36.39 6.80
C GLU A 73 -21.40 35.87 5.65
N LEU A 74 -20.80 35.55 4.51
CA LEU A 74 -21.55 35.08 3.35
C LEU A 74 -21.84 33.58 3.39
N LEU A 75 -21.38 32.87 4.42
CA LEU A 75 -21.53 31.43 4.53
C LEU A 75 -21.95 30.99 5.93
N ILE A 76 -22.60 31.88 6.69
CA ILE A 76 -23.00 31.54 8.05
C ILE A 76 -24.03 30.42 8.05
N SER A 77 -24.94 30.43 7.07
CA SER A 77 -26.03 29.45 7.02
C SER A 77 -25.53 28.18 6.35
N LYS A 78 -25.05 27.24 7.17
CA LYS A 78 -24.62 25.93 6.71
C LYS A 78 -25.17 24.88 7.66
N GLU A 79 -25.84 23.87 7.10
CA GLU A 79 -26.46 22.82 7.90
C GLU A 79 -25.88 21.44 7.63
N SER A 80 -25.84 21.01 6.37
CA SER A 80 -25.36 19.68 6.03
C SER A 80 -24.48 19.74 4.79
N TRP A 81 -23.41 18.96 4.78
CA TRP A 81 -22.53 18.88 3.63
C TRP A 81 -21.74 17.58 3.70
N SER A 82 -21.23 17.17 2.55
CA SER A 82 -20.42 15.96 2.43
C SER A 82 -18.93 16.25 2.36
N TYR A 83 -18.53 17.33 1.69
CA TYR A 83 -17.13 17.72 1.63
C TYR A 83 -17.06 19.24 1.58
N ILE A 84 -15.88 19.78 1.88
CA ILE A 84 -15.67 21.22 2.01
C ILE A 84 -14.85 21.70 0.83
N VAL A 85 -15.31 22.76 0.17
CA VAL A 85 -14.64 23.33 -0.99
C VAL A 85 -13.91 24.59 -0.54
N GLU A 86 -12.62 24.70 -0.90
CA GLU A 86 -11.80 25.84 -0.57
C GLU A 86 -11.18 26.41 -1.83
N THR A 87 -11.01 27.74 -1.83
CA THR A 87 -10.23 28.37 -2.89
C THR A 87 -8.75 28.04 -2.72
N PRO A 88 -7.97 28.08 -3.81
CA PRO A 88 -6.56 27.68 -3.70
C PRO A 88 -5.77 28.44 -2.65
N ASN A 89 -6.02 29.74 -2.49
CA ASN A 89 -5.33 30.57 -1.52
C ASN A 89 -6.36 31.36 -0.72
N PRO A 90 -6.91 30.77 0.34
CA PRO A 90 -7.86 31.51 1.19
C PRO A 90 -7.20 32.75 1.78
N GLU A 91 -7.94 33.86 1.75
CA GLU A 91 -7.43 35.14 2.22
C GLU A 91 -7.91 35.50 3.61
N ASN A 92 -9.06 34.98 4.04
CA ASN A 92 -9.66 35.31 5.32
C ASN A 92 -9.60 34.10 6.24
N GLY A 93 -9.44 34.39 7.53
CA GLY A 93 -9.29 33.34 8.54
C GLY A 93 -8.05 33.66 9.34
N THR A 94 -8.17 33.52 10.66
CA THR A 94 -7.11 33.91 11.61
C THR A 94 -6.67 35.35 11.35
N CYS A 95 -7.65 36.26 11.34
CA CYS A 95 -7.35 37.67 11.09
C CYS A 95 -6.44 38.22 12.17
N TYR A 96 -6.67 37.86 13.42
CA TYR A 96 -5.71 38.17 14.47
C TYR A 96 -4.58 37.14 14.42
N PRO A 97 -3.32 37.58 14.35
CA PRO A 97 -2.21 36.62 14.21
C PRO A 97 -2.14 35.67 15.40
N GLY A 98 -1.80 34.41 15.11
CA GLY A 98 -1.72 33.40 16.13
C GLY A 98 -1.48 32.04 15.52
N TYR A 99 -1.63 31.02 16.36
CA TYR A 99 -1.41 29.64 15.97
C TYR A 99 -2.65 28.82 16.28
N PHE A 100 -3.10 28.00 15.33
CA PHE A 100 -4.24 27.13 15.49
C PHE A 100 -3.74 25.74 15.88
N ALA A 101 -4.09 25.30 17.09
CA ALA A 101 -3.62 24.03 17.60
C ALA A 101 -4.41 22.89 16.96
N ASP A 102 -3.69 21.90 16.43
CA ASP A 102 -4.30 20.73 15.78
C ASP A 102 -5.27 21.15 14.69
N TYR A 103 -4.85 22.11 13.87
CA TYR A 103 -5.72 22.66 12.85
C TYR A 103 -6.07 21.61 11.80
N GLU A 104 -5.08 20.88 11.31
CA GLU A 104 -5.33 19.87 10.27
C GLU A 104 -6.25 18.78 10.80
N GLU A 105 -6.06 18.38 12.05
CA GLU A 105 -6.96 17.40 12.66
C GLU A 105 -8.39 17.92 12.70
N LEU A 106 -8.57 19.20 13.05
CA LEU A 106 -9.91 19.78 13.07
C LEU A 106 -10.51 19.83 11.67
N ARG A 107 -9.70 20.13 10.66
CA ARG A 107 -10.19 20.12 9.29
C ARG A 107 -10.65 18.73 8.88
N GLU A 108 -9.88 17.70 9.24
CA GLU A 108 -10.31 16.34 8.95
C GLU A 108 -11.59 15.97 9.69
N GLN A 109 -11.73 16.44 10.94
CA GLN A 109 -12.96 16.23 11.68
C GLN A 109 -14.15 16.87 10.98
N LEU A 110 -13.97 18.11 10.50
CA LEU A 110 -15.06 18.90 9.95
C LEU A 110 -15.37 18.59 8.49
N SER A 111 -14.51 17.85 7.81
CA SER A 111 -14.79 17.50 6.41
C SER A 111 -16.06 16.68 6.28
N SER A 112 -16.35 15.83 7.26
CA SER A 112 -17.56 14.99 7.28
C SER A 112 -18.34 15.31 8.56
N VAL A 113 -19.34 16.18 8.44
CA VAL A 113 -20.18 16.57 9.57
C VAL A 113 -21.61 16.72 9.07
N SER A 114 -22.57 16.23 9.87
CA SER A 114 -23.99 16.41 9.61
C SER A 114 -24.62 17.22 10.74
N SER A 115 -25.79 17.78 10.44
CA SER A 115 -26.57 18.58 11.39
C SER A 115 -25.69 19.56 12.17
N PHE A 116 -24.86 20.29 11.43
CA PHE A 116 -24.02 21.32 12.02
C PHE A 116 -24.89 22.42 12.62
N GLU A 117 -24.77 22.65 13.92
CA GLU A 117 -25.56 23.65 14.61
C GLU A 117 -24.66 24.64 15.33
N ARG A 118 -24.85 25.93 15.06
CA ARG A 118 -24.14 27.00 15.76
C ARG A 118 -25.04 27.53 16.88
N PHE A 119 -24.59 27.39 18.12
CA PHE A 119 -25.39 27.80 19.27
C PHE A 119 -24.51 28.52 20.28
N GLU A 120 -25.06 29.56 20.89
CA GLU A 120 -24.32 30.36 21.87
C GLU A 120 -24.12 29.54 23.13
N ILE A 121 -22.92 28.97 23.28
CA ILE A 121 -22.62 28.19 24.48
C ILE A 121 -22.62 29.07 25.71
N PHE A 122 -22.00 30.25 25.63
CA PHE A 122 -22.01 31.24 26.71
C PHE A 122 -22.62 32.53 26.18
N PRO A 123 -23.81 32.91 26.63
CA PRO A 123 -24.42 34.15 26.15
C PRO A 123 -23.53 35.36 26.46
N LYS A 124 -23.56 36.33 25.55
CA LYS A 124 -22.67 37.48 25.67
C LYS A 124 -22.95 38.29 26.92
N GLU A 125 -24.22 38.48 27.25
CA GLU A 125 -24.59 39.35 28.36
C GLU A 125 -24.61 38.61 29.70
N SER A 126 -25.20 37.41 29.74
CA SER A 126 -25.40 36.74 31.01
C SER A 126 -24.11 36.13 31.54
N SER A 127 -23.29 35.55 30.67
CA SER A 127 -22.16 34.75 31.12
C SER A 127 -21.10 35.61 31.79
N TRP A 128 -20.89 36.83 31.31
CA TRP A 128 -19.82 37.70 31.79
C TRP A 128 -20.40 39.04 32.22
N PRO A 129 -20.94 39.12 33.44
CA PRO A 129 -21.51 40.39 33.91
C PRO A 129 -20.49 41.31 34.54
N ASN A 130 -19.38 40.76 35.02
CA ASN A 130 -18.35 41.52 35.71
C ASN A 130 -17.14 41.82 34.84
N HIS A 131 -17.21 41.55 33.54
CA HIS A 131 -16.08 41.74 32.64
C HIS A 131 -16.50 42.60 31.46
N THR A 132 -15.53 43.34 30.92
CA THR A 132 -15.74 44.13 29.71
C THR A 132 -15.83 43.18 28.53
N VAL A 133 -17.06 42.82 28.17
CA VAL A 133 -17.27 41.83 27.10
C VAL A 133 -16.74 42.35 25.77
N THR A 134 -16.99 43.63 25.48
CA THR A 134 -16.60 44.18 24.18
C THR A 134 -15.08 44.15 24.00
N GLY A 135 -14.65 43.66 22.84
CA GLY A 135 -13.25 43.65 22.48
C GLY A 135 -13.08 43.52 20.98
N VAL A 136 -12.30 44.41 20.38
CA VAL A 136 -12.15 44.48 18.93
C VAL A 136 -10.69 44.73 18.59
N SER A 137 -10.37 44.55 17.32
CA SER A 137 -9.03 44.83 16.80
C SER A 137 -9.13 45.25 15.35
N ALA A 138 -8.09 45.94 14.89
CA ALA A 138 -8.04 46.39 13.51
C ALA A 138 -7.68 45.26 12.54
N SER A 139 -6.98 44.24 13.01
CA SER A 139 -6.64 43.11 12.16
C SER A 139 -7.89 42.38 11.68
N CYS A 140 -8.86 42.19 12.58
CA CYS A 140 -10.15 41.60 12.23
C CYS A 140 -11.16 42.68 11.86
N SER A 141 -10.79 43.55 10.93
CA SER A 141 -11.65 44.65 10.55
C SER A 141 -12.82 44.15 9.69
N HIS A 142 -13.99 44.73 9.91
CA HIS A 142 -15.20 44.40 9.16
C HIS A 142 -15.77 45.67 8.56
N ASN A 143 -15.94 45.66 7.23
CA ASN A 143 -16.51 46.80 6.50
C ASN A 143 -15.78 48.10 6.81
N GLY A 144 -14.45 48.02 6.86
CA GLY A 144 -13.64 49.19 7.16
C GLY A 144 -13.63 49.62 8.60
N LYS A 145 -14.17 48.80 9.51
CA LYS A 145 -14.22 49.12 10.93
C LYS A 145 -13.65 47.96 11.73
N SER A 146 -12.92 48.27 12.79
CA SER A 146 -12.30 47.25 13.61
C SER A 146 -13.35 46.34 14.24
N SER A 147 -13.03 45.06 14.36
CA SER A 147 -13.99 44.08 14.86
C SER A 147 -13.24 42.88 15.41
N PHE A 148 -13.97 41.81 15.69
CA PHE A 148 -13.39 40.59 16.26
C PHE A 148 -14.21 39.40 15.76
N TYR A 149 -13.79 38.21 16.17
CA TYR A 149 -14.46 36.98 15.76
C TYR A 149 -15.89 36.93 16.30
N ARG A 150 -16.78 36.34 15.50
CA ARG A 150 -18.18 36.24 15.91
C ARG A 150 -18.39 35.15 16.95
N ASN A 151 -17.66 34.04 16.84
CA ASN A 151 -17.83 32.91 17.74
C ASN A 151 -16.98 33.00 18.99
N LEU A 152 -16.08 33.99 19.08
CA LEU A 152 -15.23 34.19 20.24
C LEU A 152 -15.43 35.61 20.78
N LEU A 153 -15.12 35.80 22.06
CA LEU A 153 -15.28 37.09 22.70
C LEU A 153 -14.00 37.46 23.43
N TRP A 154 -13.50 38.67 23.16
CA TRP A 154 -12.28 39.16 23.79
C TRP A 154 -12.64 39.78 25.13
N LEU A 155 -12.54 39.00 26.20
CA LEU A 155 -12.79 39.52 27.53
C LEU A 155 -11.64 40.41 27.98
N THR A 156 -11.98 41.56 28.56
CA THR A 156 -11.01 42.48 29.11
C THR A 156 -11.47 42.93 30.48
N GLY A 157 -10.54 43.46 31.26
CA GLY A 157 -10.85 43.86 32.62
C GLY A 157 -11.86 45.01 32.67
N LYS A 158 -12.67 45.01 33.72
CA LYS A 158 -13.70 46.02 33.92
C LYS A 158 -13.49 46.68 35.27
N ASN A 159 -13.56 48.01 35.30
CA ASN A 159 -13.40 48.81 36.53
C ASN A 159 -12.06 48.54 37.20
N GLY A 160 -11.02 48.36 36.39
CA GLY A 160 -9.69 48.11 36.93
C GLY A 160 -9.57 46.83 37.70
N LEU A 161 -10.26 45.77 37.26
CA LEU A 161 -10.24 44.50 37.97
C LEU A 161 -10.71 43.41 37.01
N TYR A 162 -10.06 42.25 37.08
CA TYR A 162 -10.44 41.08 36.29
C TYR A 162 -10.85 39.99 37.28
N PRO A 163 -12.12 39.91 37.63
CA PRO A 163 -12.56 38.86 38.57
C PRO A 163 -12.31 37.48 38.01
N ASN A 164 -12.00 36.55 38.90
CA ASN A 164 -11.74 35.17 38.50
C ASN A 164 -13.02 34.56 37.94
N LEU A 165 -13.03 34.27 36.65
CA LEU A 165 -14.20 33.71 36.00
C LEU A 165 -14.11 32.19 36.00
N SER A 166 -15.24 31.54 36.30
CA SER A 166 -15.36 30.08 36.32
C SER A 166 -16.69 29.74 35.66
N LYS A 167 -16.66 29.49 34.36
CA LYS A 167 -17.84 29.23 33.57
C LYS A 167 -17.86 27.77 33.13
N SER A 168 -18.96 27.06 33.41
CA SER A 168 -19.09 25.66 33.08
C SER A 168 -20.29 25.45 32.16
N TYR A 169 -20.11 24.59 31.16
CA TYR A 169 -21.18 24.25 30.23
C TYR A 169 -21.31 22.74 30.14
N ALA A 170 -22.56 22.28 30.15
CA ALA A 170 -22.88 20.85 30.04
C ALA A 170 -23.45 20.56 28.66
N ASN A 171 -23.00 19.46 28.06
CA ASN A 171 -23.43 19.09 26.71
C ASN A 171 -24.86 18.56 26.74
N ASN A 172 -25.83 19.44 26.49
CA ASN A 172 -27.24 19.07 26.49
C ASN A 172 -27.78 18.81 25.10
N LYS A 173 -26.93 18.82 24.07
CA LYS A 173 -27.37 18.65 22.69
C LYS A 173 -27.42 17.20 22.25
N GLU A 174 -27.03 16.26 23.11
CA GLU A 174 -27.03 14.83 22.81
C GLU A 174 -26.16 14.51 21.58
N LYS A 175 -25.15 15.34 21.34
CA LYS A 175 -24.20 15.14 20.25
C LYS A 175 -22.83 15.58 20.75
N GLU A 176 -21.86 15.64 19.85
CA GLU A 176 -20.54 16.14 20.18
C GLU A 176 -20.49 17.64 19.89
N VAL A 177 -20.05 18.41 20.88
CA VAL A 177 -20.04 19.86 20.78
C VAL A 177 -18.59 20.31 20.61
N LEU A 178 -18.27 20.83 19.43
CA LEU A 178 -17.00 21.48 19.20
C LEU A 178 -17.00 22.84 19.89
N VAL A 179 -16.05 23.04 20.80
CA VAL A 179 -15.90 24.28 21.55
C VAL A 179 -14.53 24.85 21.25
N LEU A 180 -14.49 26.14 20.91
CA LEU A 180 -13.26 26.83 20.57
C LEU A 180 -13.03 28.00 21.52
N TRP A 181 -11.78 28.20 21.89
CA TRP A 181 -11.41 29.32 22.74
C TRP A 181 -10.03 29.82 22.32
N GLY A 182 -9.61 30.91 22.93
CA GLY A 182 -8.33 31.50 22.60
C GLY A 182 -7.64 32.05 23.85
N VAL A 183 -6.32 32.10 23.78
CA VAL A 183 -5.49 32.67 24.83
C VAL A 183 -4.67 33.80 24.24
N HIS A 184 -4.75 34.97 24.87
CA HIS A 184 -4.09 36.17 24.37
C HIS A 184 -2.69 36.30 24.95
N HIS A 185 -1.75 36.70 24.10
CA HIS A 185 -0.36 36.90 24.48
C HIS A 185 0.03 38.32 24.09
N PRO A 186 0.01 39.27 25.03
CA PRO A 186 0.40 40.63 24.71
C PRO A 186 1.88 40.71 24.41
N PRO A 187 2.31 41.71 23.62
CA PRO A 187 3.75 41.90 23.40
C PRO A 187 4.44 42.69 24.49
N ASN A 188 3.70 43.35 25.37
CA ASN A 188 4.27 44.19 26.42
C ASN A 188 3.61 43.88 27.75
N ILE A 189 4.39 43.98 28.82
CA ILE A 189 3.88 43.71 30.16
C ILE A 189 2.82 44.74 30.55
N GLY A 190 3.02 46.00 30.17
CA GLY A 190 2.05 47.03 30.50
C GLY A 190 0.69 46.78 29.85
N ASP A 191 0.69 46.23 28.64
CA ASP A 191 -0.58 45.88 28.00
C ASP A 191 -1.32 44.82 28.80
N GLN A 192 -0.61 43.83 29.33
CA GLN A 192 -1.23 42.84 30.19
C GLN A 192 -1.74 43.46 31.49
N ARG A 193 -0.94 44.36 32.10
CA ARG A 193 -1.35 45.01 33.33
C ARG A 193 -2.54 45.94 33.12
N ALA A 194 -2.77 46.40 31.89
CA ALA A 194 -3.93 47.25 31.60
C ALA A 194 -5.17 46.42 31.26
N LEU A 195 -5.01 45.43 30.38
CA LEU A 195 -6.16 44.64 29.94
C LEU A 195 -6.68 43.72 31.03
N TYR A 196 -5.78 43.13 31.82
CA TYR A 196 -6.17 42.12 32.79
C TYR A 196 -5.76 42.45 34.23
N HIS A 197 -4.91 43.47 34.43
CA HIS A 197 -4.54 43.94 35.77
C HIS A 197 -3.91 42.84 36.62
N THR A 198 -3.24 41.89 35.97
CA THR A 198 -2.55 40.81 36.67
C THR A 198 -1.35 40.40 35.84
N GLU A 199 -0.15 40.59 36.39
CA GLU A 199 1.06 40.23 35.67
C GLU A 199 1.20 38.71 35.53
N ASN A 200 0.75 37.96 36.53
CA ASN A 200 0.81 36.50 36.52
C ASN A 200 -0.62 35.97 36.37
N ALA A 201 -1.06 35.84 35.12
CA ALA A 201 -2.38 35.32 34.81
C ALA A 201 -2.32 33.83 34.48
N TYR A 202 -3.50 33.21 34.44
CA TYR A 202 -3.60 31.80 34.11
C TYR A 202 -4.92 31.55 33.40
N VAL A 203 -4.94 30.50 32.58
CA VAL A 203 -6.15 30.01 31.94
C VAL A 203 -6.20 28.51 32.15
N SER A 204 -7.38 27.99 32.52
CA SER A 204 -7.53 26.56 32.79
C SER A 204 -8.78 26.06 32.09
N VAL A 205 -8.60 25.19 31.09
CA VAL A 205 -9.70 24.55 30.39
C VAL A 205 -9.71 23.09 30.81
N VAL A 206 -10.79 22.67 31.47
CA VAL A 206 -10.85 21.36 32.10
C VAL A 206 -12.09 20.61 31.62
N SER A 207 -11.91 19.33 31.31
CA SER A 207 -13.02 18.43 30.97
C SER A 207 -12.73 17.06 31.60
N SER A 208 -13.68 16.14 31.43
CA SER A 208 -13.46 14.79 31.91
C SER A 208 -12.34 14.10 31.13
N HIS A 209 -12.14 14.48 29.87
CA HIS A 209 -11.08 13.92 29.05
C HIS A 209 -10.07 14.97 28.58
N TYR A 210 -10.29 16.24 28.90
CA TYR A 210 -9.38 17.32 28.53
C TYR A 210 -8.98 18.09 29.78
N SER A 211 -7.72 18.52 29.82
CA SER A 211 -7.23 19.32 30.94
C SER A 211 -5.97 20.04 30.49
N ARG A 212 -6.01 21.37 30.45
CA ARG A 212 -4.84 22.13 30.06
C ARG A 212 -4.83 23.49 30.75
N LYS A 213 -3.66 23.85 31.26
CA LYS A 213 -3.43 25.14 31.91
C LYS A 213 -2.51 25.97 31.01
N PHE A 214 -3.10 26.92 30.30
CA PHE A 214 -2.35 27.85 29.48
C PHE A 214 -1.81 28.99 30.34
N THR A 215 -0.53 29.30 30.19
CA THR A 215 0.11 30.41 30.87
C THR A 215 0.51 31.47 29.85
N PRO A 216 0.12 32.73 30.04
CA PRO A 216 0.46 33.77 29.07
C PRO A 216 1.96 33.91 28.89
N GLU A 217 2.37 34.15 27.64
CA GLU A 217 3.77 34.33 27.28
C GLU A 217 3.90 35.72 26.64
N ILE A 218 4.58 36.63 27.33
CA ILE A 218 4.69 38.01 26.91
C ILE A 218 6.10 38.26 26.40
N ALA A 219 6.21 38.63 25.12
CA ALA A 219 7.50 38.95 24.52
C ALA A 219 7.26 39.78 23.27
N LYS A 220 8.31 40.49 22.86
CA LYS A 220 8.24 41.25 21.62
C LYS A 220 8.26 40.32 20.43
N ARG A 221 7.32 40.51 19.50
CA ARG A 221 7.16 39.62 18.37
C ARG A 221 7.06 40.40 17.08
N PRO A 222 7.45 39.81 15.96
CA PRO A 222 7.29 40.50 14.67
C PRO A 222 5.83 40.77 14.35
N LYS A 223 5.58 41.90 13.69
CA LYS A 223 4.22 42.33 13.39
C LYS A 223 3.65 41.49 12.26
N VAL A 224 2.52 40.84 12.53
CA VAL A 224 1.76 40.11 11.51
C VAL A 224 0.38 40.74 11.44
N ARG A 225 0.02 41.24 10.26
CA ARG A 225 -1.22 41.99 10.06
C ARG A 225 -1.31 43.17 11.04
N ASP A 226 -0.17 43.82 11.26
CA ASP A 226 -0.06 44.99 12.14
C ASP A 226 -0.53 44.68 13.56
N GLN A 227 0.09 43.66 14.15
CA GLN A 227 -0.20 43.28 15.55
C GLN A 227 0.95 42.45 16.08
N GLU A 228 1.62 42.95 17.12
CA GLU A 228 2.74 42.22 17.72
C GLU A 228 2.26 41.06 18.60
N GLY A 229 1.21 41.28 19.38
CA GLY A 229 0.69 40.22 20.22
C GLY A 229 -0.01 39.14 19.41
N ARG A 230 -0.16 37.97 20.03
CA ARG A 230 -0.71 36.81 19.33
C ARG A 230 -1.78 36.13 20.16
N ILE A 231 -2.87 35.73 19.51
CA ILE A 231 -3.92 34.96 20.15
C ILE A 231 -3.81 33.53 19.65
N ASN A 232 -3.48 32.60 20.55
CA ASN A 232 -3.45 31.19 20.21
C ASN A 232 -4.86 30.61 20.31
N TYR A 233 -5.22 29.77 19.35
CA TYR A 233 -6.55 29.20 19.25
C TYR A 233 -6.50 27.73 19.62
N TYR A 234 -7.45 27.29 20.44
CA TYR A 234 -7.55 25.91 20.87
C TYR A 234 -9.00 25.46 20.73
N TRP A 235 -9.18 24.14 20.57
CA TRP A 235 -10.50 23.58 20.36
C TRP A 235 -10.58 22.21 21.00
N THR A 236 -11.82 21.77 21.27
CA THR A 236 -12.06 20.47 21.85
C THR A 236 -13.43 19.98 21.43
N LEU A 237 -13.65 18.68 21.59
CA LEU A 237 -14.93 18.04 21.29
C LEU A 237 -15.51 17.49 22.59
N LEU A 238 -16.46 18.23 23.16
CA LEU A 238 -17.15 17.78 24.36
C LEU A 238 -18.13 16.67 24.00
N GLU A 239 -17.97 15.52 24.65
CA GLU A 239 -18.84 14.38 24.43
C GLU A 239 -20.20 14.61 25.08
N PRO A 240 -21.23 13.87 24.65
CA PRO A 240 -22.53 13.96 25.33
C PRO A 240 -22.40 13.60 26.81
N GLY A 241 -23.12 14.34 27.64
CA GLY A 241 -23.07 14.12 29.06
C GLY A 241 -21.82 14.62 29.75
N ASP A 242 -21.00 15.41 29.06
CA ASP A 242 -19.75 15.92 29.60
C ASP A 242 -19.86 17.43 29.85
N THR A 243 -19.08 17.90 30.81
CA THR A 243 -19.08 19.31 31.20
C THR A 243 -17.68 19.89 31.03
N ILE A 244 -17.61 21.08 30.45
CA ILE A 244 -16.35 21.79 30.24
C ILE A 244 -16.32 23.02 31.14
N ILE A 245 -15.16 23.27 31.74
CA ILE A 245 -14.98 24.35 32.71
C ILE A 245 -13.86 25.26 32.23
N PHE A 246 -14.14 26.56 32.16
CA PHE A 246 -13.15 27.59 31.87
C PHE A 246 -12.94 28.41 33.15
N GLU A 247 -11.72 28.40 33.67
CA GLU A 247 -11.38 29.16 34.86
C GLU A 247 -10.17 30.04 34.55
N ALA A 248 -10.34 31.35 34.67
CA ALA A 248 -9.27 32.25 34.26
C ALA A 248 -9.29 33.54 35.08
N ASN A 249 -8.13 34.20 35.09
CA ASN A 249 -8.00 35.55 35.64
C ASN A 249 -7.40 36.51 34.62
N GLY A 250 -7.42 36.16 33.35
CA GLY A 250 -6.91 37.04 32.31
C GLY A 250 -6.45 36.24 31.10
N ASN A 251 -6.23 36.97 30.01
CA ASN A 251 -5.70 36.43 28.76
C ASN A 251 -6.54 35.27 28.23
N LEU A 252 -7.86 35.40 28.35
CA LEU A 252 -8.79 34.38 27.87
C LEU A 252 -9.69 34.99 26.82
N ILE A 253 -9.65 34.43 25.61
CA ILE A 253 -10.66 34.71 24.58
C ILE A 253 -11.77 33.69 24.80
N ALA A 254 -12.86 34.13 25.43
CA ALA A 254 -13.88 33.20 25.87
C ALA A 254 -14.68 32.67 24.68
N PRO A 255 -15.12 31.42 24.74
CA PRO A 255 -16.03 30.93 23.70
C PRO A 255 -17.36 31.66 23.76
N ARG A 256 -17.91 31.93 22.59
CA ARG A 256 -19.26 32.47 22.50
C ARG A 256 -20.22 31.51 21.81
N TYR A 257 -19.84 31.01 20.63
CA TYR A 257 -20.68 30.08 19.87
C TYR A 257 -19.92 28.77 19.69
N ALA A 258 -20.54 27.68 20.16
CA ALA A 258 -20.05 26.33 19.91
C ALA A 258 -20.90 25.68 18.83
N PHE A 259 -20.48 24.48 18.40
CA PHE A 259 -21.15 23.80 17.29
C PHE A 259 -21.46 22.37 17.65
N ALA A 260 -22.75 22.01 17.57
CA ALA A 260 -23.15 20.62 17.68
C ALA A 260 -22.96 19.92 16.33
N LEU A 261 -22.26 18.78 16.35
CA LEU A 261 -21.88 18.08 15.13
C LEU A 261 -22.36 16.63 15.21
N SER A 262 -22.93 16.15 14.10
CA SER A 262 -23.17 14.72 13.96
C SER A 262 -21.91 14.05 13.46
N ARG A 263 -21.68 12.82 13.92
CA ARG A 263 -20.42 12.14 13.63
C ARG A 263 -20.35 11.77 12.16
N GLY A 264 -19.24 12.14 11.52
CA GLY A 264 -19.01 11.80 10.13
C GLY A 264 -17.65 11.16 9.96
N PHE A 265 -17.54 10.33 8.93
CA PHE A 265 -16.34 9.54 8.71
C PHE A 265 -15.94 9.54 7.25
N GLY A 266 -14.66 9.78 6.99
CA GLY A 266 -14.05 9.42 5.72
C GLY A 266 -14.11 10.44 4.60
N SER A 267 -14.48 11.69 4.88
CA SER A 267 -14.54 12.70 3.84
C SER A 267 -13.26 13.54 3.83
N GLY A 268 -13.12 14.35 2.79
CA GLY A 268 -11.96 15.21 2.64
C GLY A 268 -12.36 16.60 2.17
N ILE A 269 -11.37 17.49 2.16
CA ILE A 269 -11.57 18.88 1.76
C ILE A 269 -10.88 19.09 0.42
N ILE A 270 -11.66 19.50 -0.58
CA ILE A 270 -11.15 19.76 -1.92
C ILE A 270 -10.81 21.24 -2.04
N THR A 271 -9.64 21.53 -2.59
CA THR A 271 -9.17 22.90 -2.77
C THR A 271 -9.08 23.19 -4.27
N SER A 272 -10.03 23.97 -4.78
CA SER A 272 -10.05 24.32 -6.20
C SER A 272 -10.87 25.58 -6.39
N ASN A 273 -10.64 26.25 -7.52
CA ASN A 273 -11.37 27.45 -7.90
C ASN A 273 -12.41 27.18 -8.97
N ALA A 274 -12.66 25.91 -9.30
CA ALA A 274 -13.66 25.58 -10.30
C ALA A 274 -15.06 25.87 -9.77
N PRO A 275 -15.99 26.25 -10.65
CA PRO A 275 -17.32 26.66 -10.18
C PRO A 275 -18.12 25.50 -9.60
N MET A 276 -18.94 25.84 -8.62
CA MET A 276 -19.92 24.90 -8.09
C MET A 276 -21.14 24.85 -9.01
N ASP A 277 -21.80 23.69 -9.04
CA ASP A 277 -22.91 23.48 -9.96
C ASP A 277 -24.02 22.70 -9.27
N GLU A 278 -25.22 22.81 -9.84
CA GLU A 278 -26.41 22.14 -9.33
C GLU A 278 -26.39 20.63 -9.52
N CYS A 279 -25.48 20.10 -10.34
CA CYS A 279 -25.47 18.69 -10.66
C CYS A 279 -25.13 17.85 -9.43
N ASP A 280 -25.57 16.60 -9.46
CA ASP A 280 -25.21 15.60 -8.46
C ASP A 280 -24.39 14.50 -9.13
N ALA A 281 -23.21 14.23 -8.59
CA ALA A 281 -22.33 13.20 -9.12
C ALA A 281 -21.80 12.35 -7.98
N LYS A 282 -21.46 11.10 -8.29
CA LYS A 282 -21.04 10.13 -7.29
C LYS A 282 -19.54 10.10 -7.07
N CYS A 283 -18.78 10.97 -7.72
CA CYS A 283 -17.33 11.03 -7.54
C CYS A 283 -16.85 12.41 -7.93
N GLN A 284 -16.04 13.03 -7.07
CA GLN A 284 -15.62 14.41 -7.27
C GLN A 284 -14.10 14.52 -7.28
N THR A 285 -13.60 15.39 -8.15
CA THR A 285 -12.20 15.74 -8.28
C THR A 285 -12.08 17.25 -8.20
N PRO A 286 -10.90 17.78 -7.87
CA PRO A 286 -10.75 19.24 -7.81
C PRO A 286 -11.12 19.94 -9.11
N GLN A 287 -10.83 19.33 -10.25
CA GLN A 287 -11.10 19.99 -11.54
C GLN A 287 -12.51 19.71 -12.06
N GLY A 288 -13.13 18.61 -11.67
CA GLY A 288 -14.46 18.31 -12.16
C GLY A 288 -15.02 17.07 -11.50
N ALA A 289 -16.12 16.58 -12.06
CA ALA A 289 -16.80 15.39 -11.56
C ALA A 289 -16.92 14.37 -12.68
N ILE A 290 -16.78 13.09 -12.33
CA ILE A 290 -16.80 11.99 -13.29
C ILE A 290 -18.06 11.17 -13.05
N ASN A 291 -18.84 10.98 -14.12
CA ASN A 291 -20.08 10.20 -14.03
C ASN A 291 -19.91 8.75 -14.46
N SER A 292 -18.94 8.46 -15.33
CA SER A 292 -18.78 7.12 -15.85
C SER A 292 -18.27 6.17 -14.77
N SER A 293 -18.65 4.89 -14.90
CA SER A 293 -18.23 3.84 -13.99
C SER A 293 -17.07 3.02 -14.54
N LEU A 294 -16.24 3.62 -15.38
CA LEU A 294 -15.10 2.92 -15.94
C LEU A 294 -14.13 2.54 -14.81
N PRO A 295 -13.46 1.38 -14.91
CA PRO A 295 -12.61 0.94 -13.79
C PRO A 295 -11.46 1.89 -13.47
N PHE A 296 -10.90 2.57 -14.46
CA PHE A 296 -9.71 3.39 -14.25
C PHE A 296 -9.92 4.78 -14.82
N GLN A 297 -9.19 5.74 -14.26
CA GLN A 297 -9.25 7.14 -14.69
C GLN A 297 -7.84 7.71 -14.69
N ASN A 298 -7.66 8.79 -15.44
CA ASN A 298 -6.39 9.48 -15.55
C ASN A 298 -6.58 10.99 -15.40
N VAL A 299 -7.36 11.39 -14.40
CA VAL A 299 -7.71 12.79 -14.18
C VAL A 299 -6.90 13.39 -13.02
N HIS A 300 -7.08 12.84 -11.81
CA HIS A 300 -6.40 13.39 -10.64
C HIS A 300 -6.34 12.35 -9.53
N PRO A 301 -5.17 12.18 -8.89
CA PRO A 301 -5.07 11.21 -7.79
C PRO A 301 -5.97 11.56 -6.61
N VAL A 302 -6.19 12.84 -6.33
CA VAL A 302 -7.02 13.26 -5.20
C VAL A 302 -8.47 13.20 -5.64
N THR A 303 -9.19 12.18 -5.15
CA THR A 303 -10.59 11.98 -5.50
C THR A 303 -11.40 11.74 -4.23
N ILE A 304 -12.64 12.19 -4.24
CA ILE A 304 -13.57 12.01 -3.13
C ILE A 304 -14.76 11.22 -3.62
N GLY A 305 -15.12 10.18 -2.88
CA GLY A 305 -16.21 9.30 -3.25
C GLY A 305 -15.72 8.00 -3.85
N GLU A 306 -16.68 7.17 -4.24
CA GLU A 306 -16.36 5.89 -4.87
C GLU A 306 -15.87 6.12 -6.29
N CYS A 307 -14.56 6.35 -6.44
CA CYS A 307 -13.99 6.78 -7.70
C CYS A 307 -13.13 5.68 -8.33
N PRO A 308 -13.00 5.67 -9.65
CA PRO A 308 -12.12 4.70 -10.30
C PRO A 308 -10.68 4.89 -9.84
N LYS A 309 -9.94 3.78 -9.80
CA LYS A 309 -8.55 3.83 -9.38
C LYS A 309 -7.72 4.62 -10.39
N TYR A 310 -6.95 5.58 -9.89
CA TYR A 310 -6.14 6.42 -10.76
C TYR A 310 -5.02 5.61 -11.40
N VAL A 311 -4.77 5.86 -12.68
CA VAL A 311 -3.68 5.22 -13.41
C VAL A 311 -2.94 6.28 -14.20
N ARG A 312 -1.68 5.99 -14.51
CA ARG A 312 -0.84 6.88 -15.31
C ARG A 312 -0.90 6.54 -16.80
N SER A 313 -2.01 5.98 -17.28
CA SER A 313 -2.15 5.55 -18.65
C SER A 313 -2.93 6.58 -19.46
N ALA A 314 -2.63 6.63 -20.76
CA ALA A 314 -3.34 7.50 -21.68
C ALA A 314 -4.31 6.76 -22.58
N LYS A 315 -4.18 5.45 -22.70
CA LYS A 315 -5.07 4.65 -23.53
C LYS A 315 -5.20 3.26 -22.91
N LEU A 316 -6.43 2.85 -22.61
CA LEU A 316 -6.74 1.51 -22.11
C LEU A 316 -7.94 1.01 -22.91
N ARG A 317 -7.67 0.39 -24.05
CA ARG A 317 -8.72 -0.08 -24.95
C ARG A 317 -8.68 -1.60 -25.02
N MET A 318 -9.83 -2.23 -24.79
CA MET A 318 -9.96 -3.68 -24.78
C MET A 318 -10.67 -4.14 -26.04
N VAL A 319 -10.16 -5.23 -26.62
CA VAL A 319 -10.71 -5.76 -27.86
C VAL A 319 -12.04 -6.45 -27.59
N THR A 320 -13.05 -6.11 -28.39
CA THR A 320 -14.34 -6.76 -28.32
C THR A 320 -14.76 -7.46 -29.60
N GLY A 321 -14.00 -7.31 -30.69
CA GLY A 321 -14.32 -7.95 -31.95
C GLY A 321 -13.06 -8.40 -32.65
N LEU A 322 -13.26 -9.01 -33.82
CA LEU A 322 -12.12 -9.51 -34.58
C LEU A 322 -11.28 -8.34 -35.11
N ARG A 323 -10.03 -8.63 -35.42
CA ARG A 323 -9.16 -7.63 -36.02
C ARG A 323 -9.71 -7.21 -37.37
N ASN A 324 -9.83 -5.89 -37.57
CA ASN A 324 -10.42 -5.39 -38.81
C ASN A 324 -9.49 -5.61 -40.00
N ILE A 325 -8.18 -5.65 -39.77
CA ILE A 325 -7.25 -5.91 -40.86
C ILE A 325 -7.48 -7.33 -41.36
N PRO A 326 -7.67 -7.54 -42.68
CA PRO A 326 -7.92 -8.85 -43.28
C PRO A 326 -6.81 -9.87 -43.00
N LEU A 333 -3.30 -15.53 -33.92
CA LEU A 333 -3.17 -16.06 -35.26
C LEU A 333 -3.96 -17.36 -35.43
N PHE A 334 -3.61 -18.35 -34.63
CA PHE A 334 -4.22 -19.69 -34.69
C PHE A 334 -4.01 -20.21 -36.11
N GLY A 335 -5.04 -20.69 -36.80
CA GLY A 335 -4.87 -21.18 -38.15
C GLY A 335 -5.70 -20.45 -39.19
N ALA A 336 -6.86 -19.92 -38.78
CA ALA A 336 -7.78 -19.36 -39.76
C ALA A 336 -7.40 -17.93 -40.15
N ILE A 337 -7.45 -17.00 -39.20
CA ILE A 337 -7.14 -15.61 -39.49
C ILE A 337 -5.63 -15.44 -39.56
N ALA A 338 -5.17 -14.68 -40.56
CA ALA A 338 -3.75 -14.60 -40.91
C ALA A 338 -3.18 -15.98 -41.22
N GLY A 339 -4.04 -16.88 -41.71
CA GLY A 339 -3.66 -18.23 -42.05
C GLY A 339 -4.20 -18.63 -43.41
N PHE A 340 -5.02 -19.68 -43.45
CA PHE A 340 -5.67 -20.05 -44.70
C PHE A 340 -6.85 -19.16 -45.04
N ILE A 341 -7.23 -18.23 -44.15
CA ILE A 341 -8.25 -17.22 -44.44
C ILE A 341 -7.64 -15.88 -44.02
N GLU A 342 -7.07 -15.15 -44.97
CA GLU A 342 -6.42 -13.88 -44.72
C GLU A 342 -7.21 -12.70 -45.31
N GLY A 343 -8.53 -12.79 -45.25
CA GLY A 343 -9.38 -11.74 -45.80
C GLY A 343 -10.57 -11.48 -44.92
N GLY A 344 -11.04 -10.23 -44.98
CA GLY A 344 -12.20 -9.83 -44.20
C GLY A 344 -13.39 -9.46 -45.06
N TRP A 345 -14.49 -10.20 -44.90
CA TRP A 345 -15.71 -9.94 -45.67
C TRP A 345 -16.34 -8.66 -45.16
N THR A 346 -16.15 -7.57 -45.89
CA THR A 346 -16.74 -6.29 -45.50
C THR A 346 -18.25 -6.31 -45.58
N GLY A 347 -18.83 -7.22 -46.36
CA GLY A 347 -20.27 -7.36 -46.45
C GLY A 347 -20.90 -8.16 -45.33
N MET A 348 -20.10 -8.64 -44.38
CA MET A 348 -20.60 -9.40 -43.24
C MET A 348 -21.11 -8.41 -42.20
N VAL A 349 -22.32 -7.90 -42.44
CA VAL A 349 -22.95 -6.92 -41.57
C VAL A 349 -23.97 -7.53 -40.63
N ASP A 350 -24.10 -8.86 -40.63
CA ASP A 350 -25.05 -9.55 -39.76
C ASP A 350 -24.40 -10.19 -38.53
N GLY A 351 -23.10 -10.44 -38.57
CA GLY A 351 -22.44 -11.07 -37.46
C GLY A 351 -20.93 -11.10 -37.65
N TRP A 352 -20.27 -11.83 -36.77
CA TRP A 352 -18.81 -11.93 -36.79
C TRP A 352 -18.32 -13.05 -37.70
N TYR A 353 -18.94 -14.23 -37.63
CA TYR A 353 -18.57 -15.38 -38.46
C TYR A 353 -19.71 -15.70 -39.40
N GLY A 354 -19.37 -16.06 -40.64
CA GLY A 354 -20.40 -16.32 -41.63
C GLY A 354 -19.90 -17.20 -42.75
N TYR A 355 -20.78 -17.40 -43.73
CA TYR A 355 -20.51 -18.27 -44.88
C TYR A 355 -20.55 -17.45 -46.17
N HIS A 356 -20.43 -18.16 -47.29
CA HIS A 356 -20.49 -17.58 -48.62
C HIS A 356 -21.26 -18.51 -49.54
N HIS A 357 -21.97 -17.94 -50.51
CA HIS A 357 -22.76 -18.69 -51.47
C HIS A 357 -22.33 -18.34 -52.89
N GLN A 358 -22.32 -19.35 -53.77
CA GLN A 358 -21.99 -19.14 -55.16
C GLN A 358 -22.98 -19.76 -56.14
N ASN A 359 -23.97 -20.51 -55.66
CA ASN A 359 -24.99 -21.06 -56.55
C ASN A 359 -25.80 -19.94 -57.19
N GLU A 360 -26.33 -19.03 -56.38
CA GLU A 360 -27.03 -17.85 -56.87
C GLU A 360 -26.64 -16.56 -56.17
N GLN A 361 -25.98 -16.62 -55.01
CA GLN A 361 -25.61 -15.44 -54.25
C GLN A 361 -24.12 -15.16 -54.41
N GLY A 362 -23.61 -14.21 -53.63
CA GLY A 362 -22.20 -13.85 -53.69
C GLY A 362 -21.46 -14.04 -52.40
N SER A 363 -20.41 -13.24 -52.18
CA SER A 363 -19.55 -13.36 -51.01
C SER A 363 -19.99 -12.39 -49.93
N GLY A 364 -20.03 -12.87 -48.69
CA GLY A 364 -20.47 -12.06 -47.57
C GLY A 364 -21.97 -11.86 -47.54
N TYR A 365 -22.70 -12.97 -47.50
CA TYR A 365 -24.16 -12.93 -47.56
C TYR A 365 -24.84 -13.40 -46.28
N ALA A 366 -24.33 -14.45 -45.64
CA ALA A 366 -24.94 -15.02 -44.46
C ALA A 366 -23.94 -15.08 -43.32
N ALA A 367 -24.44 -15.00 -42.09
CA ALA A 367 -23.62 -15.04 -40.90
C ALA A 367 -24.10 -16.14 -39.97
N ASP A 368 -23.18 -16.97 -39.49
CA ASP A 368 -23.51 -18.05 -38.56
C ASP A 368 -23.77 -17.45 -37.19
N GLN A 369 -25.05 -17.28 -36.85
CA GLN A 369 -25.41 -16.59 -35.61
C GLN A 369 -25.09 -17.40 -34.37
N LYS A 370 -24.88 -18.72 -34.49
CA LYS A 370 -24.60 -19.54 -33.32
C LYS A 370 -23.22 -19.24 -32.74
N SER A 371 -22.18 -19.41 -33.56
CA SER A 371 -20.83 -19.09 -33.11
C SER A 371 -20.68 -17.60 -32.81
N THR A 372 -21.34 -16.76 -33.59
CA THR A 372 -21.30 -15.33 -33.34
C THR A 372 -21.88 -14.99 -31.97
N GLN A 373 -23.03 -15.57 -31.64
CA GLN A 373 -23.64 -15.32 -30.33
C GLN A 373 -22.77 -15.87 -29.21
N ASN A 374 -22.19 -17.05 -29.39
CA ASN A 374 -21.32 -17.61 -28.36
C ASN A 374 -20.13 -16.68 -28.10
N ALA A 375 -19.48 -16.21 -29.18
CA ALA A 375 -18.34 -15.31 -29.03
C ALA A 375 -18.77 -13.99 -28.41
N ILE A 376 -19.92 -13.47 -28.80
CA ILE A 376 -20.41 -12.21 -28.24
C ILE A 376 -20.63 -12.34 -26.75
N ASN A 377 -21.28 -13.43 -26.32
CA ASN A 377 -21.51 -13.66 -24.90
C ASN A 377 -20.19 -13.80 -24.15
N GLY A 378 -19.24 -14.54 -24.71
CA GLY A 378 -17.96 -14.72 -24.02
C GLY A 378 -17.21 -13.41 -23.84
N ILE A 379 -17.12 -12.61 -24.91
CA ILE A 379 -16.40 -11.34 -24.82
C ILE A 379 -17.14 -10.38 -23.91
N THR A 380 -18.48 -10.39 -23.94
CA THR A 380 -19.24 -9.52 -23.06
C THR A 380 -19.02 -9.89 -21.59
N ASN A 381 -18.99 -11.19 -21.28
CA ASN A 381 -18.69 -11.62 -19.92
C ASN A 381 -17.28 -11.21 -19.51
N LYS A 382 -16.33 -11.33 -20.43
CA LYS A 382 -14.95 -10.91 -20.12
C LYS A 382 -14.91 -9.43 -19.76
N VAL A 383 -15.48 -8.58 -20.62
CA VAL A 383 -15.46 -7.14 -20.38
C VAL A 383 -16.20 -6.77 -19.11
N ASN A 384 -17.37 -7.38 -18.90
CA ASN A 384 -18.16 -7.09 -17.71
C ASN A 384 -17.43 -7.51 -16.45
N SER A 385 -16.76 -8.66 -16.47
CA SER A 385 -15.97 -9.06 -15.32
C SER A 385 -14.84 -8.08 -15.05
N VAL A 386 -14.13 -7.65 -16.10
CA VAL A 386 -13.02 -6.72 -15.92
C VAL A 386 -13.50 -5.41 -15.31
N ILE A 387 -14.65 -4.90 -15.78
CA ILE A 387 -15.17 -3.64 -15.23
C ILE A 387 -15.70 -3.84 -13.81
N GLU A 388 -16.46 -4.91 -13.58
CA GLU A 388 -17.24 -5.05 -12.36
C GLU A 388 -16.40 -5.50 -11.17
N LYS A 389 -15.30 -6.23 -11.41
CA LYS A 389 -14.53 -6.78 -10.29
C LYS A 389 -14.08 -5.69 -9.32
N MET A 390 -13.86 -4.48 -9.79
CA MET A 390 -13.57 -3.38 -8.89
C MET A 390 -14.83 -2.94 -8.14
N ASN A 391 -14.72 -2.81 -6.82
CA ASN A 391 -15.84 -2.45 -5.97
C ASN A 391 -15.74 -0.98 -5.58
N THR A 392 -16.73 -0.53 -4.82
CA THR A 392 -16.75 0.85 -4.36
C THR A 392 -15.64 1.10 -3.34
N GLN A 393 -15.12 2.34 -3.36
CA GLN A 393 -14.06 2.74 -2.45
C GLN A 393 -14.52 3.78 -1.45
N PHE A 394 -15.07 4.90 -1.92
CA PHE A 394 -15.48 6.01 -1.06
C PHE A 394 -14.34 6.45 -0.14
N THR A 395 -13.14 6.54 -0.71
CA THR A 395 -11.94 6.91 0.02
C THR A 395 -11.54 8.33 -0.35
N ALA A 396 -11.35 9.17 0.66
CA ALA A 396 -10.90 10.55 0.46
C ALA A 396 -9.38 10.55 0.40
N VAL A 397 -8.87 10.17 -0.78
CA VAL A 397 -7.42 10.11 -0.98
C VAL A 397 -6.85 11.52 -0.94
N GLY A 398 -5.84 11.72 -0.10
CA GLY A 398 -5.23 13.04 0.04
C GLY A 398 -5.30 13.50 1.49
N LYS A 399 -4.15 13.86 2.02
CA LYS A 399 -4.01 14.27 3.42
C LYS A 399 -3.21 15.57 3.48
N GLU A 400 -3.35 16.27 4.60
CA GLU A 400 -2.64 17.52 4.84
C GLU A 400 -1.81 17.40 6.11
N PHE A 401 -0.52 17.74 5.99
CA PHE A 401 0.41 17.69 7.11
C PHE A 401 1.18 19.00 7.18
N ASN A 402 1.55 19.39 8.40
CA ASN A 402 2.23 20.66 8.61
C ASN A 402 3.72 20.52 8.33
N LYS A 403 4.45 21.62 8.54
CA LYS A 403 5.89 21.65 8.27
C LYS A 403 6.67 20.74 9.21
N LEU A 404 6.13 20.42 10.38
CA LEU A 404 6.77 19.51 11.31
C LEU A 404 6.29 18.07 11.16
N GLU A 405 5.69 17.74 10.02
CA GLU A 405 5.20 16.40 9.73
C GLU A 405 5.58 15.98 8.32
N ARG A 406 6.80 16.33 7.90
CA ARG A 406 7.23 15.99 6.55
C ARG A 406 7.43 14.49 6.37
N ARG A 407 7.78 13.78 7.45
CA ARG A 407 7.82 12.32 7.37
C ARG A 407 6.44 11.75 7.09
N MET A 408 5.40 12.32 7.71
CA MET A 408 4.04 11.93 7.40
C MET A 408 3.70 12.19 5.93
N GLU A 409 4.11 13.36 5.42
CA GLU A 409 3.84 13.71 4.03
C GLU A 409 4.51 12.70 3.09
N ASN A 410 5.76 12.36 3.37
CA ASN A 410 6.48 11.42 2.51
C ASN A 410 5.90 10.02 2.60
N LEU A 411 5.47 9.59 3.79
CA LEU A 411 4.84 8.27 3.91
C LEU A 411 3.54 8.21 3.13
N ASN A 412 2.70 9.24 3.25
CA ASN A 412 1.46 9.27 2.47
C ASN A 412 1.75 9.30 0.98
N LYS A 413 2.76 10.07 0.57
CA LYS A 413 3.17 10.10 -0.82
C LYS A 413 3.61 8.72 -1.30
N LYS A 414 4.37 8.01 -0.48
CA LYS A 414 4.81 6.67 -0.85
C LYS A 414 3.63 5.73 -1.01
N VAL A 415 2.65 5.79 -0.10
CA VAL A 415 1.48 4.93 -0.20
C VAL A 415 0.74 5.20 -1.51
N ASP A 416 0.45 6.48 -1.78
CA ASP A 416 -0.28 6.81 -3.00
C ASP A 416 0.50 6.44 -4.26
N ASP A 417 1.81 6.68 -4.26
CA ASP A 417 2.62 6.37 -5.44
C ASP A 417 2.69 4.86 -5.68
N GLY A 418 2.83 4.07 -4.61
CA GLY A 418 2.84 2.63 -4.78
C GLY A 418 1.53 2.10 -5.31
N PHE A 419 0.41 2.59 -4.77
CA PHE A 419 -0.89 2.16 -5.29
C PHE A 419 -1.05 2.55 -6.75
N LEU A 420 -0.65 3.78 -7.10
CA LEU A 420 -0.74 4.25 -8.48
C LEU A 420 0.09 3.36 -9.42
N ASP A 421 1.33 3.06 -9.03
CA ASP A 421 2.20 2.25 -9.87
C ASP A 421 1.64 0.85 -10.07
N ILE A 422 1.19 0.22 -8.97
CA ILE A 422 0.63 -1.12 -9.06
C ILE A 422 -0.58 -1.13 -10.01
N TRP A 423 -1.50 -0.18 -9.81
CA TRP A 423 -2.72 -0.20 -10.62
C TRP A 423 -2.42 0.07 -12.09
N THR A 424 -1.54 1.04 -12.38
CA THR A 424 -1.18 1.31 -13.77
C THR A 424 -0.57 0.08 -14.43
N TYR A 425 0.43 -0.52 -13.78
CA TYR A 425 1.11 -1.67 -14.35
C TYR A 425 0.15 -2.83 -14.59
N ASN A 426 -0.66 -3.16 -13.57
CA ASN A 426 -1.58 -4.29 -13.70
C ASN A 426 -2.63 -4.03 -14.77
N ALA A 427 -3.19 -2.82 -14.82
CA ALA A 427 -4.24 -2.53 -15.80
C ALA A 427 -3.70 -2.63 -17.21
N GLU A 428 -2.52 -2.04 -17.47
CA GLU A 428 -1.96 -2.10 -18.81
C GLU A 428 -1.63 -3.53 -19.21
N LEU A 429 -1.08 -4.31 -18.28
CA LEU A 429 -0.81 -5.72 -18.56
C LEU A 429 -2.09 -6.46 -18.92
N LEU A 430 -3.14 -6.29 -18.11
CA LEU A 430 -4.38 -7.00 -18.38
C LEU A 430 -4.95 -6.62 -19.73
N VAL A 431 -4.90 -5.33 -20.08
CA VAL A 431 -5.36 -4.90 -21.39
C VAL A 431 -4.62 -5.64 -22.50
N LEU A 432 -3.29 -5.66 -22.42
CA LEU A 432 -2.50 -6.32 -23.46
C LEU A 432 -2.83 -7.80 -23.56
N LEU A 433 -2.76 -8.51 -22.43
CA LEU A 433 -2.93 -9.96 -22.44
C LEU A 433 -4.32 -10.35 -22.91
N GLU A 434 -5.35 -9.65 -22.41
CA GLU A 434 -6.71 -10.02 -22.77
C GLU A 434 -7.03 -9.63 -24.21
N ASN A 435 -6.42 -8.57 -24.74
CA ASN A 435 -6.58 -8.29 -26.16
C ASN A 435 -6.02 -9.41 -27.01
N GLU A 436 -4.80 -9.87 -26.67
CA GLU A 436 -4.22 -10.98 -27.42
C GLU A 436 -5.07 -12.24 -27.31
N ARG A 437 -5.56 -12.54 -26.10
CA ARG A 437 -6.36 -13.74 -25.90
C ARG A 437 -7.70 -13.64 -26.63
N THR A 438 -8.28 -12.43 -26.69
CA THR A 438 -9.53 -12.25 -27.41
C THR A 438 -9.34 -12.48 -28.90
N LEU A 439 -8.24 -11.96 -29.46
CA LEU A 439 -7.96 -12.23 -30.88
C LEU A 439 -7.78 -13.72 -31.12
N ASP A 440 -7.05 -14.40 -30.23
CA ASP A 440 -6.88 -15.84 -30.37
C ASP A 440 -8.21 -16.57 -30.27
N PHE A 441 -9.10 -16.10 -29.39
CA PHE A 441 -10.41 -16.72 -29.22
C PHE A 441 -11.25 -16.59 -30.48
N HIS A 442 -11.24 -15.41 -31.11
CA HIS A 442 -11.97 -15.24 -32.37
C HIS A 442 -11.39 -16.16 -33.45
N ASP A 443 -10.06 -16.24 -33.53
CA ASP A 443 -9.44 -17.10 -34.54
C ASP A 443 -9.80 -18.56 -34.31
N SER A 444 -9.79 -19.01 -33.06
CA SER A 444 -10.16 -20.38 -32.75
C SER A 444 -11.63 -20.64 -33.09
N ASN A 445 -12.51 -19.68 -32.84
CA ASN A 445 -13.92 -19.87 -33.18
C ASN A 445 -14.12 -20.03 -34.68
N VAL A 446 -13.48 -19.17 -35.48
CA VAL A 446 -13.66 -19.30 -36.92
C VAL A 446 -12.99 -20.59 -37.44
N LYS A 447 -11.87 -20.98 -36.86
CA LYS A 447 -11.24 -22.25 -37.24
C LYS A 447 -12.14 -23.44 -36.94
N ASN A 448 -12.81 -23.41 -35.77
CA ASN A 448 -13.74 -24.49 -35.43
C ASN A 448 -14.94 -24.50 -36.37
N LEU A 449 -15.41 -23.31 -36.77
CA LEU A 449 -16.49 -23.25 -37.75
C LEU A 449 -16.08 -23.90 -39.07
N TYR A 450 -14.87 -23.58 -39.54
CA TYR A 450 -14.38 -24.19 -40.78
C TYR A 450 -14.25 -25.70 -40.63
N GLU A 451 -13.75 -26.17 -39.48
CA GLU A 451 -13.64 -27.60 -39.25
C GLU A 451 -15.00 -28.28 -39.24
N LYS A 452 -16.00 -27.63 -38.64
CA LYS A 452 -17.35 -28.18 -38.64
C LYS A 452 -17.91 -28.29 -40.04
N VAL A 453 -17.71 -27.25 -40.86
CA VAL A 453 -18.18 -27.30 -42.25
C VAL A 453 -17.49 -28.42 -43.01
N LYS A 454 -16.17 -28.56 -42.82
CA LYS A 454 -15.42 -29.62 -43.47
C LYS A 454 -15.93 -31.00 -43.05
N SER A 455 -16.19 -31.17 -41.76
CA SER A 455 -16.68 -32.45 -41.26
C SER A 455 -18.04 -32.78 -41.84
N GLN A 456 -18.93 -31.79 -41.95
CA GLN A 456 -20.23 -32.05 -42.56
C GLN A 456 -20.10 -32.40 -44.04
N LEU A 457 -19.21 -31.72 -44.76
CA LEU A 457 -19.12 -31.95 -46.21
C LEU A 457 -18.41 -33.27 -46.55
N LYS A 458 -17.40 -33.65 -45.78
CA LYS A 458 -16.62 -34.89 -46.02
C LYS A 458 -16.00 -34.78 -47.42
N ASN A 459 -16.05 -35.85 -48.22
CA ASN A 459 -15.41 -35.87 -49.53
C ASN A 459 -16.37 -35.48 -50.65
N ASN A 460 -17.46 -34.79 -50.33
CA ASN A 460 -18.35 -34.22 -51.34
C ASN A 460 -17.93 -32.82 -51.74
N ALA A 461 -16.82 -32.32 -51.21
CA ALA A 461 -16.31 -31.00 -51.55
C ALA A 461 -14.78 -31.05 -51.59
N LYS A 462 -14.21 -30.11 -52.34
CA LYS A 462 -12.77 -29.98 -52.50
C LYS A 462 -12.29 -28.75 -51.75
N GLU A 463 -11.20 -28.91 -51.00
CA GLU A 463 -10.61 -27.83 -50.21
C GLU A 463 -9.75 -26.97 -51.14
N ILE A 464 -10.23 -25.77 -51.46
CA ILE A 464 -9.49 -24.89 -52.35
C ILE A 464 -8.20 -24.41 -51.69
N GLY A 465 -8.27 -24.06 -50.41
CA GLY A 465 -7.11 -23.56 -49.67
C GLY A 465 -7.31 -22.19 -49.06
N ASN A 466 -8.21 -21.38 -49.62
CA ASN A 466 -8.53 -20.06 -49.08
C ASN A 466 -9.75 -20.07 -48.19
N GLY A 467 -9.97 -21.17 -47.46
CA GLY A 467 -11.15 -21.28 -46.63
C GLY A 467 -12.42 -21.57 -47.39
N CYS A 468 -12.31 -22.09 -48.61
CA CYS A 468 -13.46 -22.34 -49.47
C CYS A 468 -13.55 -23.82 -49.83
N PHE A 469 -14.78 -24.26 -50.08
CA PHE A 469 -15.07 -25.63 -50.48
C PHE A 469 -15.83 -25.60 -51.80
N GLU A 470 -15.32 -26.33 -52.78
CA GLU A 470 -15.98 -26.45 -54.08
C GLU A 470 -16.74 -27.77 -54.10
N PHE A 471 -18.07 -27.70 -54.18
CA PHE A 471 -18.89 -28.89 -54.10
C PHE A 471 -18.72 -29.78 -55.33
N TYR A 472 -18.66 -31.09 -55.10
CA TYR A 472 -18.64 -32.07 -56.18
C TYR A 472 -20.03 -32.35 -56.74
N HIS A 473 -21.03 -31.58 -56.33
CA HIS A 473 -22.40 -31.75 -56.80
C HIS A 473 -23.06 -30.39 -56.87
N LYS A 474 -24.28 -30.36 -57.40
CA LYS A 474 -25.03 -29.12 -57.50
C LYS A 474 -25.73 -28.88 -56.16
N CYS A 475 -25.28 -27.86 -55.44
CA CYS A 475 -25.81 -27.49 -54.13
C CYS A 475 -26.64 -26.22 -54.30
N ASN A 476 -27.95 -26.39 -54.49
CA ASN A 476 -28.85 -25.26 -54.65
C ASN A 476 -28.92 -24.47 -53.35
N ASN A 477 -29.67 -23.36 -53.38
CA ASN A 477 -29.72 -22.47 -52.23
C ASN A 477 -30.20 -23.19 -50.98
N GLU A 478 -31.23 -24.03 -51.11
CA GLU A 478 -31.70 -24.80 -49.96
C GLU A 478 -30.65 -25.77 -49.46
N CYS A 479 -29.84 -26.32 -50.36
CA CYS A 479 -28.72 -27.17 -49.93
C CYS A 479 -27.70 -26.36 -49.14
N MET A 480 -27.44 -25.12 -49.55
CA MET A 480 -26.58 -24.25 -48.77
C MET A 480 -27.17 -23.96 -47.39
N GLU A 481 -28.49 -23.76 -47.32
CA GLU A 481 -29.15 -23.60 -46.03
C GLU A 481 -28.98 -24.84 -45.17
N SER A 482 -29.04 -26.02 -45.81
CA SER A 482 -28.79 -27.26 -45.08
C SER A 482 -27.36 -27.31 -44.53
N VAL A 483 -26.38 -26.88 -45.34
CA VAL A 483 -24.99 -26.87 -44.89
C VAL A 483 -24.81 -25.94 -43.71
N LYS A 484 -25.35 -24.72 -43.81
CA LYS A 484 -25.17 -23.73 -42.74
C LYS A 484 -25.97 -24.11 -41.50
N ASN A 485 -27.14 -24.72 -41.66
CA ASN A 485 -27.98 -25.15 -40.57
C ASN A 485 -27.43 -26.37 -39.84
N GLY A 486 -26.44 -27.04 -40.42
CA GLY A 486 -25.98 -28.31 -39.87
C GLY A 486 -26.81 -29.49 -40.25
N THR A 487 -27.76 -29.33 -41.18
CA THR A 487 -28.63 -30.41 -41.63
C THR A 487 -28.24 -30.92 -43.02
N TYR A 488 -26.96 -30.84 -43.36
CA TYR A 488 -26.49 -31.35 -44.64
C TYR A 488 -26.59 -32.87 -44.67
N ASP A 489 -27.02 -33.41 -45.81
CA ASP A 489 -27.29 -34.84 -45.96
C ASP A 489 -26.25 -35.41 -46.93
N TYR A 490 -25.19 -35.99 -46.36
CA TYR A 490 -24.13 -36.57 -47.20
C TYR A 490 -24.62 -37.72 -48.08
N PRO A 491 -25.38 -38.70 -47.59
CA PRO A 491 -25.86 -39.77 -48.49
C PRO A 491 -26.73 -39.26 -49.62
N LYS A 492 -27.37 -38.10 -49.47
CA LYS A 492 -28.21 -37.58 -50.55
C LYS A 492 -27.39 -37.27 -51.79
N TYR A 493 -26.20 -36.69 -51.61
CA TYR A 493 -25.34 -36.35 -52.73
C TYR A 493 -24.15 -37.31 -52.89
N SER A 494 -24.10 -38.37 -52.09
CA SER A 494 -23.01 -39.34 -52.23
C SER A 494 -23.17 -40.19 -53.48
N GLU A 495 -24.40 -40.47 -53.88
CA GLU A 495 -24.65 -41.29 -55.05
C GLU A 495 -25.31 -40.47 -56.16
N ASP B 6 12.62 -38.52 -52.08
CA ASP B 6 12.54 -37.10 -51.80
C ASP B 6 11.55 -36.81 -50.67
N THR B 7 12.06 -36.39 -49.52
CA THR B 7 11.25 -36.09 -48.36
C THR B 7 11.61 -34.71 -47.83
N ILE B 8 10.60 -33.99 -47.34
CA ILE B 8 10.80 -32.70 -46.70
C ILE B 8 10.32 -32.81 -45.26
N CYS B 9 11.20 -32.50 -44.32
CA CYS B 9 10.91 -32.59 -42.90
C CYS B 9 10.85 -31.19 -42.30
N ILE B 10 9.81 -30.95 -41.49
CA ILE B 10 9.61 -29.68 -40.80
C ILE B 10 10.07 -29.86 -39.36
N GLY B 11 10.85 -28.90 -38.87
CA GLY B 11 11.40 -29.00 -37.53
C GLY B 11 11.68 -27.64 -36.93
N TYR B 12 12.08 -27.66 -35.66
CA TYR B 12 12.36 -26.47 -34.88
C TYR B 12 13.84 -26.45 -34.48
N HIS B 13 14.21 -25.42 -33.73
CA HIS B 13 15.61 -25.17 -33.39
C HIS B 13 15.99 -25.82 -32.07
N ALA B 14 17.26 -26.20 -31.97
CA ALA B 14 17.83 -26.69 -30.72
C ALA B 14 19.28 -26.21 -30.63
N ASN B 15 19.80 -26.18 -29.42
CA ASN B 15 21.17 -25.73 -29.18
C ASN B 15 21.69 -26.40 -27.91
N ASN B 16 22.81 -25.89 -27.40
CA ASN B 16 23.46 -26.43 -26.22
C ASN B 16 23.13 -25.64 -24.96
N SER B 17 22.13 -24.76 -25.02
CA SER B 17 21.82 -23.89 -23.90
C SER B 17 21.37 -24.69 -22.69
N THR B 18 21.92 -24.35 -21.52
CA THR B 18 21.54 -24.96 -20.26
C THR B 18 20.67 -24.05 -19.41
N ASP B 19 20.16 -22.95 -19.99
CA ASP B 19 19.32 -22.04 -19.24
C ASP B 19 18.01 -22.72 -18.84
N THR B 20 17.57 -22.44 -17.63
CA THR B 20 16.41 -23.09 -17.04
C THR B 20 15.36 -22.05 -16.65
N VAL B 21 14.10 -22.35 -16.93
CA VAL B 21 12.98 -21.49 -16.59
C VAL B 21 11.90 -22.34 -15.91
N ASP B 22 10.92 -21.66 -15.35
CA ASP B 22 9.76 -22.30 -14.74
C ASP B 22 8.49 -21.82 -15.43
N THR B 23 7.58 -22.75 -15.68
CA THR B 23 6.28 -22.46 -16.25
C THR B 23 5.19 -22.85 -15.26
N VAL B 24 3.94 -22.59 -15.63
CA VAL B 24 2.82 -22.91 -14.74
C VAL B 24 2.63 -24.42 -14.64
N LEU B 25 2.68 -25.12 -15.77
CA LEU B 25 2.47 -26.56 -15.79
C LEU B 25 3.73 -27.35 -15.45
N GLU B 26 4.91 -26.84 -15.82
CA GLU B 26 6.16 -27.57 -15.64
C GLU B 26 7.20 -26.67 -14.98
N LYS B 27 8.08 -27.28 -14.20
CA LYS B 27 9.21 -26.61 -13.57
C LYS B 27 10.50 -27.24 -14.06
N ASN B 28 11.59 -26.48 -13.97
CA ASN B 28 12.90 -26.88 -14.47
C ASN B 28 12.82 -27.27 -15.94
N VAL B 29 12.48 -26.27 -16.76
CA VAL B 29 12.32 -26.45 -18.20
C VAL B 29 13.51 -25.81 -18.89
N THR B 30 14.23 -26.61 -19.69
CA THR B 30 15.37 -26.12 -20.44
C THR B 30 14.88 -25.54 -21.77
N VAL B 31 15.35 -24.32 -22.07
CA VAL B 31 14.91 -23.59 -23.25
C VAL B 31 16.13 -23.17 -24.06
N THR B 32 15.88 -22.92 -25.36
CA THR B 32 16.96 -22.49 -26.24
C THR B 32 17.51 -21.12 -25.85
N HIS B 33 16.63 -20.18 -25.51
CA HIS B 33 17.03 -18.85 -25.13
C HIS B 33 16.12 -18.33 -24.02
N SER B 34 16.69 -17.45 -23.18
CA SER B 34 15.94 -16.88 -22.06
C SER B 34 16.49 -15.50 -21.76
N VAL B 35 15.68 -14.70 -21.05
CA VAL B 35 16.03 -13.34 -20.69
C VAL B 35 15.85 -13.16 -19.19
N ASN B 36 16.78 -12.47 -18.55
CA ASN B 36 16.76 -12.22 -17.13
C ASN B 36 16.06 -10.90 -16.82
N LEU B 37 15.20 -10.92 -15.80
CA LEU B 37 14.49 -9.73 -15.36
C LEU B 37 14.87 -9.30 -13.95
N LEU B 38 15.83 -9.95 -13.33
CA LEU B 38 16.20 -9.67 -11.94
C LEU B 38 17.68 -9.31 -11.88
N GLU B 39 17.98 -8.19 -11.22
CA GLU B 39 19.35 -7.73 -11.05
C GLU B 39 19.83 -8.10 -9.65
N ASP B 40 20.96 -8.81 -9.59
CA ASP B 40 21.48 -9.32 -8.32
C ASP B 40 22.92 -8.93 -8.06
N SER B 41 23.49 -8.04 -8.87
CA SER B 41 24.89 -7.65 -8.75
C SER B 41 24.99 -6.18 -8.41
N HIS B 42 25.77 -5.86 -7.38
CA HIS B 42 26.06 -4.48 -7.01
C HIS B 42 27.57 -4.30 -6.95
N ASN B 43 28.02 -3.10 -7.34
CA ASN B 43 29.45 -2.83 -7.38
C ASN B 43 30.08 -2.75 -5.99
N GLY B 44 29.27 -2.62 -4.94
CA GLY B 44 29.78 -2.50 -3.60
C GLY B 44 30.41 -1.15 -3.27
N LYS B 45 30.16 -0.13 -4.09
CA LYS B 45 30.74 1.19 -3.92
C LYS B 45 29.63 2.22 -3.80
N LEU B 46 29.82 3.20 -2.91
CA LEU B 46 28.86 4.30 -2.75
C LEU B 46 29.08 5.28 -3.90
N CYS B 47 28.57 4.90 -5.07
CA CYS B 47 28.76 5.69 -6.28
C CYS B 47 27.87 6.94 -6.25
N LEU B 48 28.20 7.88 -7.14
CA LEU B 48 27.43 9.10 -7.26
C LEU B 48 26.02 8.81 -7.75
N LEU B 49 25.08 9.63 -7.31
CA LEU B 49 23.67 9.48 -7.69
C LEU B 49 23.25 10.69 -8.52
N LYS B 50 22.51 10.41 -9.60
CA LYS B 50 21.98 11.42 -10.49
C LYS B 50 23.15 12.21 -11.08
N GLY B 51 23.29 13.49 -10.72
CA GLY B 51 24.37 14.27 -11.27
C GLY B 51 25.27 14.94 -10.25
N ILE B 52 25.08 14.63 -8.97
CA ILE B 52 25.80 15.29 -7.88
C ILE B 52 26.36 14.20 -6.98
N ALA B 53 27.49 14.51 -6.34
CA ALA B 53 28.15 13.60 -5.42
C ALA B 53 27.46 13.59 -4.05
N PRO B 54 27.51 12.48 -3.33
CA PRO B 54 26.91 12.44 -1.99
C PRO B 54 27.81 13.12 -0.95
N LEU B 55 27.25 13.27 0.25
CA LEU B 55 27.97 13.79 1.40
C LEU B 55 28.12 12.68 2.43
N GLN B 56 29.36 12.44 2.85
CA GLN B 56 29.67 11.41 3.83
C GLN B 56 30.04 12.07 5.15
N LEU B 57 29.32 11.72 6.21
CA LEU B 57 29.57 12.28 7.53
C LEU B 57 30.68 11.56 8.29
N GLY B 58 31.10 10.38 7.82
CA GLY B 58 32.12 9.63 8.54
C GLY B 58 31.67 9.27 9.94
N ASN B 59 32.55 9.51 10.92
CA ASN B 59 32.23 9.22 12.32
C ASN B 59 31.13 10.12 12.87
N CYS B 60 30.79 11.20 12.18
CA CYS B 60 29.82 12.16 12.67
C CYS B 60 28.41 11.78 12.26
N SER B 61 27.44 12.39 12.92
CA SER B 61 26.03 12.27 12.59
C SER B 61 25.52 13.59 12.02
N VAL B 62 24.22 13.63 11.71
CA VAL B 62 23.63 14.86 11.20
C VAL B 62 23.66 15.95 12.25
N ALA B 63 23.33 15.61 13.51
CA ALA B 63 23.34 16.61 14.57
C ALA B 63 24.72 17.20 14.78
N GLY B 64 25.76 16.36 14.80
CA GLY B 64 27.11 16.87 14.91
C GLY B 64 27.51 17.72 13.72
N TRP B 65 27.03 17.38 12.52
CA TRP B 65 27.36 18.15 11.33
C TRP B 65 26.76 19.56 11.41
N ILE B 66 25.46 19.65 11.69
CA ILE B 66 24.81 20.95 11.69
C ILE B 66 25.23 21.78 12.90
N LEU B 67 25.28 21.16 14.09
CA LEU B 67 25.63 21.90 15.29
C LEU B 67 27.09 22.29 15.32
N GLY B 68 27.95 21.57 14.61
CA GLY B 68 29.35 21.92 14.56
C GLY B 68 30.18 21.22 15.62
N ASN B 69 30.12 19.90 15.67
CA ASN B 69 30.95 19.15 16.58
C ASN B 69 32.43 19.39 16.25
N PRO B 70 33.28 19.61 17.25
CA PRO B 70 34.68 19.96 16.96
C PRO B 70 35.43 18.92 16.15
N GLU B 71 35.05 17.64 16.25
CA GLU B 71 35.73 16.60 15.50
C GLU B 71 35.21 16.45 14.08
N CYS B 72 34.19 17.22 13.69
CA CYS B 72 33.66 17.20 12.32
C CYS B 72 34.15 18.37 11.48
N GLU B 73 35.31 18.92 11.82
CA GLU B 73 35.82 20.09 11.11
C GLU B 73 36.08 19.80 9.64
N LEU B 74 36.27 18.54 9.26
CA LEU B 74 36.46 18.20 7.86
C LEU B 74 35.17 18.29 7.05
N LEU B 75 34.02 18.40 7.70
CA LEU B 75 32.73 18.45 7.01
C LEU B 75 32.21 19.87 6.84
N ILE B 76 32.98 20.89 7.22
CA ILE B 76 32.52 22.27 7.10
C ILE B 76 32.47 22.69 5.63
N SER B 77 33.47 22.27 4.84
CA SER B 77 33.59 22.74 3.47
C SER B 77 32.57 22.11 2.52
N LYS B 78 31.83 21.09 2.96
CA LYS B 78 30.86 20.42 2.09
C LYS B 78 29.67 21.35 1.88
N GLU B 79 29.52 21.87 0.66
CA GLU B 79 28.48 22.85 0.35
C GLU B 79 27.24 22.23 -0.30
N SER B 80 27.40 21.25 -1.19
CA SER B 80 26.27 20.66 -1.89
C SER B 80 26.42 19.15 -1.90
N TRP B 81 25.28 18.46 -1.98
CA TRP B 81 25.28 17.00 -2.00
C TRP B 81 24.01 16.50 -2.67
N SER B 82 24.12 15.33 -3.32
CA SER B 82 22.94 14.67 -3.86
C SER B 82 22.18 13.91 -2.80
N TYR B 83 22.90 13.23 -1.91
CA TYR B 83 22.29 12.47 -0.82
C TYR B 83 23.31 12.31 0.29
N ILE B 84 22.81 12.00 1.49
CA ILE B 84 23.62 11.90 2.70
C ILE B 84 23.87 10.45 3.03
N VAL B 85 25.12 10.12 3.37
CA VAL B 85 25.49 8.79 3.84
C VAL B 85 26.19 8.93 5.18
N GLU B 86 25.91 8.01 6.09
CA GLU B 86 26.54 7.99 7.41
C GLU B 86 27.08 6.60 7.70
N THR B 87 28.06 6.55 8.61
CA THR B 87 28.55 5.29 9.12
C THR B 87 27.45 4.61 9.92
N PRO B 88 27.52 3.27 10.07
CA PRO B 88 26.43 2.56 10.77
C PRO B 88 26.10 3.12 12.15
N ASN B 89 27.10 3.30 13.01
CA ASN B 89 26.90 3.84 14.36
C ASN B 89 27.87 4.99 14.58
N PRO B 90 27.53 6.20 14.11
CA PRO B 90 28.39 7.35 14.34
C PRO B 90 28.51 7.66 15.82
N GLU B 91 29.71 8.06 16.23
CA GLU B 91 29.99 8.42 17.62
C GLU B 91 29.97 9.92 17.85
N ASN B 92 30.49 10.70 16.90
CA ASN B 92 30.55 12.15 17.06
C ASN B 92 29.19 12.78 16.78
N GLY B 93 28.88 13.83 17.51
CA GLY B 93 27.57 14.45 17.44
C GLY B 93 26.90 14.45 18.80
N THR B 94 26.28 15.57 19.16
CA THR B 94 25.71 15.77 20.50
C THR B 94 26.74 15.44 21.58
N CYS B 95 27.91 16.09 21.47
CA CYS B 95 28.99 15.87 22.43
C CYS B 95 28.54 16.25 23.84
N TYR B 96 27.86 17.38 23.98
CA TYR B 96 27.21 17.70 25.25
C TYR B 96 25.84 17.02 25.29
N PRO B 97 25.55 16.24 26.33
CA PRO B 97 24.28 15.51 26.37
C PRO B 97 23.08 16.45 26.30
N GLY B 98 22.07 16.03 25.57
CA GLY B 98 20.87 16.84 25.43
C GLY B 98 19.87 16.15 24.53
N TYR B 99 18.75 16.82 24.32
CA TYR B 99 17.65 16.32 23.52
C TYR B 99 17.51 17.18 22.27
N PHE B 100 17.60 16.56 21.10
CA PHE B 100 17.46 17.26 19.82
C PHE B 100 16.01 17.17 19.40
N ALA B 101 15.27 18.27 19.56
CA ALA B 101 13.85 18.28 19.23
C ALA B 101 13.65 18.12 17.73
N ASP B 102 12.75 17.20 17.37
CA ASP B 102 12.42 16.92 15.96
C ASP B 102 13.67 16.60 15.15
N TYR B 103 14.53 15.76 15.73
CA TYR B 103 15.78 15.41 15.06
C TYR B 103 15.54 14.63 13.78
N GLU B 104 14.67 13.63 13.82
CA GLU B 104 14.35 12.86 12.62
C GLU B 104 13.67 13.75 11.58
N GLU B 105 12.79 14.64 12.03
CA GLU B 105 12.18 15.60 11.12
C GLU B 105 13.23 16.48 10.46
N LEU B 106 14.21 16.94 11.24
CA LEU B 106 15.27 17.77 10.68
C LEU B 106 16.11 16.99 9.68
N ARG B 107 16.38 15.72 9.96
CA ARG B 107 17.10 14.88 9.00
C ARG B 107 16.32 14.76 7.70
N GLU B 108 14.99 14.58 7.80
CA GLU B 108 14.17 14.50 6.60
C GLU B 108 14.22 15.81 5.81
N GLN B 109 14.15 16.94 6.49
CA GLN B 109 14.26 18.23 5.79
C GLN B 109 15.62 18.38 5.13
N LEU B 110 16.70 18.00 5.82
CA LEU B 110 18.04 18.21 5.31
C LEU B 110 18.39 17.27 4.18
N SER B 111 17.76 16.09 4.13
CA SER B 111 18.06 15.16 3.04
C SER B 111 17.72 15.74 1.69
N SER B 112 16.56 16.38 1.57
CA SER B 112 16.10 16.97 0.31
C SER B 112 16.59 18.42 0.19
N VAL B 113 17.91 18.57 0.18
CA VAL B 113 18.56 19.87 0.05
C VAL B 113 19.59 19.78 -1.06
N SER B 114 19.43 20.62 -2.10
CA SER B 114 20.37 20.62 -3.21
C SER B 114 21.70 21.24 -2.79
N SER B 115 21.66 22.37 -2.09
CA SER B 115 22.88 23.04 -1.67
C SER B 115 22.56 23.89 -0.44
N PHE B 116 23.61 24.33 0.25
CA PHE B 116 23.40 25.23 1.37
C PHE B 116 24.63 26.12 1.54
N GLU B 117 24.40 27.27 2.16
CA GLU B 117 25.45 28.23 2.48
C GLU B 117 25.50 28.42 3.98
N ARG B 118 26.67 28.17 4.56
CA ARG B 118 26.88 28.37 5.99
C ARG B 118 27.36 29.80 6.22
N PHE B 119 26.58 30.58 6.96
CA PHE B 119 26.91 31.98 7.20
C PHE B 119 26.78 32.30 8.69
N GLU B 120 27.54 33.30 9.12
CA GLU B 120 27.51 33.73 10.52
C GLU B 120 26.25 34.55 10.74
N ILE B 121 25.21 33.92 11.28
CA ILE B 121 23.96 34.62 11.53
C ILE B 121 24.15 35.71 12.59
N PHE B 122 24.92 35.42 13.62
CA PHE B 122 25.25 36.40 14.65
C PHE B 122 26.77 36.40 14.84
N PRO B 123 27.46 37.46 14.46
CA PRO B 123 28.92 37.50 14.68
C PRO B 123 29.27 37.37 16.15
N LYS B 124 30.37 36.66 16.43
CA LYS B 124 30.69 36.29 17.80
C LYS B 124 31.01 37.51 18.65
N GLU B 125 31.66 38.52 18.06
CA GLU B 125 32.10 39.69 18.82
C GLU B 125 31.00 40.75 18.95
N SER B 126 30.40 41.14 17.83
CA SER B 126 29.50 42.29 17.84
C SER B 126 28.13 41.97 18.43
N SER B 127 27.63 40.74 18.25
CA SER B 127 26.26 40.43 18.64
C SER B 127 26.06 40.52 20.15
N TRP B 128 27.02 40.03 20.93
CA TRP B 128 26.91 40.00 22.39
C TRP B 128 28.12 40.71 22.99
N PRO B 129 28.08 42.04 23.08
CA PRO B 129 29.18 42.76 23.73
C PRO B 129 29.28 42.51 25.23
N ASN B 130 28.18 42.63 25.97
CA ASN B 130 28.31 42.49 27.42
C ASN B 130 28.45 41.04 27.80
N HIS B 131 27.78 40.14 27.08
CA HIS B 131 27.79 38.72 27.40
C HIS B 131 29.13 38.12 27.01
N THR B 132 29.70 37.32 27.90
CA THR B 132 30.97 36.67 27.62
C THR B 132 30.76 35.50 26.67
N VAL B 133 31.52 35.49 25.57
CA VAL B 133 31.37 34.47 24.54
C VAL B 133 32.42 33.37 24.66
N THR B 134 33.28 33.43 25.68
CA THR B 134 34.34 32.44 25.87
C THR B 134 33.79 31.33 26.76
N GLY B 135 33.21 30.30 26.14
CA GLY B 135 32.69 29.17 26.86
C GLY B 135 32.95 27.85 26.18
N VAL B 136 33.63 26.94 26.87
CA VAL B 136 33.96 25.63 26.32
C VAL B 136 33.65 24.58 27.38
N SER B 137 33.78 23.32 26.98
CA SER B 137 33.56 22.19 27.86
C SER B 137 34.50 21.06 27.48
N ALA B 138 34.77 20.18 28.44
CA ALA B 138 35.57 18.99 28.20
C ALA B 138 34.78 17.86 27.56
N SER B 139 33.44 17.93 27.57
CA SER B 139 32.63 16.94 26.87
C SER B 139 32.87 17.02 25.37
N CYS B 140 33.04 18.22 24.84
CA CYS B 140 33.36 18.44 23.43
C CYS B 140 34.84 18.81 23.36
N SER B 141 35.69 17.80 23.29
CA SER B 141 37.14 17.98 23.34
C SER B 141 37.73 17.76 21.95
N HIS B 142 38.58 18.70 21.52
CA HIS B 142 39.27 18.61 20.25
C HIS B 142 40.76 18.87 20.48
N ASN B 143 41.60 17.96 20.01
CA ASN B 143 43.06 18.08 20.11
C ASN B 143 43.49 18.33 21.56
N GLY B 144 42.86 17.61 22.48
CA GLY B 144 43.18 17.75 23.90
C GLY B 144 42.50 18.91 24.61
N LYS B 145 42.58 20.11 24.05
CA LYS B 145 41.95 21.27 24.67
C LYS B 145 40.43 21.14 24.63
N SER B 146 39.78 21.56 25.72
CA SER B 146 38.33 21.59 25.76
C SER B 146 37.78 22.58 24.74
N SER B 147 36.58 22.29 24.24
CA SER B 147 36.04 23.08 23.14
C SER B 147 34.53 23.06 23.20
N PHE B 148 33.89 23.57 22.14
CA PHE B 148 32.45 23.72 22.08
C PHE B 148 32.02 23.69 20.62
N TYR B 149 30.70 23.73 20.40
CA TYR B 149 30.16 23.68 19.05
C TYR B 149 30.62 24.88 18.22
N ARG B 150 30.87 24.63 16.93
CA ARG B 150 31.32 25.71 16.05
C ARG B 150 30.17 26.65 15.69
N ASN B 151 28.99 26.11 15.42
CA ASN B 151 27.85 26.91 14.98
C ASN B 151 26.98 27.37 16.15
N LEU B 152 27.30 27.01 17.38
CA LEU B 152 26.60 27.49 18.56
C LEU B 152 27.57 28.26 19.45
N LEU B 153 27.02 29.02 20.39
CA LEU B 153 27.84 29.82 21.29
C LEU B 153 27.25 29.79 22.69
N TRP B 154 28.12 29.63 23.69
CA TRP B 154 27.71 29.46 25.08
C TRP B 154 27.76 30.82 25.77
N LEU B 155 26.58 31.42 25.98
CA LEU B 155 26.50 32.73 26.58
C LEU B 155 26.58 32.63 28.10
N THR B 156 27.44 33.43 28.71
CA THR B 156 27.60 33.47 30.16
C THR B 156 27.76 34.91 30.60
N GLY B 157 27.48 35.15 31.88
CA GLY B 157 27.50 36.51 32.41
C GLY B 157 28.92 37.06 32.49
N LYS B 158 29.00 38.39 32.45
CA LYS B 158 30.26 39.12 32.54
C LYS B 158 30.19 40.09 33.71
N ASN B 159 31.24 40.07 34.54
CA ASN B 159 31.35 40.96 35.69
C ASN B 159 30.15 40.81 36.62
N GLY B 160 29.68 39.57 36.77
CA GLY B 160 28.55 39.29 37.64
C GLY B 160 27.24 39.89 37.21
N LEU B 161 26.95 39.88 35.90
CA LEU B 161 25.70 40.43 35.40
C LEU B 161 25.38 39.79 34.05
N TYR B 162 24.11 39.47 33.84
CA TYR B 162 23.62 38.89 32.59
C TYR B 162 22.49 39.77 32.09
N PRO B 163 22.80 40.82 31.33
CA PRO B 163 21.74 41.69 30.80
C PRO B 163 20.82 40.92 29.86
N ASN B 164 19.57 41.38 29.79
CA ASN B 164 18.59 40.71 28.95
C ASN B 164 18.97 40.84 27.48
N LEU B 165 18.99 39.71 26.78
CA LEU B 165 19.33 39.66 25.36
C LEU B 165 18.05 39.70 24.54
N SER B 166 18.04 40.56 23.52
CA SER B 166 16.89 40.79 22.63
C SER B 166 17.34 40.81 21.18
N LYS B 167 18.10 39.79 20.77
CA LYS B 167 18.67 39.77 19.44
C LYS B 167 17.62 39.36 18.40
N SER B 168 17.86 39.76 17.16
CA SER B 168 16.94 39.44 16.07
C SER B 168 17.70 39.38 14.75
N TYR B 169 17.18 38.57 13.84
CA TYR B 169 17.77 38.42 12.50
C TYR B 169 16.67 38.34 11.46
N ALA B 170 16.94 38.92 10.29
CA ALA B 170 15.99 38.95 9.18
C ALA B 170 16.56 38.18 7.99
N ASN B 171 15.69 37.44 7.30
CA ASN B 171 16.10 36.59 6.18
C ASN B 171 16.16 37.44 4.92
N ASN B 172 17.37 37.77 4.48
CA ASN B 172 17.60 38.51 3.25
C ASN B 172 18.24 37.66 2.16
N LYS B 173 18.34 36.36 2.37
CA LYS B 173 18.99 35.45 1.43
C LYS B 173 18.06 34.94 0.34
N GLU B 174 16.78 35.31 0.38
CA GLU B 174 15.74 34.82 -0.54
C GLU B 174 15.63 33.29 -0.52
N LYS B 175 16.08 32.66 0.57
CA LYS B 175 15.98 31.23 0.75
C LYS B 175 15.68 30.94 2.21
N GLU B 176 15.14 29.73 2.45
CA GLU B 176 14.88 29.31 3.82
C GLU B 176 16.19 29.22 4.59
N VAL B 177 16.15 29.56 5.87
CA VAL B 177 17.34 29.60 6.70
C VAL B 177 17.13 28.70 7.91
N LEU B 178 17.92 27.64 8.00
CA LEU B 178 17.96 26.80 9.18
C LEU B 178 18.72 27.54 10.28
N VAL B 179 18.03 27.76 11.40
CA VAL B 179 18.59 28.40 12.59
C VAL B 179 18.56 27.37 13.72
N LEU B 180 19.70 27.18 14.37
CA LEU B 180 19.86 26.21 15.44
C LEU B 180 20.26 26.94 16.72
N TRP B 181 19.60 26.62 17.82
CA TRP B 181 19.96 27.19 19.12
C TRP B 181 19.79 26.13 20.19
N GLY B 182 20.11 26.49 21.42
CA GLY B 182 20.00 25.54 22.53
C GLY B 182 19.63 26.25 23.81
N VAL B 183 19.12 25.46 24.75
CA VAL B 183 18.76 25.91 26.09
C VAL B 183 19.51 25.05 27.09
N HIS B 184 20.27 25.69 27.98
CA HIS B 184 21.11 24.98 28.94
C HIS B 184 20.33 24.74 30.23
N HIS B 185 20.29 23.49 30.67
CA HIS B 185 19.66 23.12 31.93
C HIS B 185 20.75 22.68 32.90
N PRO B 186 21.08 23.49 33.90
CA PRO B 186 22.20 23.18 34.80
C PRO B 186 21.84 22.07 35.77
N PRO B 187 22.82 21.40 36.37
CA PRO B 187 22.53 20.34 37.34
C PRO B 187 22.12 20.87 38.71
N ASN B 188 22.70 22.00 39.12
CA ASN B 188 22.42 22.57 40.44
C ASN B 188 22.22 24.07 40.32
N ILE B 189 21.52 24.63 41.31
CA ILE B 189 21.22 26.06 41.31
C ILE B 189 22.49 26.89 41.45
N GLY B 190 23.55 26.33 42.03
CA GLY B 190 24.79 27.06 42.14
C GLY B 190 25.38 27.44 40.80
N ASP B 191 25.39 26.49 39.86
CA ASP B 191 25.88 26.80 38.52
C ASP B 191 24.98 27.82 37.83
N GLN B 192 23.67 27.72 38.05
CA GLN B 192 22.74 28.67 37.45
C GLN B 192 23.00 30.09 37.95
N ARG B 193 23.23 30.25 39.24
CA ARG B 193 23.47 31.58 39.80
C ARG B 193 24.90 32.05 39.62
N ALA B 194 25.84 31.16 39.29
CA ALA B 194 27.22 31.57 39.05
C ALA B 194 27.49 31.89 37.59
N LEU B 195 26.82 31.21 36.67
CA LEU B 195 27.03 31.43 35.25
C LEU B 195 26.06 32.45 34.65
N TYR B 196 24.88 32.60 35.25
CA TYR B 196 23.87 33.51 34.73
C TYR B 196 23.42 34.56 35.73
N HIS B 197 23.71 34.38 37.02
CA HIS B 197 23.42 35.35 38.08
C HIS B 197 21.93 35.64 38.23
N THR B 198 21.07 34.86 37.57
CA THR B 198 19.63 34.96 37.73
C THR B 198 19.09 33.57 38.03
N GLU B 199 18.52 33.40 39.23
CA GLU B 199 18.05 32.08 39.64
C GLU B 199 16.90 31.60 38.75
N ASN B 200 15.97 32.49 38.42
CA ASN B 200 14.82 32.16 37.58
C ASN B 200 15.02 32.84 36.22
N ALA B 201 15.48 32.08 35.25
CA ALA B 201 15.73 32.58 33.91
C ALA B 201 14.67 32.05 32.95
N TYR B 202 14.69 32.58 31.73
CA TYR B 202 13.77 32.15 30.69
C TYR B 202 14.38 32.42 29.33
N VAL B 203 13.89 31.71 28.33
CA VAL B 203 14.28 31.90 26.93
C VAL B 203 13.02 31.96 26.09
N SER B 204 13.00 32.84 25.09
CA SER B 204 11.86 32.97 24.20
C SER B 204 12.37 33.13 22.78
N VAL B 205 12.00 32.18 21.91
CA VAL B 205 12.35 32.25 20.50
C VAL B 205 11.05 32.38 19.73
N VAL B 206 10.91 33.49 18.99
CA VAL B 206 9.63 33.80 18.35
C VAL B 206 9.89 34.32 16.94
N SER B 207 9.02 33.90 16.01
CA SER B 207 9.04 34.39 14.63
C SER B 207 7.60 34.57 14.18
N SER B 208 7.40 34.73 12.87
CA SER B 208 6.06 34.85 12.33
C SER B 208 5.33 33.51 12.30
N HIS B 209 6.06 32.39 12.34
CA HIS B 209 5.44 31.08 12.32
C HIS B 209 5.88 30.18 13.46
N TYR B 210 6.80 30.63 14.31
CA TYR B 210 7.29 29.83 15.42
C TYR B 210 7.31 30.68 16.68
N SER B 211 6.96 30.06 17.81
CA SER B 211 6.93 30.76 19.09
C SER B 211 7.05 29.73 20.20
N ARG B 212 8.15 29.77 20.95
CA ARG B 212 8.33 28.83 22.04
C ARG B 212 9.09 29.48 23.18
N LYS B 213 8.64 29.20 24.41
CA LYS B 213 9.26 29.68 25.63
C LYS B 213 9.84 28.49 26.39
N PHE B 214 11.12 28.56 26.72
CA PHE B 214 11.82 27.52 27.46
C PHE B 214 12.17 28.04 28.84
N THR B 215 11.81 27.28 29.87
CA THR B 215 12.19 27.58 31.24
C THR B 215 13.23 26.56 31.69
N PRO B 216 14.41 26.99 32.15
CA PRO B 216 15.43 26.03 32.55
C PRO B 216 14.95 25.13 33.67
N GLU B 217 15.32 23.85 33.59
CA GLU B 217 14.97 22.84 34.57
C GLU B 217 16.24 22.42 35.29
N ILE B 218 16.30 22.65 36.59
CA ILE B 218 17.48 22.38 37.39
C ILE B 218 17.20 21.17 38.26
N ALA B 219 17.93 20.08 38.02
CA ALA B 219 17.78 18.86 38.79
C ALA B 219 19.02 18.00 38.61
N LYS B 220 19.25 17.11 39.58
CA LYS B 220 20.36 16.18 39.49
C LYS B 220 20.04 15.10 38.46
N ARG B 221 20.98 14.87 37.54
CA ARG B 221 20.79 13.94 36.45
C ARG B 221 21.98 12.99 36.35
N PRO B 222 21.77 11.78 35.82
CA PRO B 222 22.88 10.85 35.64
C PRO B 222 23.93 11.41 34.68
N LYS B 223 25.17 11.01 34.91
CA LYS B 223 26.29 11.55 34.16
C LYS B 223 26.34 10.94 32.76
N VAL B 224 26.27 11.79 31.74
CA VAL B 224 26.42 11.38 30.35
C VAL B 224 27.57 12.19 29.75
N ARG B 225 28.54 11.49 29.16
CA ARG B 225 29.77 12.11 28.68
C ARG B 225 30.47 12.87 29.80
N ASP B 226 30.38 12.32 31.02
CA ASP B 226 30.93 12.94 32.23
C ASP B 226 30.35 14.34 32.44
N GLN B 227 29.02 14.40 32.48
CA GLN B 227 28.32 15.67 32.65
C GLN B 227 26.93 15.40 33.18
N GLU B 228 26.52 16.17 34.20
CA GLU B 228 25.17 16.05 34.76
C GLU B 228 24.17 17.01 34.12
N GLY B 229 24.62 18.21 33.75
CA GLY B 229 23.74 19.15 33.10
C GLY B 229 23.45 18.74 31.67
N ARG B 230 22.45 19.41 31.08
CA ARG B 230 22.03 19.08 29.73
C ARG B 230 21.89 20.35 28.91
N ILE B 231 21.77 20.18 27.59
CA ILE B 231 21.51 21.28 26.66
C ILE B 231 20.51 20.77 25.63
N ASN B 232 19.28 21.25 25.69
CA ASN B 232 18.26 20.87 24.72
C ASN B 232 18.42 21.72 23.46
N TYR B 233 18.52 21.05 22.32
CA TYR B 233 18.75 21.71 21.04
C TYR B 233 17.43 21.87 20.29
N TYR B 234 17.24 23.05 19.70
CA TYR B 234 16.04 23.37 18.95
C TYR B 234 16.43 24.02 17.63
N TRP B 235 15.56 23.87 16.64
CA TRP B 235 15.84 24.37 15.30
C TRP B 235 14.57 24.95 14.69
N THR B 236 14.76 25.82 13.71
CA THR B 236 13.64 26.37 12.96
C THR B 236 14.09 26.67 11.54
N LEU B 237 13.11 26.72 10.64
CA LEU B 237 13.33 27.03 9.23
C LEU B 237 12.67 28.38 8.94
N LEU B 238 13.44 29.45 9.11
CA LEU B 238 12.94 30.79 8.82
C LEU B 238 12.66 30.92 7.33
N GLU B 239 11.40 31.23 7.00
CA GLU B 239 11.00 31.43 5.63
C GLU B 239 11.55 32.76 5.10
N PRO B 240 11.69 32.91 3.79
CA PRO B 240 12.15 34.19 3.24
C PRO B 240 11.24 35.33 3.63
N GLY B 241 11.85 36.47 3.94
CA GLY B 241 11.09 37.64 4.38
C GLY B 241 10.58 37.57 5.80
N ASP B 242 11.20 36.75 6.65
CA ASP B 242 10.77 36.58 8.04
C ASP B 242 11.89 36.98 8.99
N THR B 243 11.51 37.29 10.22
CA THR B 243 12.44 37.72 11.26
C THR B 243 12.29 36.82 12.48
N ILE B 244 13.43 36.44 13.06
CA ILE B 244 13.49 35.61 14.26
C ILE B 244 14.03 36.44 15.40
N ILE B 245 13.44 36.27 16.59
CA ILE B 245 13.78 37.04 17.78
C ILE B 245 14.13 36.08 18.89
N PHE B 246 15.32 36.28 19.49
CA PHE B 246 15.79 35.54 20.65
C PHE B 246 15.84 36.50 21.84
N GLU B 247 15.06 36.21 22.87
CA GLU B 247 15.00 37.07 24.05
C GLU B 247 15.14 36.21 25.30
N ALA B 248 16.17 36.50 26.10
CA ALA B 248 16.43 35.66 27.26
C ALA B 248 17.22 36.41 28.32
N ASN B 249 17.10 35.94 29.56
CA ASN B 249 17.90 36.43 30.68
C ASN B 249 18.91 35.40 31.15
N GLY B 250 19.11 34.33 30.38
CA GLY B 250 20.08 33.33 30.75
C GLY B 250 19.74 31.99 30.14
N ASN B 251 20.70 31.07 30.25
CA ASN B 251 20.55 29.69 29.79
C ASN B 251 20.18 29.62 28.31
N LEU B 252 20.74 30.52 27.50
CA LEU B 252 20.52 30.53 26.06
C LEU B 252 21.82 30.20 25.34
N ILE B 253 21.81 29.10 24.59
CA ILE B 253 22.91 28.75 23.70
C ILE B 253 22.60 29.42 22.36
N ALA B 254 23.31 30.49 22.07
CA ALA B 254 22.97 31.32 20.92
C ALA B 254 23.41 30.68 19.61
N PRO B 255 22.66 30.89 18.54
CA PRO B 255 23.16 30.52 17.22
C PRO B 255 24.37 31.36 16.85
N ARG B 256 25.37 30.72 16.25
CA ARG B 256 26.52 31.44 15.70
C ARG B 256 26.62 31.34 14.20
N TYR B 257 26.20 30.21 13.62
CA TYR B 257 26.16 30.02 12.18
C TYR B 257 24.83 29.40 11.80
N ALA B 258 24.13 30.04 10.85
CA ALA B 258 22.91 29.51 10.26
C ALA B 258 23.20 29.03 8.85
N PHE B 259 22.23 28.35 8.25
CA PHE B 259 22.42 27.72 6.96
C PHE B 259 21.30 28.07 6.00
N ALA B 260 21.62 28.77 4.92
CA ALA B 260 20.66 29.04 3.86
C ALA B 260 20.54 27.79 2.99
N LEU B 261 19.34 27.20 2.94
CA LEU B 261 19.12 25.90 2.31
C LEU B 261 18.39 26.10 0.98
N SER B 262 19.08 25.80 -0.12
CA SER B 262 18.43 25.61 -1.41
C SER B 262 18.04 24.14 -1.47
N ARG B 263 16.76 23.86 -1.21
CA ARG B 263 16.29 22.51 -0.96
C ARG B 263 15.98 21.76 -2.25
N GLY B 264 16.25 20.46 -2.23
CA GLY B 264 15.79 19.55 -3.26
C GLY B 264 14.46 18.93 -2.88
N PHE B 265 14.14 17.82 -3.53
CA PHE B 265 12.87 17.14 -3.29
C PHE B 265 13.07 15.64 -3.37
N GLY B 266 12.78 14.94 -2.26
CA GLY B 266 12.64 13.50 -2.27
C GLY B 266 13.89 12.69 -2.00
N SER B 267 14.97 13.30 -1.51
CA SER B 267 16.17 12.55 -1.22
C SER B 267 16.11 11.95 0.18
N GLY B 268 16.98 10.96 0.40
CA GLY B 268 17.04 10.26 1.68
C GLY B 268 18.48 10.12 2.17
N ILE B 269 18.61 9.45 3.31
CA ILE B 269 19.89 9.24 3.98
C ILE B 269 20.15 7.74 4.06
N ILE B 270 21.37 7.34 3.68
CA ILE B 270 21.78 5.94 3.64
C ILE B 270 22.77 5.69 4.77
N THR B 271 22.53 4.63 5.54
CA THR B 271 23.44 4.19 6.59
C THR B 271 24.29 3.07 6.00
N SER B 272 25.37 3.45 5.32
CA SER B 272 26.23 2.51 4.62
C SER B 272 27.69 2.75 5.00
N ASN B 273 28.50 1.70 4.87
CA ASN B 273 29.92 1.76 5.19
C ASN B 273 30.79 1.44 3.99
N ALA B 274 30.23 1.47 2.79
CA ALA B 274 30.98 1.17 1.58
C ALA B 274 31.80 2.38 1.14
N PRO B 275 32.95 2.16 0.49
CA PRO B 275 33.72 3.27 -0.04
C PRO B 275 33.02 3.94 -1.22
N MET B 276 33.32 5.23 -1.41
CA MET B 276 32.71 6.01 -2.47
C MET B 276 33.49 5.87 -3.77
N ASP B 277 32.77 6.01 -4.88
CA ASP B 277 33.37 5.92 -6.20
C ASP B 277 32.61 6.86 -7.14
N GLU B 278 33.28 7.27 -8.21
CA GLU B 278 32.70 8.20 -9.18
C GLU B 278 32.09 7.43 -10.34
N CYS B 279 30.98 6.74 -10.03
CA CYS B 279 30.25 5.98 -11.03
C CYS B 279 29.12 6.77 -11.68
N ASP B 280 28.60 7.80 -11.00
CA ASP B 280 27.43 8.54 -11.46
C ASP B 280 26.25 7.60 -11.70
N ALA B 281 26.11 6.61 -10.82
CA ALA B 281 25.06 5.61 -10.96
C ALA B 281 23.68 6.21 -10.75
N LYS B 282 22.70 5.67 -11.48
CA LYS B 282 21.33 6.16 -11.35
C LYS B 282 20.61 5.60 -10.13
N CYS B 283 21.15 4.56 -9.50
CA CYS B 283 20.54 3.94 -8.33
C CYS B 283 21.56 3.81 -7.22
N GLN B 284 21.07 3.73 -5.98
CA GLN B 284 21.95 3.56 -4.84
C GLN B 284 21.25 2.75 -3.75
N THR B 285 22.01 1.85 -3.14
CA THR B 285 21.56 1.02 -2.03
C THR B 285 22.67 1.02 -0.98
N PRO B 286 22.34 0.67 0.26
CA PRO B 286 23.39 0.60 1.29
C PRO B 286 24.56 -0.30 0.91
N GLN B 287 24.30 -1.45 0.28
CA GLN B 287 25.37 -2.34 -0.12
C GLN B 287 26.13 -1.81 -1.33
N GLY B 288 25.41 -1.29 -2.34
CA GLY B 288 26.05 -0.81 -3.54
C GLY B 288 25.10 -0.12 -4.50
N ALA B 289 25.32 -0.32 -5.80
CA ALA B 289 24.50 0.29 -6.84
C ALA B 289 23.89 -0.78 -7.73
N ILE B 290 22.74 -0.44 -8.32
CA ILE B 290 21.96 -1.38 -9.12
C ILE B 290 21.76 -0.78 -10.51
N ASN B 291 21.80 -1.65 -11.52
CA ASN B 291 21.46 -1.25 -12.88
C ASN B 291 19.94 -1.19 -13.03
N SER B 292 19.44 -0.08 -13.54
CA SER B 292 17.99 0.14 -13.62
C SER B 292 17.37 -0.45 -14.88
N SER B 293 18.16 -1.08 -15.74
CA SER B 293 17.61 -1.65 -16.98
C SER B 293 16.57 -2.72 -16.68
N LEU B 294 16.84 -3.60 -15.73
CA LEU B 294 15.91 -4.66 -15.40
C LEU B 294 14.79 -4.12 -14.50
N PRO B 295 13.58 -4.68 -14.60
CA PRO B 295 12.45 -4.13 -13.83
C PRO B 295 12.41 -4.55 -12.37
N PHE B 296 13.08 -5.65 -11.99
CA PHE B 296 13.05 -6.12 -10.62
C PHE B 296 14.47 -6.32 -10.10
N GLN B 297 14.63 -6.12 -8.79
CA GLN B 297 15.91 -6.30 -8.13
C GLN B 297 15.68 -6.91 -6.75
N ASN B 298 16.71 -7.58 -6.24
CA ASN B 298 16.65 -8.20 -4.93
C ASN B 298 17.94 -7.93 -4.15
N VAL B 299 18.42 -6.70 -4.22
CA VAL B 299 19.67 -6.33 -3.58
C VAL B 299 19.41 -5.84 -2.16
N HIS B 300 18.65 -4.75 -2.03
CA HIS B 300 18.38 -4.17 -0.73
C HIS B 300 17.00 -3.54 -0.74
N PRO B 301 16.23 -3.69 0.34
CA PRO B 301 14.88 -3.10 0.35
C PRO B 301 14.87 -1.59 0.21
N VAL B 302 15.63 -0.88 1.04
CA VAL B 302 15.68 0.59 0.96
C VAL B 302 16.59 0.99 -0.19
N THR B 303 16.06 1.80 -1.11
CA THR B 303 16.77 2.22 -2.30
C THR B 303 16.54 3.71 -2.52
N ILE B 304 17.53 4.38 -3.11
CA ILE B 304 17.41 5.80 -3.44
C ILE B 304 17.87 6.02 -4.87
N GLY B 305 17.04 6.69 -5.66
CA GLY B 305 17.40 7.01 -7.03
C GLY B 305 16.59 6.24 -8.05
N GLU B 306 17.21 5.93 -9.20
CA GLU B 306 16.55 5.16 -10.25
C GLU B 306 16.75 3.67 -9.99
N CYS B 307 16.06 3.18 -8.95
CA CYS B 307 16.19 1.80 -8.53
C CYS B 307 14.94 1.01 -8.88
N PRO B 308 15.09 -0.17 -9.48
CA PRO B 308 13.93 -0.96 -9.86
C PRO B 308 13.16 -1.46 -8.64
N LYS B 309 11.96 -1.95 -8.89
CA LYS B 309 11.12 -2.47 -7.82
C LYS B 309 11.79 -3.64 -7.12
N TYR B 310 11.79 -3.62 -5.79
CA TYR B 310 12.42 -4.68 -5.02
C TYR B 310 11.45 -5.84 -4.86
N VAL B 311 11.95 -7.06 -5.07
CA VAL B 311 11.14 -8.27 -4.95
C VAL B 311 11.85 -9.26 -4.06
N ARG B 312 11.07 -10.18 -3.48
N ARG B 312 11.07 -10.17 -3.48
CA ARG B 312 11.58 -11.20 -2.58
CA ARG B 312 11.56 -11.20 -2.58
C ARG B 312 11.75 -12.54 -3.28
C ARG B 312 11.71 -12.55 -3.29
N SER B 313 12.09 -12.52 -4.57
CA SER B 313 12.26 -13.74 -5.36
C SER B 313 13.71 -13.88 -5.79
N ALA B 314 14.15 -15.12 -5.95
CA ALA B 314 15.54 -15.41 -6.30
C ALA B 314 15.74 -15.67 -7.79
N LYS B 315 14.67 -15.87 -8.55
CA LYS B 315 14.81 -16.19 -9.98
C LYS B 315 13.56 -15.75 -10.72
N LEU B 316 13.75 -14.87 -11.72
CA LEU B 316 12.66 -14.46 -12.62
C LEU B 316 13.22 -14.48 -14.04
N ARG B 317 13.11 -15.63 -14.70
CA ARG B 317 13.63 -15.83 -16.05
C ARG B 317 12.46 -16.02 -17.00
N MET B 318 12.47 -15.27 -18.11
CA MET B 318 11.40 -15.31 -19.08
C MET B 318 11.88 -15.98 -20.37
N VAL B 319 11.03 -16.84 -20.93
CA VAL B 319 11.40 -17.57 -22.14
C VAL B 319 11.31 -16.64 -23.34
N THR B 320 12.39 -16.57 -24.11
CA THR B 320 12.41 -15.83 -25.38
C THR B 320 12.70 -16.76 -26.55
N GLY B 321 12.61 -18.07 -26.37
CA GLY B 321 12.84 -19.02 -27.43
C GLY B 321 12.02 -20.29 -27.25
N LEU B 322 12.47 -21.38 -27.85
CA LEU B 322 11.77 -22.65 -27.78
C LEU B 322 12.38 -23.53 -26.69
N ARG B 323 11.76 -24.68 -26.46
CA ARG B 323 12.27 -25.65 -25.51
C ARG B 323 13.40 -26.43 -26.15
N ASN B 324 14.59 -26.38 -25.53
CA ASN B 324 15.76 -27.02 -26.10
C ASN B 324 15.66 -28.54 -25.92
N ILE B 325 15.61 -29.25 -27.05
CA ILE B 325 15.49 -30.70 -27.08
C ILE B 325 14.25 -31.16 -26.30
N GLY B 332 2.56 -29.94 -25.63
CA GLY B 332 1.24 -29.98 -25.05
C GLY B 332 0.16 -29.44 -25.97
N LEU B 333 -0.08 -28.13 -25.89
CA LEU B 333 -1.07 -27.50 -26.74
C LEU B 333 -0.60 -27.49 -28.19
N PHE B 334 -1.53 -27.71 -29.11
CA PHE B 334 -1.31 -27.74 -30.55
C PHE B 334 -0.53 -28.99 -30.99
N GLY B 335 -0.03 -29.75 -30.01
CA GLY B 335 0.57 -31.05 -30.28
C GLY B 335 1.71 -31.05 -31.27
N ALA B 336 2.42 -29.93 -31.40
CA ALA B 336 3.50 -29.85 -32.40
C ALA B 336 4.84 -30.26 -31.80
N ILE B 337 5.31 -29.54 -30.78
CA ILE B 337 6.54 -29.89 -30.10
C ILE B 337 6.24 -31.02 -29.12
N ALA B 338 7.10 -32.04 -29.13
CA ALA B 338 6.89 -33.29 -28.41
C ALA B 338 5.64 -34.03 -28.90
N GLY B 339 5.20 -33.72 -30.12
CA GLY B 339 4.08 -34.40 -30.74
C GLY B 339 4.54 -35.22 -31.92
N PHE B 340 4.18 -34.82 -33.14
CA PHE B 340 4.73 -35.47 -34.31
C PHE B 340 6.20 -35.13 -34.50
N ILE B 341 6.61 -33.91 -34.16
CA ILE B 341 8.01 -33.51 -34.17
C ILE B 341 8.51 -33.59 -32.73
N GLU B 342 9.43 -34.50 -32.46
CA GLU B 342 9.96 -34.71 -31.12
C GLU B 342 11.47 -34.52 -31.04
N GLY B 343 12.08 -33.93 -32.06
CA GLY B 343 13.52 -33.74 -32.08
C GLY B 343 13.89 -32.32 -32.44
N GLY B 344 14.87 -31.78 -31.73
CA GLY B 344 15.37 -30.45 -32.02
C GLY B 344 16.59 -30.51 -32.94
N TRP B 345 16.60 -29.62 -33.92
CA TRP B 345 17.67 -29.59 -34.92
C TRP B 345 18.80 -28.72 -34.39
N THR B 346 19.83 -29.37 -33.85
CA THR B 346 21.00 -28.62 -33.36
C THR B 346 21.75 -27.97 -34.50
N GLY B 347 21.81 -28.63 -35.66
CA GLY B 347 22.50 -28.06 -36.80
C GLY B 347 21.81 -26.81 -37.34
N MET B 348 20.48 -26.78 -37.30
CA MET B 348 19.72 -25.65 -37.83
C MET B 348 19.78 -24.49 -36.83
N VAL B 349 20.90 -23.77 -36.89
CA VAL B 349 21.09 -22.57 -36.07
C VAL B 349 20.72 -21.30 -36.81
N ASP B 350 20.21 -21.41 -38.03
CA ASP B 350 19.85 -20.21 -38.80
C ASP B 350 18.62 -19.52 -38.22
N GLY B 351 17.65 -20.30 -37.75
CA GLY B 351 16.43 -19.73 -37.23
C GLY B 351 15.74 -20.69 -36.29
N TRP B 352 14.50 -20.35 -35.95
CA TRP B 352 13.72 -21.15 -34.99
C TRP B 352 12.98 -22.31 -35.65
N TYR B 353 12.48 -22.14 -36.87
CA TYR B 353 11.74 -23.17 -37.56
C TYR B 353 12.25 -23.31 -38.99
N GLY B 354 12.21 -24.52 -39.51
CA GLY B 354 12.73 -24.73 -40.85
C GLY B 354 12.44 -26.12 -41.37
N TYR B 355 13.11 -26.45 -42.48
CA TYR B 355 12.93 -27.70 -43.19
C TYR B 355 14.28 -28.32 -43.54
N HIS B 356 14.21 -29.60 -43.92
CA HIS B 356 15.37 -30.39 -44.34
C HIS B 356 15.31 -30.62 -45.85
N HIS B 357 16.46 -30.44 -46.50
CA HIS B 357 16.57 -30.61 -47.95
C HIS B 357 16.71 -32.08 -48.32
N GLN B 358 16.52 -32.38 -49.60
CA GLN B 358 16.64 -33.75 -50.10
C GLN B 358 16.87 -33.72 -51.62
N ASN B 359 16.80 -34.90 -52.23
CA ASN B 359 16.96 -35.12 -53.69
C ASN B 359 18.37 -34.71 -54.08
N GLU B 360 18.55 -33.85 -55.09
CA GLU B 360 19.90 -33.48 -55.53
C GLU B 360 20.69 -32.85 -54.40
N GLN B 361 20.05 -31.96 -53.65
CA GLN B 361 20.66 -31.46 -52.41
C GLN B 361 20.87 -32.61 -51.45
N GLY B 362 22.13 -32.90 -51.14
CA GLY B 362 22.43 -34.03 -50.26
C GLY B 362 21.75 -33.92 -48.91
N SER B 363 21.74 -32.72 -48.34
CA SER B 363 21.03 -32.43 -47.11
C SER B 363 20.85 -30.92 -47.02
N GLY B 364 20.36 -30.45 -45.88
CA GLY B 364 20.19 -29.02 -45.69
C GLY B 364 19.22 -28.70 -44.58
N TYR B 365 19.49 -27.61 -43.87
CA TYR B 365 18.79 -27.25 -42.63
C TYR B 365 18.21 -25.86 -42.74
N ALA B 366 17.45 -25.60 -43.82
CA ALA B 366 16.97 -24.25 -44.08
C ALA B 366 16.02 -23.81 -42.97
N ALA B 367 16.04 -22.51 -42.69
CA ALA B 367 15.19 -21.93 -41.65
C ALA B 367 14.22 -20.96 -42.31
N ASP B 368 12.92 -21.19 -42.10
CA ASP B 368 11.89 -20.32 -42.65
C ASP B 368 11.91 -19.00 -41.90
N GLN B 369 12.36 -17.93 -42.57
CA GLN B 369 12.55 -16.65 -41.92
C GLN B 369 11.23 -15.92 -41.66
N LYS B 370 10.17 -16.25 -42.38
CA LYS B 370 8.89 -15.54 -42.19
C LYS B 370 8.37 -15.75 -40.76
N SER B 371 8.07 -17.00 -40.42
CA SER B 371 7.55 -17.31 -39.09
C SER B 371 8.57 -16.98 -38.00
N THR B 372 9.85 -17.21 -38.27
CA THR B 372 10.88 -16.92 -37.28
C THR B 372 10.93 -15.43 -36.94
N GLN B 373 10.95 -14.58 -37.97
CA GLN B 373 10.98 -13.14 -37.73
C GLN B 373 9.69 -12.65 -37.07
N ASN B 374 8.53 -13.20 -37.48
CA ASN B 374 7.29 -12.81 -36.83
C ASN B 374 7.30 -13.18 -35.35
N ALA B 375 7.77 -14.39 -35.02
CA ALA B 375 7.84 -14.81 -33.63
C ALA B 375 8.85 -13.97 -32.84
N ILE B 376 9.98 -13.63 -33.45
CA ILE B 376 10.96 -12.79 -32.78
C ILE B 376 10.37 -11.42 -32.48
N ASN B 377 9.66 -10.84 -33.44
CA ASN B 377 9.01 -9.55 -33.20
C ASN B 377 8.00 -9.65 -32.07
N GLY B 378 7.19 -10.71 -32.06
CA GLY B 378 6.18 -10.83 -31.03
C GLY B 378 6.77 -11.02 -29.64
N ILE B 379 7.76 -11.90 -29.52
CA ILE B 379 8.37 -12.16 -28.21
C ILE B 379 9.17 -10.95 -27.73
N THR B 380 9.86 -10.26 -28.65
CA THR B 380 10.55 -9.04 -28.28
C THR B 380 9.58 -7.99 -27.77
N ASN B 381 8.43 -7.85 -28.44
CA ASN B 381 7.42 -6.91 -27.96
C ASN B 381 6.90 -7.32 -26.58
N LYS B 382 6.71 -8.62 -26.36
CA LYS B 382 6.25 -9.08 -25.04
C LYS B 382 7.24 -8.73 -23.95
N VAL B 383 8.51 -9.11 -24.13
CA VAL B 383 9.51 -8.88 -23.10
C VAL B 383 9.74 -7.38 -22.90
N ASN B 384 9.82 -6.62 -23.99
CA ASN B 384 10.01 -5.18 -23.88
C ASN B 384 8.81 -4.51 -23.24
N SER B 385 7.59 -5.00 -23.47
CA SER B 385 6.44 -4.47 -22.76
C SER B 385 6.53 -4.75 -21.27
N VAL B 386 6.94 -5.96 -20.90
CA VAL B 386 7.07 -6.29 -19.49
C VAL B 386 8.08 -5.38 -18.81
N ILE B 387 9.22 -5.15 -19.46
CA ILE B 387 10.26 -4.32 -18.86
C ILE B 387 9.88 -2.84 -18.89
N GLU B 388 9.38 -2.37 -20.02
CA GLU B 388 9.14 -0.94 -20.25
C GLU B 388 7.93 -0.45 -19.46
N LYS B 389 6.89 -1.27 -19.34
CA LYS B 389 5.69 -0.86 -18.61
C LYS B 389 6.04 -0.49 -17.17
N MET B 390 7.04 -1.15 -16.60
CA MET B 390 7.57 -0.75 -15.30
C MET B 390 8.22 0.62 -15.41
N ASN B 391 7.81 1.54 -14.55
CA ASN B 391 8.45 2.83 -14.43
C ASN B 391 9.17 2.91 -13.09
N THR B 392 10.32 3.57 -13.08
CA THR B 392 11.15 3.64 -11.88
C THR B 392 10.81 4.85 -11.03
N GLN B 393 10.67 6.02 -11.66
CA GLN B 393 10.45 7.29 -10.98
C GLN B 393 11.57 7.48 -9.95
N PHE B 394 11.26 7.81 -8.70
CA PHE B 394 12.27 8.01 -7.67
C PHE B 394 11.83 7.31 -6.40
N THR B 395 12.80 6.71 -5.71
CA THR B 395 12.52 5.90 -4.52
C THR B 395 12.97 6.67 -3.29
N ALA B 396 12.04 6.87 -2.36
CA ALA B 396 12.32 7.44 -1.05
C ALA B 396 12.07 6.42 0.06
N VAL B 397 12.45 5.17 -0.21
CA VAL B 397 12.19 4.08 0.72
C VAL B 397 12.97 4.30 2.01
N GLY B 398 12.33 4.00 3.14
CA GLY B 398 13.00 4.09 4.42
C GLY B 398 12.61 5.33 5.21
N LYS B 399 12.45 5.15 6.52
CA LYS B 399 12.12 6.23 7.43
C LYS B 399 12.88 5.97 8.73
N GLU B 400 13.03 7.03 9.54
CA GLU B 400 13.58 6.89 10.88
C GLU B 400 12.55 7.40 11.88
N PHE B 401 12.34 6.64 12.95
CA PHE B 401 11.34 6.95 13.95
C PHE B 401 11.97 6.80 15.33
N ASN B 402 11.62 7.70 16.25
CA ASN B 402 12.17 7.65 17.58
C ASN B 402 11.45 6.57 18.40
N LYS B 403 11.85 6.44 19.68
CA LYS B 403 11.28 5.41 20.53
C LYS B 403 9.79 5.60 20.74
N LEU B 404 9.31 6.84 20.68
CA LEU B 404 7.90 7.14 20.92
C LEU B 404 7.06 7.11 19.65
N GLU B 405 7.65 6.78 18.50
CA GLU B 405 6.91 6.64 17.25
C GLU B 405 6.89 5.19 16.76
N ARG B 406 6.85 4.23 17.70
CA ARG B 406 6.83 2.82 17.33
C ARG B 406 5.61 2.51 16.48
N ARG B 407 4.45 3.08 16.82
CA ARG B 407 3.26 2.90 16.00
C ARG B 407 3.49 3.34 14.57
N MET B 408 4.30 4.39 14.38
CA MET B 408 4.70 4.78 13.03
C MET B 408 5.60 3.73 12.40
N GLU B 409 6.60 3.27 13.17
CA GLU B 409 7.60 2.35 12.62
C GLU B 409 6.94 1.08 12.10
N ASN B 410 5.92 0.59 12.80
CA ASN B 410 5.19 -0.58 12.32
C ASN B 410 4.40 -0.25 11.06
N LEU B 411 3.74 0.92 11.04
CA LEU B 411 2.90 1.25 9.89
C LEU B 411 3.72 1.33 8.61
N ASN B 412 4.86 2.01 8.66
CA ASN B 412 5.78 1.98 7.52
C ASN B 412 6.18 0.55 7.20
N LYS B 413 6.49 -0.24 8.24
CA LYS B 413 6.80 -1.64 8.01
C LYS B 413 5.63 -2.37 7.37
N LYS B 414 4.40 -1.99 7.73
CA LYS B 414 3.23 -2.56 7.07
C LYS B 414 3.19 -2.18 5.60
N VAL B 415 3.58 -0.95 5.28
CA VAL B 415 3.49 -0.47 3.90
C VAL B 415 4.47 -1.23 3.01
N ASP B 416 5.77 -1.10 3.29
CA ASP B 416 6.79 -1.70 2.43
C ASP B 416 6.53 -3.19 2.24
N ASP B 417 6.47 -3.92 3.36
CA ASP B 417 6.19 -5.36 3.30
C ASP B 417 4.96 -5.64 2.46
N GLY B 418 3.88 -4.87 2.69
CA GLY B 418 2.68 -5.07 1.90
C GLY B 418 2.95 -4.97 0.41
N PHE B 419 3.63 -3.89 -0.01
CA PHE B 419 3.99 -3.76 -1.41
C PHE B 419 4.89 -4.91 -1.84
N LEU B 420 5.84 -5.28 -0.97
CA LEU B 420 6.72 -6.40 -1.27
C LEU B 420 5.94 -7.69 -1.44
N ASP B 421 4.82 -7.83 -0.73
CA ASP B 421 4.02 -9.04 -0.88
C ASP B 421 3.28 -9.05 -2.22
N ILE B 422 3.02 -7.88 -2.79
CA ILE B 422 2.32 -7.82 -4.07
C ILE B 422 3.29 -8.05 -5.21
N TRP B 423 4.31 -7.20 -5.31
CA TRP B 423 5.22 -7.25 -6.46
C TRP B 423 5.91 -8.61 -6.56
N THR B 424 6.31 -9.18 -5.43
CA THR B 424 6.93 -10.50 -5.45
C THR B 424 5.97 -11.55 -5.99
N TYR B 425 4.70 -11.47 -5.61
CA TYR B 425 3.73 -12.48 -6.04
C TYR B 425 3.41 -12.32 -7.52
N ASN B 426 2.81 -11.18 -7.88
CA ASN B 426 2.34 -10.96 -9.25
C ASN B 426 3.44 -11.25 -10.27
N ALA B 427 4.63 -10.68 -10.06
CA ALA B 427 5.73 -10.87 -10.99
C ALA B 427 5.98 -12.34 -11.25
N GLU B 428 6.07 -13.15 -10.19
CA GLU B 428 6.28 -14.58 -10.39
C GLU B 428 5.18 -15.17 -11.25
N LEU B 429 3.92 -14.85 -10.92
CA LEU B 429 2.81 -15.26 -11.75
C LEU B 429 3.04 -14.80 -13.19
N LEU B 430 3.36 -13.52 -13.36
CA LEU B 430 3.60 -12.98 -14.69
C LEU B 430 4.72 -13.76 -15.38
N VAL B 431 5.76 -14.13 -14.64
CA VAL B 431 6.84 -14.89 -15.24
C VAL B 431 6.36 -16.28 -15.62
N LEU B 432 5.59 -16.93 -14.75
CA LEU B 432 5.11 -18.27 -15.06
C LEU B 432 4.06 -18.24 -16.16
N LEU B 433 2.96 -17.51 -15.90
CA LEU B 433 1.81 -17.51 -16.80
C LEU B 433 2.22 -17.23 -18.24
N GLU B 434 3.12 -16.28 -18.44
CA GLU B 434 3.51 -15.92 -19.81
C GLU B 434 4.46 -16.95 -20.40
N ASN B 435 5.40 -17.47 -19.60
CA ASN B 435 6.38 -18.42 -20.14
C ASN B 435 5.67 -19.60 -20.79
N GLU B 436 4.71 -20.20 -20.08
CA GLU B 436 3.90 -21.26 -20.67
C GLU B 436 3.32 -20.82 -22.00
N ARG B 437 2.64 -19.66 -22.00
CA ARG B 437 2.06 -19.16 -23.25
C ARG B 437 3.14 -19.00 -24.31
N THR B 438 4.31 -18.47 -23.91
CA THR B 438 5.40 -18.33 -24.87
C THR B 438 5.71 -19.66 -25.54
N LEU B 439 5.84 -20.72 -24.73
CA LEU B 439 6.03 -22.03 -25.31
C LEU B 439 4.83 -22.43 -26.16
N ASP B 440 3.62 -22.20 -25.62
CA ASP B 440 2.41 -22.47 -26.40
C ASP B 440 2.35 -21.62 -27.64
N PHE B 441 3.05 -20.49 -27.66
CA PHE B 441 3.15 -19.71 -28.90
C PHE B 441 4.01 -20.45 -29.91
N HIS B 442 5.19 -20.91 -29.50
CA HIS B 442 6.13 -21.52 -30.44
C HIS B 442 5.53 -22.75 -31.09
N ASP B 443 5.04 -23.69 -30.27
CA ASP B 443 4.44 -24.90 -30.82
C ASP B 443 3.23 -24.58 -31.70
N SER B 444 2.59 -23.43 -31.50
CA SER B 444 1.54 -23.02 -32.42
C SER B 444 2.13 -22.75 -33.81
N ASN B 445 3.14 -21.89 -33.86
CA ASN B 445 3.65 -21.42 -35.15
C ASN B 445 4.09 -22.58 -36.02
N VAL B 446 4.98 -23.43 -35.50
CA VAL B 446 5.45 -24.57 -36.25
C VAL B 446 4.28 -25.43 -36.71
N LYS B 447 3.31 -25.66 -35.82
CA LYS B 447 2.15 -26.45 -36.20
C LYS B 447 1.48 -25.84 -37.43
N ASN B 448 1.17 -24.54 -37.37
CA ASN B 448 0.58 -23.87 -38.51
C ASN B 448 1.45 -24.03 -39.74
N LEU B 449 2.77 -23.84 -39.56
CA LEU B 449 3.70 -24.01 -40.67
C LEU B 449 3.53 -25.39 -41.29
N TYR B 450 3.53 -26.43 -40.44
CA TYR B 450 3.33 -27.79 -40.93
C TYR B 450 2.03 -27.86 -41.72
N GLU B 451 0.94 -27.35 -41.15
CA GLU B 451 -0.34 -27.36 -41.83
C GLU B 451 -0.22 -26.73 -43.21
N LYS B 452 0.48 -25.60 -43.29
CA LYS B 452 0.64 -24.92 -44.58
C LYS B 452 1.24 -25.88 -45.60
N VAL B 453 2.34 -26.54 -45.24
CA VAL B 453 2.94 -27.50 -46.17
C VAL B 453 1.95 -28.62 -46.47
N LYS B 454 1.27 -29.10 -45.43
CA LYS B 454 0.29 -30.17 -45.62
C LYS B 454 -0.82 -29.73 -46.56
N SER B 455 -1.10 -28.43 -46.61
CA SER B 455 -2.11 -27.93 -47.54
C SER B 455 -1.58 -27.86 -48.97
N GLN B 456 -0.30 -27.57 -49.14
CA GLN B 456 0.23 -27.36 -50.49
C GLN B 456 0.42 -28.67 -51.24
N LEU B 457 0.91 -29.71 -50.55
CA LEU B 457 1.27 -30.95 -51.24
C LEU B 457 0.04 -31.76 -51.64
N LYS B 458 -1.02 -31.70 -50.84
CA LYS B 458 -2.29 -32.40 -51.09
C LYS B 458 -1.99 -33.90 -51.19
N ASN B 459 -2.28 -34.57 -52.30
CA ASN B 459 -2.03 -35.99 -52.44
C ASN B 459 -0.76 -36.30 -53.21
N ASN B 460 0.04 -35.29 -53.55
CA ASN B 460 1.32 -35.52 -54.20
C ASN B 460 2.39 -36.03 -53.25
N ALA B 461 2.11 -36.03 -51.94
CA ALA B 461 3.05 -36.53 -50.95
C ALA B 461 2.28 -37.29 -49.89
N LYS B 462 2.99 -38.23 -49.24
CA LYS B 462 2.42 -39.04 -48.18
C LYS B 462 2.90 -38.52 -46.82
N GLU B 463 1.98 -38.45 -45.86
CA GLU B 463 2.29 -38.00 -44.52
C GLU B 463 2.96 -39.15 -43.75
N ILE B 464 4.26 -39.02 -43.50
CA ILE B 464 4.98 -40.06 -42.77
C ILE B 464 4.47 -40.17 -41.34
N GLY B 465 4.28 -39.03 -40.66
CA GLY B 465 3.77 -39.04 -39.31
C GLY B 465 4.63 -38.29 -38.32
N ASN B 466 5.92 -38.18 -38.61
CA ASN B 466 6.88 -37.52 -37.72
C ASN B 466 7.20 -36.09 -38.17
N GLY B 467 6.24 -35.40 -38.76
CA GLY B 467 6.50 -34.08 -39.30
C GLY B 467 7.23 -34.08 -40.61
N CYS B 468 7.25 -35.20 -41.32
CA CYS B 468 7.94 -35.32 -42.60
C CYS B 468 6.94 -35.76 -43.67
N PHE B 469 7.15 -35.25 -44.89
CA PHE B 469 6.33 -35.59 -46.05
C PHE B 469 7.20 -36.26 -47.09
N GLU B 470 6.75 -37.41 -47.60
CA GLU B 470 7.46 -38.14 -48.64
C GLU B 470 6.82 -37.80 -49.99
N PHE B 471 7.58 -37.11 -50.84
CA PHE B 471 7.07 -36.69 -52.14
C PHE B 471 6.96 -37.88 -53.08
N TYR B 472 5.81 -38.02 -53.74
CA TYR B 472 5.68 -39.02 -54.79
C TYR B 472 6.48 -38.62 -56.02
N HIS B 473 6.34 -37.37 -56.45
CA HIS B 473 7.12 -36.86 -57.57
C HIS B 473 8.50 -36.44 -57.10
N LYS B 474 9.40 -36.26 -58.07
CA LYS B 474 10.77 -35.86 -57.77
C LYS B 474 10.81 -34.36 -57.49
N CYS B 475 11.26 -33.99 -56.30
CA CYS B 475 11.30 -32.60 -55.85
C CYS B 475 12.76 -32.17 -55.75
N ASN B 476 13.23 -31.45 -56.77
CA ASN B 476 14.60 -30.97 -56.79
C ASN B 476 14.72 -29.77 -55.86
N ASN B 477 15.89 -29.11 -55.88
CA ASN B 477 16.09 -27.93 -55.04
C ASN B 477 15.09 -26.83 -55.41
N GLU B 478 14.84 -26.65 -56.70
CA GLU B 478 13.87 -25.65 -57.15
C GLU B 478 12.48 -25.97 -56.64
N CYS B 479 12.07 -27.25 -56.68
CA CYS B 479 10.76 -27.63 -56.19
C CYS B 479 10.66 -27.41 -54.68
N MET B 480 11.72 -27.74 -53.94
CA MET B 480 11.71 -27.49 -52.50
C MET B 480 11.59 -26.01 -52.19
N GLU B 481 12.32 -25.17 -52.92
CA GLU B 481 12.17 -23.73 -52.73
C GLU B 481 10.77 -23.26 -53.10
N SER B 482 10.14 -23.88 -54.09
CA SER B 482 8.76 -23.57 -54.41
C SER B 482 7.84 -23.90 -53.24
N VAL B 483 8.07 -25.04 -52.59
CA VAL B 483 7.27 -25.42 -51.43
C VAL B 483 7.49 -24.41 -50.29
N LYS B 484 8.74 -24.00 -50.07
CA LYS B 484 9.04 -23.08 -48.97
C LYS B 484 8.36 -21.74 -49.16
N ASN B 485 8.34 -21.21 -50.37
CA ASN B 485 7.76 -19.90 -50.64
C ASN B 485 6.25 -19.93 -50.71
N GLY B 486 5.63 -21.11 -50.66
CA GLY B 486 4.20 -21.22 -50.81
C GLY B 486 3.72 -21.24 -52.23
N THR B 487 4.62 -21.19 -53.21
CA THR B 487 4.28 -21.22 -54.63
C THR B 487 4.47 -22.59 -55.24
N TYR B 488 4.23 -23.65 -54.48
CA TYR B 488 4.35 -25.01 -55.00
C TYR B 488 3.31 -25.23 -56.10
N ASP B 489 3.78 -25.51 -57.30
CA ASP B 489 2.90 -25.65 -58.46
C ASP B 489 2.34 -27.08 -58.48
N TYR B 490 1.11 -27.22 -57.99
CA TYR B 490 0.46 -28.53 -58.00
C TYR B 490 0.26 -29.10 -59.40
N PRO B 491 -0.25 -28.34 -60.39
CA PRO B 491 -0.36 -28.92 -61.74
C PRO B 491 0.97 -29.33 -62.35
N LYS B 492 2.06 -28.63 -62.01
CA LYS B 492 3.36 -28.94 -62.60
C LYS B 492 3.82 -30.34 -62.21
N TYR B 493 3.63 -30.72 -60.95
CA TYR B 493 4.07 -32.02 -60.45
C TYR B 493 2.91 -32.96 -60.17
N SER B 494 1.76 -32.75 -60.82
CA SER B 494 0.62 -33.64 -60.61
C SER B 494 0.91 -35.05 -61.09
N GLU B 495 1.57 -35.18 -62.24
CA GLU B 495 1.91 -36.49 -62.78
C GLU B 495 3.17 -37.04 -62.10
N ASP C 6 -14.21 -52.92 -34.40
CA ASP C 6 -15.33 -52.34 -35.11
C ASP C 6 -15.30 -50.82 -34.99
N THR C 7 -15.48 -50.31 -33.77
CA THR C 7 -15.42 -48.88 -33.50
C THR C 7 -14.56 -48.62 -32.29
N ILE C 8 -13.88 -47.48 -32.30
CA ILE C 8 -13.14 -46.98 -31.15
C ILE C 8 -13.50 -45.51 -30.97
N CYS C 9 -13.94 -45.15 -29.76
CA CYS C 9 -14.38 -43.81 -29.46
C CYS C 9 -13.45 -43.18 -28.44
N ILE C 10 -13.26 -41.86 -28.56
CA ILE C 10 -12.47 -41.07 -27.61
C ILE C 10 -13.44 -40.27 -26.78
N GLY C 11 -13.12 -40.08 -25.49
CA GLY C 11 -14.01 -39.35 -24.62
C GLY C 11 -13.34 -38.91 -23.35
N TYR C 12 -14.07 -38.09 -22.58
CA TYR C 12 -13.60 -37.50 -21.35
C TYR C 12 -14.50 -37.91 -20.19
N HIS C 13 -13.95 -37.82 -18.99
CA HIS C 13 -14.62 -38.31 -17.79
C HIS C 13 -15.69 -37.34 -17.32
N ALA C 14 -16.75 -37.89 -16.73
CA ALA C 14 -17.82 -37.11 -16.13
C ALA C 14 -18.31 -37.82 -14.88
N ASN C 15 -18.92 -37.05 -13.98
CA ASN C 15 -19.44 -37.59 -12.73
C ASN C 15 -20.68 -36.79 -12.34
N ASN C 16 -21.11 -36.96 -11.08
CA ASN C 16 -22.29 -36.28 -10.57
C ASN C 16 -21.95 -35.09 -9.68
N SER C 17 -20.68 -34.66 -9.65
CA SER C 17 -20.29 -33.56 -8.80
C SER C 17 -20.97 -32.27 -9.24
N THR C 18 -21.49 -31.52 -8.28
CA THR C 18 -22.20 -30.27 -8.54
C THR C 18 -21.33 -29.04 -8.30
N ASP C 19 -20.03 -29.23 -8.10
CA ASP C 19 -19.14 -28.10 -7.86
C ASP C 19 -19.11 -27.18 -9.08
N THR C 20 -19.52 -25.94 -8.88
CA THR C 20 -19.57 -24.95 -9.94
C THR C 20 -18.47 -23.92 -9.75
N VAL C 21 -18.05 -23.32 -10.87
CA VAL C 21 -16.97 -22.34 -10.90
C VAL C 21 -17.40 -21.18 -11.81
N ASP C 22 -16.50 -20.20 -11.94
CA ASP C 22 -16.70 -19.06 -12.82
C ASP C 22 -15.47 -18.86 -13.69
N THR C 23 -15.70 -18.55 -14.96
CA THR C 23 -14.63 -18.28 -15.92
C THR C 23 -14.84 -16.90 -16.54
N VAL C 24 -13.86 -16.48 -17.33
CA VAL C 24 -13.94 -15.17 -17.98
C VAL C 24 -15.09 -15.14 -18.97
N LEU C 25 -15.22 -16.18 -19.79
CA LEU C 25 -16.23 -16.21 -20.84
C LEU C 25 -17.57 -16.74 -20.37
N GLU C 26 -17.59 -17.66 -19.41
CA GLU C 26 -18.81 -18.29 -18.95
C GLU C 26 -18.88 -18.26 -17.43
N LYS C 27 -20.10 -18.32 -16.91
CA LYS C 27 -20.36 -18.35 -15.48
C LYS C 27 -21.18 -19.59 -15.14
N ASN C 28 -21.11 -19.98 -13.86
CA ASN C 28 -21.81 -21.16 -13.36
C ASN C 28 -21.44 -22.41 -14.16
N VAL C 29 -20.14 -22.60 -14.36
CA VAL C 29 -19.62 -23.73 -15.12
C VAL C 29 -19.41 -24.89 -14.16
N THR C 30 -20.17 -25.97 -14.34
CA THR C 30 -20.03 -27.16 -13.51
C THR C 30 -18.78 -27.92 -13.94
N VAL C 31 -17.95 -28.30 -12.97
CA VAL C 31 -16.71 -29.00 -13.24
C VAL C 31 -16.67 -30.28 -12.42
N THR C 32 -15.96 -31.29 -12.95
CA THR C 32 -15.88 -32.57 -12.27
C THR C 32 -15.14 -32.44 -10.94
N HIS C 33 -14.03 -31.70 -10.92
CA HIS C 33 -13.25 -31.50 -9.71
C HIS C 33 -12.86 -30.04 -9.58
N SER C 34 -12.73 -29.58 -8.34
CA SER C 34 -12.38 -28.20 -8.07
C SER C 34 -11.70 -28.11 -6.71
N VAL C 35 -10.99 -27.00 -6.50
CA VAL C 35 -10.26 -26.76 -5.25
C VAL C 35 -10.65 -25.38 -4.72
N ASN C 36 -10.98 -25.31 -3.44
CA ASN C 36 -11.33 -24.05 -2.80
C ASN C 36 -10.07 -23.33 -2.33
N LEU C 37 -9.94 -22.06 -2.69
CA LEU C 37 -8.81 -21.24 -2.32
C LEU C 37 -9.14 -20.18 -1.28
N LEU C 38 -10.38 -20.12 -0.82
CA LEU C 38 -10.83 -19.10 0.12
C LEU C 38 -11.23 -19.77 1.43
N GLU C 39 -10.70 -19.26 2.54
CA GLU C 39 -11.00 -19.77 3.87
C GLU C 39 -12.05 -18.88 4.52
N ASP C 40 -13.16 -19.49 4.96
CA ASP C 40 -14.25 -18.74 5.56
C ASP C 40 -14.71 -19.35 6.89
N SER C 41 -13.86 -20.13 7.55
CA SER C 41 -14.23 -20.82 8.78
C SER C 41 -13.24 -20.46 9.88
N HIS C 42 -13.77 -20.09 11.04
CA HIS C 42 -12.97 -19.90 12.25
C HIS C 42 -13.57 -20.73 13.36
N ASN C 43 -12.72 -21.37 14.17
CA ASN C 43 -13.19 -22.23 15.23
C ASN C 43 -13.83 -21.47 16.39
N GLY C 44 -13.73 -20.14 16.40
CA GLY C 44 -14.27 -19.37 17.50
C GLY C 44 -13.48 -19.48 18.77
N LYS C 45 -12.24 -19.96 18.69
CA LYS C 45 -11.38 -20.19 19.84
C LYS C 45 -10.09 -19.40 19.68
N LEU C 46 -9.67 -18.73 20.76
CA LEU C 46 -8.45 -17.92 20.73
C LEU C 46 -7.25 -18.82 20.96
N CYS C 47 -6.90 -19.57 19.90
CA CYS C 47 -5.76 -20.47 19.97
C CYS C 47 -4.47 -19.69 20.19
N LEU C 48 -3.55 -20.29 20.95
CA LEU C 48 -2.26 -19.66 21.17
C LEU C 48 -1.45 -19.65 19.87
N LEU C 49 -0.64 -18.60 19.72
CA LEU C 49 0.10 -18.36 18.49
C LEU C 49 1.60 -18.53 18.74
N LYS C 50 2.26 -19.19 17.79
CA LYS C 50 3.69 -19.49 17.87
C LYS C 50 4.04 -20.31 19.12
N GLY C 51 3.10 -21.12 19.60
CA GLY C 51 3.33 -21.97 20.74
C GLY C 51 3.30 -21.27 22.09
N ILE C 52 3.11 -19.96 22.11
CA ILE C 52 3.10 -19.18 23.35
C ILE C 52 1.66 -18.77 23.64
N ALA C 53 1.20 -19.07 24.85
CA ALA C 53 -0.16 -18.71 25.24
C ALA C 53 -0.31 -17.19 25.28
N PRO C 54 -1.40 -16.66 24.75
CA PRO C 54 -1.61 -15.21 24.80
C PRO C 54 -1.98 -14.74 26.20
N LEU C 55 -1.89 -13.43 26.39
CA LEU C 55 -2.23 -12.79 27.65
C LEU C 55 -3.66 -12.26 27.55
N GLN C 56 -4.58 -12.87 28.28
CA GLN C 56 -5.96 -12.41 28.35
C GLN C 56 -6.13 -11.60 29.62
N LEU C 57 -6.46 -10.32 29.46
CA LEU C 57 -6.63 -9.43 30.60
C LEU C 57 -8.00 -9.53 31.25
N GLY C 58 -8.93 -10.25 30.62
CA GLY C 58 -10.28 -10.33 31.16
C GLY C 58 -10.97 -8.97 31.14
N ASN C 59 -11.62 -8.65 32.25
CA ASN C 59 -12.34 -7.38 32.38
C ASN C 59 -11.43 -6.20 32.68
N CYS C 60 -10.13 -6.35 32.48
CA CYS C 60 -9.15 -5.32 32.80
C CYS C 60 -8.61 -4.70 31.52
N SER C 61 -8.48 -3.37 31.53
CA SER C 61 -7.77 -2.68 30.47
C SER C 61 -6.26 -2.89 30.65
N VAL C 62 -5.50 -2.57 29.60
CA VAL C 62 -4.05 -2.69 29.67
C VAL C 62 -3.51 -1.79 30.76
N ALA C 63 -4.02 -0.55 30.83
CA ALA C 63 -3.57 0.40 31.84
C ALA C 63 -3.84 -0.13 33.25
N GLY C 64 -5.02 -0.73 33.46
CA GLY C 64 -5.30 -1.32 34.75
C GLY C 64 -4.34 -2.44 35.11
N TRP C 65 -3.94 -3.23 34.11
CA TRP C 65 -3.04 -4.35 34.35
C TRP C 65 -1.64 -3.86 34.73
N ILE C 66 -1.09 -2.92 33.95
CA ILE C 66 0.28 -2.47 34.22
C ILE C 66 0.33 -1.59 35.46
N LEU C 67 -0.64 -0.67 35.60
CA LEU C 67 -0.68 0.20 36.77
C LEU C 67 -0.90 -0.58 38.06
N GLY C 68 -1.48 -1.78 37.97
CA GLY C 68 -1.73 -2.57 39.15
C GLY C 68 -3.07 -2.26 39.78
N ASN C 69 -4.12 -2.26 38.97
CA ASN C 69 -5.46 -1.99 39.49
C ASN C 69 -5.83 -3.03 40.53
N PRO C 70 -6.46 -2.63 41.65
CA PRO C 70 -6.75 -3.59 42.71
C PRO C 70 -7.58 -4.78 42.27
N GLU C 71 -8.54 -4.57 41.37
CA GLU C 71 -9.31 -5.69 40.84
C GLU C 71 -8.51 -6.52 39.84
N CYS C 72 -7.45 -5.95 39.27
CA CYS C 72 -6.62 -6.67 38.30
C CYS C 72 -5.45 -7.39 38.98
N GLU C 73 -5.77 -8.19 39.99
CA GLU C 73 -4.75 -8.96 40.70
C GLU C 73 -4.54 -10.34 40.12
N LEU C 74 -5.48 -10.84 39.30
CA LEU C 74 -5.32 -12.13 38.66
C LEU C 74 -4.31 -12.10 37.52
N LEU C 75 -3.90 -10.92 37.07
CA LEU C 75 -2.96 -10.77 35.97
C LEU C 75 -1.54 -10.51 36.45
N ILE C 76 -1.28 -10.61 37.76
CA ILE C 76 0.06 -10.34 38.28
C ILE C 76 1.03 -11.43 37.87
N SER C 77 0.62 -12.70 37.97
CA SER C 77 1.52 -13.83 37.73
C SER C 77 1.49 -14.21 36.24
N LYS C 78 2.22 -13.43 35.45
CA LYS C 78 2.39 -13.68 34.03
C LYS C 78 3.87 -13.65 33.68
N GLU C 79 4.29 -14.53 32.77
CA GLU C 79 5.70 -14.65 32.40
C GLU C 79 5.96 -14.36 30.94
N SER C 80 5.19 -14.95 30.03
CA SER C 80 5.43 -14.77 28.60
C SER C 80 4.12 -14.81 27.84
N TRP C 81 4.08 -14.12 26.71
CA TRP C 81 2.91 -14.12 25.84
C TRP C 81 3.35 -13.70 24.44
N SER C 82 2.57 -14.13 23.45
CA SER C 82 2.80 -13.76 22.06
C SER C 82 1.93 -12.60 21.60
N TYR C 83 0.70 -12.49 22.12
CA TYR C 83 -0.17 -11.37 21.82
C TYR C 83 -1.11 -11.16 23.00
N ILE C 84 -1.70 -9.97 23.06
CA ILE C 84 -2.57 -9.56 24.16
C ILE C 84 -4.02 -9.66 23.72
N VAL C 85 -4.87 -10.21 24.59
CA VAL C 85 -6.30 -10.32 24.34
C VAL C 85 -7.02 -9.47 25.37
N GLU C 86 -7.89 -8.57 24.91
CA GLU C 86 -8.63 -7.68 25.78
C GLU C 86 -10.12 -7.78 25.49
N THR C 87 -10.92 -7.86 26.54
CA THR C 87 -12.37 -7.94 26.37
C THR C 87 -12.91 -6.60 25.85
N PRO C 88 -14.06 -6.63 25.16
CA PRO C 88 -14.62 -5.38 24.63
C PRO C 88 -15.06 -4.40 25.71
N ASN C 89 -15.13 -4.81 26.97
CA ASN C 89 -15.53 -3.94 28.08
C ASN C 89 -14.36 -3.77 29.03
N PRO C 90 -13.54 -2.73 28.85
CA PRO C 90 -12.44 -2.46 29.80
C PRO C 90 -12.93 -1.74 31.04
N GLU C 91 -13.69 -2.46 31.87
CA GLU C 91 -14.27 -1.87 33.07
C GLU C 91 -13.19 -1.46 34.05
N ASN C 92 -12.15 -2.28 34.21
CA ASN C 92 -11.09 -2.03 35.18
C ASN C 92 -9.90 -1.41 34.47
N GLY C 93 -9.39 -0.32 35.03
CA GLY C 93 -8.29 0.41 34.43
C GLY C 93 -8.39 1.91 34.62
N THR C 94 -7.31 2.53 35.09
CA THR C 94 -7.31 3.94 35.46
C THR C 94 -8.49 4.27 36.37
N CYS C 95 -8.55 3.55 37.49
CA CYS C 95 -9.66 3.73 38.42
C CYS C 95 -9.70 5.14 38.97
N TYR C 96 -8.54 5.69 39.34
CA TYR C 96 -8.47 7.11 39.65
C TYR C 96 -8.39 7.91 38.36
N PRO C 97 -9.27 8.89 38.15
CA PRO C 97 -9.29 9.60 36.87
C PRO C 97 -7.95 10.27 36.57
N GLY C 98 -7.58 10.24 35.30
CA GLY C 98 -6.31 10.81 34.88
C GLY C 98 -6.08 10.55 33.41
N TYR C 99 -4.95 11.04 32.93
CA TYR C 99 -4.56 10.89 31.53
C TYR C 99 -3.31 10.02 31.45
N PHE C 100 -3.39 8.96 30.65
CA PHE C 100 -2.26 8.07 30.44
C PHE C 100 -1.45 8.59 29.25
N ALA C 101 -0.22 9.00 29.51
CA ALA C 101 0.61 9.59 28.46
C ALA C 101 1.10 8.51 27.51
N ASP C 102 0.87 8.72 26.21
CA ASP C 102 1.32 7.81 25.16
C ASP C 102 0.83 6.38 25.42
N TYR C 103 -0.45 6.27 25.77
CA TYR C 103 -1.02 4.97 26.11
C TYR C 103 -1.00 4.02 24.92
N GLU C 104 -1.30 4.53 23.72
CA GLU C 104 -1.30 3.68 22.53
C GLU C 104 0.10 3.14 22.25
N GLU C 105 1.13 3.99 22.42
CA GLU C 105 2.50 3.53 22.20
C GLU C 105 2.89 2.46 23.21
N LEU C 106 2.46 2.61 24.47
CA LEU C 106 2.75 1.59 25.47
C LEU C 106 2.06 0.28 25.14
N ARG C 107 0.81 0.34 24.67
CA ARG C 107 0.13 -0.87 24.22
C ARG C 107 0.87 -1.52 23.06
N GLU C 108 1.35 -0.70 22.12
CA GLU C 108 2.10 -1.23 20.98
C GLU C 108 3.38 -1.91 21.44
N GLN C 109 4.10 -1.31 22.38
CA GLN C 109 5.38 -1.85 22.83
C GLN C 109 5.25 -2.93 23.89
N LEU C 110 4.05 -3.18 24.41
CA LEU C 110 3.81 -4.26 25.35
C LEU C 110 3.09 -5.44 24.74
N SER C 111 2.74 -5.37 23.44
CA SER C 111 2.00 -6.46 22.82
C SER C 111 2.81 -7.75 22.76
N SER C 112 4.13 -7.65 22.75
CA SER C 112 4.99 -8.82 22.65
C SER C 112 6.17 -8.66 23.60
N VAL C 113 6.19 -9.46 24.66
CA VAL C 113 7.29 -9.48 25.62
C VAL C 113 7.66 -10.94 25.86
N SER C 114 8.93 -11.28 25.59
CA SER C 114 9.38 -12.66 25.79
C SER C 114 9.53 -12.98 27.27
N SER C 115 10.13 -12.09 28.04
CA SER C 115 10.34 -12.28 29.48
C SER C 115 9.78 -11.08 30.22
N PHE C 116 8.80 -11.32 31.08
CA PHE C 116 8.10 -10.27 31.81
C PHE C 116 8.25 -10.52 33.30
N GLU C 117 8.89 -9.57 33.99
CA GLU C 117 9.14 -9.69 35.42
C GLU C 117 8.67 -8.43 36.12
N ARG C 118 7.95 -8.59 37.23
CA ARG C 118 7.50 -7.48 38.05
C ARG C 118 8.33 -7.47 39.33
N PHE C 119 9.15 -6.43 39.49
CA PHE C 119 10.05 -6.35 40.64
C PHE C 119 9.82 -5.04 41.38
N GLU C 120 9.93 -5.08 42.71
CA GLU C 120 9.75 -3.90 43.53
C GLU C 120 10.95 -2.98 43.40
N ILE C 121 10.85 -2.00 42.49
CA ILE C 121 11.98 -1.09 42.25
C ILE C 121 12.27 -0.25 43.50
N PHE C 122 11.23 0.28 44.12
CA PHE C 122 11.36 1.03 45.38
C PHE C 122 10.51 0.36 46.45
N PRO C 123 11.11 -0.35 47.40
CA PRO C 123 10.31 -1.01 48.44
C PRO C 123 9.47 -0.01 49.22
N LYS C 124 8.25 -0.44 49.58
CA LYS C 124 7.33 0.45 50.29
C LYS C 124 7.83 0.79 51.68
N GLU C 125 8.33 -0.20 52.41
CA GLU C 125 8.67 0.00 53.82
C GLU C 125 9.99 0.75 54.00
N SER C 126 10.92 0.64 53.04
CA SER C 126 12.27 1.13 53.22
C SER C 126 12.59 2.41 52.46
N SER C 127 11.96 2.65 51.31
CA SER C 127 12.38 3.75 50.46
C SER C 127 11.97 5.11 51.03
N TRP C 128 10.85 5.18 51.73
CA TRP C 128 10.27 6.46 52.16
C TRP C 128 10.00 6.43 53.66
N PRO C 129 11.02 6.72 54.47
CA PRO C 129 10.81 6.74 55.93
C PRO C 129 10.28 8.07 56.44
N ASN C 130 10.56 9.15 55.73
CA ASN C 130 10.15 10.50 56.14
C ASN C 130 8.79 10.89 55.60
N HIS C 131 8.10 10.01 54.88
CA HIS C 131 6.79 10.31 54.32
C HIS C 131 5.80 9.23 54.73
N THR C 132 4.53 9.58 54.66
CA THR C 132 3.45 8.63 54.93
C THR C 132 3.04 7.96 53.63
N VAL C 133 2.96 6.62 53.64
CA VAL C 133 2.62 5.85 52.45
C VAL C 133 1.19 5.35 52.48
N THR C 134 0.44 5.60 53.55
CA THR C 134 -0.93 5.12 53.68
C THR C 134 -1.86 6.04 52.88
N GLY C 135 -1.83 5.85 51.56
CA GLY C 135 -2.68 6.61 50.67
C GLY C 135 -3.66 5.74 49.91
N VAL C 136 -4.95 5.87 50.21
CA VAL C 136 -5.99 5.09 49.57
C VAL C 136 -7.14 6.01 49.18
N SER C 137 -7.96 5.51 48.25
CA SER C 137 -9.12 6.26 47.79
C SER C 137 -10.21 5.29 47.39
N ALA C 138 -11.46 5.79 47.38
CA ALA C 138 -12.59 4.99 46.98
C ALA C 138 -12.64 4.75 45.47
N SER C 139 -11.88 5.52 44.69
CA SER C 139 -11.84 5.32 43.25
C SER C 139 -11.25 3.96 42.89
N CYS C 140 -10.24 3.53 43.63
CA CYS C 140 -9.57 2.24 43.42
C CYS C 140 -9.80 1.31 44.60
N SER C 141 -11.04 1.25 45.09
CA SER C 141 -11.35 0.42 46.24
C SER C 141 -11.41 -1.05 45.84
N HIS C 142 -11.03 -1.91 46.80
CA HIS C 142 -11.07 -3.35 46.61
C HIS C 142 -11.76 -4.00 47.81
N ASN C 143 -12.43 -5.13 47.56
CA ASN C 143 -13.17 -5.92 48.53
C ASN C 143 -13.93 -5.09 49.56
N GLY C 144 -14.56 -4.00 49.10
CA GLY C 144 -15.40 -3.19 49.95
C GLY C 144 -14.70 -2.11 50.75
N LYS C 145 -13.39 -1.93 50.58
CA LYS C 145 -12.64 -0.90 51.28
C LYS C 145 -11.72 -0.18 50.32
N SER C 146 -11.39 1.07 50.67
CA SER C 146 -10.57 1.90 49.81
C SER C 146 -9.17 1.30 49.64
N SER C 147 -8.67 1.35 48.41
CA SER C 147 -7.34 0.82 48.10
C SER C 147 -6.70 1.71 47.05
N PHE C 148 -5.57 1.26 46.50
CA PHE C 148 -4.83 2.03 45.51
C PHE C 148 -4.12 1.04 44.59
N TYR C 149 -3.45 1.57 43.57
CA TYR C 149 -2.72 0.73 42.63
C TYR C 149 -1.64 -0.07 43.36
N ARG C 150 -1.52 -1.35 43.00
CA ARG C 150 -0.54 -2.21 43.63
C ARG C 150 0.88 -1.88 43.19
N ASN C 151 1.04 -1.40 41.96
CA ASN C 151 2.36 -1.07 41.42
C ASN C 151 2.74 0.39 41.62
N LEU C 152 1.90 1.18 42.28
CA LEU C 152 2.17 2.58 42.55
C LEU C 152 1.92 2.86 44.03
N LEU C 153 2.44 3.99 44.50
CA LEU C 153 2.30 4.35 45.91
C LEU C 153 2.00 5.84 46.03
N TRP C 154 1.04 6.17 46.90
CA TRP C 154 0.66 7.55 47.14
C TRP C 154 1.47 8.09 48.31
N LEU C 155 2.28 9.11 48.05
CA LEU C 155 3.13 9.72 49.06
C LEU C 155 2.50 11.03 49.55
N THR C 156 2.36 11.15 50.86
CA THR C 156 1.80 12.35 51.50
C THR C 156 2.76 12.82 52.58
N GLY C 157 2.41 13.94 53.22
CA GLY C 157 3.25 14.49 54.26
C GLY C 157 3.18 13.68 55.54
N LYS C 158 4.26 13.79 56.33
CA LYS C 158 4.38 13.10 57.60
C LYS C 158 4.68 14.12 58.70
N ASN C 159 3.94 14.02 59.81
CA ASN C 159 4.07 14.95 60.93
C ASN C 159 3.86 16.40 60.46
N GLY C 160 2.91 16.60 59.55
CA GLY C 160 2.65 17.91 59.01
C GLY C 160 3.75 18.45 58.12
N LEU C 161 4.64 17.60 57.65
CA LEU C 161 5.76 18.02 56.82
C LEU C 161 5.90 17.07 55.64
N TYR C 162 6.27 17.62 54.48
CA TYR C 162 6.56 16.84 53.28
C TYR C 162 7.98 17.18 52.85
N PRO C 163 8.97 16.43 53.33
CA PRO C 163 10.36 16.73 52.97
C PRO C 163 10.63 16.44 51.50
N ASN C 164 11.75 16.98 51.02
CA ASN C 164 12.15 16.74 49.64
C ASN C 164 12.46 15.27 49.42
N LEU C 165 12.20 14.80 48.21
CA LEU C 165 12.39 13.41 47.83
C LEU C 165 13.37 13.34 46.67
N SER C 166 14.42 12.53 46.83
CA SER C 166 15.43 12.30 45.80
C SER C 166 15.74 10.81 45.79
N LYS C 167 15.10 10.08 44.89
CA LYS C 167 15.27 8.63 44.76
C LYS C 167 15.92 8.31 43.42
N SER C 168 16.76 7.29 43.41
CA SER C 168 17.46 6.89 42.20
C SER C 168 17.49 5.37 42.09
N TYR C 169 17.30 4.88 40.87
CA TYR C 169 17.36 3.45 40.59
C TYR C 169 18.26 3.18 39.40
N ALA C 170 19.05 2.12 39.49
CA ALA C 170 19.98 1.71 38.44
C ALA C 170 19.49 0.43 37.80
N ASN C 171 19.61 0.36 36.47
CA ASN C 171 19.13 -0.78 35.69
C ASN C 171 20.16 -1.91 35.77
N ASN C 172 20.12 -2.63 36.88
CA ASN C 172 20.94 -3.82 37.05
C ASN C 172 20.27 -5.08 36.49
N LYS C 173 19.01 -4.98 36.06
CA LYS C 173 18.32 -6.13 35.48
C LYS C 173 18.88 -6.52 34.12
N GLU C 174 19.60 -5.62 33.45
CA GLU C 174 20.15 -5.84 32.12
C GLU C 174 19.04 -6.13 31.10
N LYS C 175 17.87 -5.53 31.32
CA LYS C 175 16.75 -5.57 30.39
C LYS C 175 16.18 -4.16 30.29
N GLU C 176 15.01 -4.02 29.68
CA GLU C 176 14.38 -2.71 29.56
C GLU C 176 13.44 -2.53 30.74
N VAL C 177 13.77 -1.62 31.65
CA VAL C 177 13.00 -1.44 32.87
C VAL C 177 11.90 -0.42 32.59
N LEU C 178 10.69 -0.92 32.35
CA LEU C 178 9.52 -0.05 32.27
C LEU C 178 9.19 0.46 33.66
N VAL C 179 9.21 1.78 33.81
CA VAL C 179 8.92 2.47 35.06
C VAL C 179 7.69 3.35 34.83
N LEU C 180 6.70 3.21 35.70
CA LEU C 180 5.47 3.98 35.66
C LEU C 180 5.37 4.84 36.91
N TRP C 181 4.97 6.10 36.73
CA TRP C 181 4.76 7.01 37.86
C TRP C 181 3.57 7.90 37.56
N GLY C 182 3.17 8.66 38.56
CA GLY C 182 2.01 9.53 38.44
C GLY C 182 2.24 10.85 39.13
N VAL C 183 1.53 11.86 38.64
CA VAL C 183 1.53 13.20 39.22
C VAL C 183 0.10 13.52 39.62
N HIS C 184 -0.10 13.85 40.90
CA HIS C 184 -1.43 14.07 41.45
C HIS C 184 -1.79 15.56 41.36
N HIS C 185 -2.94 15.84 40.75
CA HIS C 185 -3.47 17.19 40.64
C HIS C 185 -4.69 17.31 41.55
N PRO C 186 -4.56 17.96 42.71
CA PRO C 186 -5.69 18.07 43.63
C PRO C 186 -6.75 19.01 43.08
N PRO C 187 -8.00 18.87 43.52
CA PRO C 187 -9.05 19.79 43.07
C PRO C 187 -9.00 21.15 43.77
N ASN C 188 -8.50 21.17 45.00
CA ASN C 188 -8.51 22.37 45.83
C ASN C 188 -7.12 22.65 46.38
N ILE C 189 -6.86 23.94 46.61
CA ILE C 189 -5.59 24.34 47.23
C ILE C 189 -5.50 23.82 48.65
N GLY C 190 -6.63 23.79 49.37
CA GLY C 190 -6.62 23.25 50.72
C GLY C 190 -6.21 21.79 50.76
N ASP C 191 -6.67 20.99 49.79
CA ASP C 191 -6.24 19.60 49.72
C ASP C 191 -4.75 19.49 49.45
N GLN C 192 -4.21 20.35 48.58
CA GLN C 192 -2.78 20.34 48.31
C GLN C 192 -1.97 20.69 49.55
N ARG C 193 -2.42 21.70 50.31
CA ARG C 193 -1.68 22.11 51.50
C ARG C 193 -1.85 21.11 52.64
N ALA C 194 -2.95 20.37 52.66
CA ALA C 194 -3.14 19.37 53.70
C ALA C 194 -2.41 18.07 53.40
N LEU C 195 -2.26 17.72 52.13
CA LEU C 195 -1.62 16.47 51.74
C LEU C 195 -0.12 16.66 51.48
N TYR C 196 0.27 17.78 50.89
CA TYR C 196 1.64 18.00 50.48
C TYR C 196 2.29 19.22 51.13
N HIS C 197 1.53 20.08 51.79
CA HIS C 197 2.05 21.22 52.55
C HIS C 197 2.88 22.17 51.70
N THR C 198 2.71 22.16 50.38
CA THR C 198 3.47 23.01 49.48
C THR C 198 2.56 23.47 48.35
N GLU C 199 2.30 24.78 48.29
CA GLU C 199 1.42 25.31 47.24
C GLU C 199 2.08 25.24 45.88
N ASN C 200 3.39 25.48 45.81
CA ASN C 200 4.15 25.46 44.56
C ASN C 200 5.09 24.25 44.61
N ALA C 201 4.71 23.19 43.92
CA ALA C 201 5.46 21.94 43.91
C ALA C 201 5.99 21.64 42.52
N TYR C 202 6.87 20.64 42.45
CA TYR C 202 7.46 20.22 41.19
C TYR C 202 7.86 18.75 41.30
N VAL C 203 7.83 18.06 40.17
CA VAL C 203 8.24 16.65 40.09
C VAL C 203 9.13 16.50 38.86
N SER C 204 10.42 16.29 39.08
CA SER C 204 11.38 16.12 37.98
C SER C 204 11.75 14.65 37.87
N VAL C 205 11.53 14.08 36.70
CA VAL C 205 11.92 12.70 36.39
C VAL C 205 12.98 12.77 35.31
N VAL C 206 14.19 12.33 35.62
CA VAL C 206 15.34 12.52 34.74
C VAL C 206 16.12 11.22 34.58
N SER C 207 16.54 10.93 33.36
CA SER C 207 17.42 9.82 33.06
C SER C 207 18.43 10.28 32.02
N SER C 208 19.17 9.32 31.44
CA SER C 208 20.14 9.66 30.42
C SER C 208 19.49 10.07 29.11
N HIS C 209 18.23 9.70 28.89
CA HIS C 209 17.53 10.04 27.66
C HIS C 209 16.13 10.60 27.90
N TYR C 210 15.68 10.69 29.14
CA TYR C 210 14.38 11.24 29.48
C TYR C 210 14.55 12.29 30.57
N SER C 211 13.86 13.42 30.41
CA SER C 211 13.94 14.51 31.38
C SER C 211 12.67 15.33 31.26
N ARG C 212 11.80 15.24 32.26
CA ARG C 212 10.55 15.98 32.23
C ARG C 212 10.21 16.51 33.62
N LYS C 213 9.73 17.76 33.65
CA LYS C 213 9.30 18.41 34.88
C LYS C 213 7.79 18.59 34.84
N PHE C 214 7.12 18.08 35.88
CA PHE C 214 5.67 18.14 36.02
C PHE C 214 5.33 19.13 37.13
N THR C 215 4.48 20.09 36.81
CA THR C 215 3.98 21.05 37.79
C THR C 215 2.53 20.75 38.08
N PRO C 216 2.14 20.63 39.35
CA PRO C 216 0.74 20.35 39.67
C PRO C 216 -0.17 21.46 39.15
N GLU C 217 -1.35 21.06 38.68
CA GLU C 217 -2.32 21.97 38.10
C GLU C 217 -3.62 21.86 38.89
N ILE C 218 -3.79 22.75 39.87
CA ILE C 218 -5.01 22.77 40.67
C ILE C 218 -6.10 23.53 39.92
N ALA C 219 -7.27 22.92 39.82
CA ALA C 219 -8.40 23.53 39.13
C ALA C 219 -9.66 22.73 39.45
N LYS C 220 -10.80 23.41 39.38
CA LYS C 220 -12.08 22.72 39.54
C LYS C 220 -12.34 21.84 38.33
N ARG C 221 -12.61 20.57 38.57
CA ARG C 221 -12.77 19.60 37.50
C ARG C 221 -14.09 18.86 37.64
N PRO C 222 -14.68 18.44 36.53
CA PRO C 222 -15.91 17.63 36.62
C PRO C 222 -15.62 16.29 37.27
N LYS C 223 -16.59 15.82 38.06
CA LYS C 223 -16.44 14.55 38.78
C LYS C 223 -16.62 13.39 37.80
N VAL C 224 -15.59 12.55 37.68
CA VAL C 224 -15.67 11.41 36.77
C VAL C 224 -15.93 10.14 37.59
N ARG C 225 -14.95 9.74 38.40
CA ARG C 225 -15.13 8.63 39.34
C ARG C 225 -15.47 9.15 40.73
N ASP C 226 -16.48 10.01 40.82
CA ASP C 226 -16.84 10.67 42.08
C ASP C 226 -15.62 11.36 42.71
N GLN C 227 -14.79 11.95 41.86
CA GLN C 227 -13.53 12.53 42.29
C GLN C 227 -13.20 13.69 41.37
N GLU C 228 -12.99 14.87 41.96
CA GLU C 228 -12.73 16.09 41.20
C GLU C 228 -11.24 16.35 41.00
N GLY C 229 -10.37 15.46 41.49
CA GLY C 229 -8.94 15.54 41.22
C GLY C 229 -8.53 14.61 40.09
N ARG C 230 -7.25 14.69 39.73
CA ARG C 230 -6.72 13.82 38.69
C ARG C 230 -5.37 13.26 39.12
N ILE C 231 -4.97 12.19 38.44
CA ILE C 231 -3.60 11.67 38.55
C ILE C 231 -3.10 11.33 37.15
N ASN C 232 -2.25 12.19 36.60
CA ASN C 232 -1.69 11.96 35.28
C ASN C 232 -0.62 10.88 35.36
N TYR C 233 -0.70 9.90 34.46
CA TYR C 233 0.20 8.76 34.47
C TYR C 233 1.24 8.90 33.35
N TYR C 234 2.51 8.71 33.70
CA TYR C 234 3.60 8.77 32.76
C TYR C 234 4.48 7.55 32.92
N TRP C 235 5.22 7.22 31.87
CA TRP C 235 6.04 6.01 31.89
C TRP C 235 7.28 6.22 31.04
N THR C 236 8.28 5.39 31.30
CA THR C 236 9.52 5.41 30.51
C THR C 236 10.13 4.03 30.51
N LEU C 237 11.02 3.79 29.55
CA LEU C 237 11.75 2.54 29.43
C LEU C 237 13.22 2.83 29.73
N LEU C 238 13.60 2.66 30.99
CA LEU C 238 15.00 2.77 31.38
C LEU C 238 15.83 1.72 30.64
N GLU C 239 16.77 2.20 29.82
CA GLU C 239 17.62 1.33 29.06
C GLU C 239 18.61 0.63 29.99
N PRO C 240 19.14 -0.52 29.58
CA PRO C 240 20.16 -1.20 30.40
C PRO C 240 21.36 -0.28 30.65
N GLY C 241 21.81 -0.27 31.91
CA GLY C 241 22.92 0.57 32.32
C GLY C 241 22.57 2.00 32.61
N ASP C 242 21.30 2.38 32.52
CA ASP C 242 20.86 3.75 32.78
C ASP C 242 20.27 3.88 34.17
N THR C 243 20.39 5.07 34.75
CA THR C 243 19.88 5.37 36.08
C THR C 243 18.76 6.40 35.97
N ILE C 244 17.64 6.10 36.61
CA ILE C 244 16.50 7.02 36.66
C ILE C 244 16.50 7.72 38.00
N ILE C 245 16.11 9.00 38.01
CA ILE C 245 16.13 9.83 39.21
C ILE C 245 14.78 10.54 39.30
N PHE C 246 14.13 10.38 40.44
CA PHE C 246 12.89 11.07 40.79
C PHE C 246 13.21 12.10 41.87
N GLU C 247 12.87 13.37 41.62
CA GLU C 247 13.08 14.42 42.61
C GLU C 247 11.80 15.24 42.71
N ALA C 248 11.18 15.22 43.89
CA ALA C 248 9.87 15.83 44.04
C ALA C 248 9.68 16.37 45.46
N ASN C 249 8.98 17.50 45.56
CA ASN C 249 8.58 18.06 46.84
C ASN C 249 7.09 17.88 47.11
N GLY C 250 6.40 17.11 46.29
CA GLY C 250 4.99 16.86 46.51
C GLY C 250 4.29 16.47 45.23
N ASN C 251 3.05 16.00 45.39
CA ASN C 251 2.17 15.62 44.28
C ASN C 251 2.81 14.57 43.38
N LEU C 252 3.49 13.60 43.98
CA LEU C 252 4.14 12.52 43.25
C LEU C 252 3.50 11.19 43.63
N ILE C 253 3.04 10.46 42.63
CA ILE C 253 2.60 9.07 42.80
C ILE C 253 3.80 8.21 42.42
N ALA C 254 4.51 7.71 43.43
CA ALA C 254 5.80 7.09 43.23
C ALA C 254 5.68 5.67 42.68
N PRO C 255 6.66 5.20 41.92
CA PRO C 255 6.66 3.82 41.47
C PRO C 255 6.94 2.87 42.63
N ARG C 256 6.24 1.74 42.63
CA ARG C 256 6.48 0.68 43.59
C ARG C 256 6.98 -0.60 42.95
N TYR C 257 6.40 -1.00 41.82
CA TYR C 257 6.82 -2.20 41.10
C TYR C 257 7.04 -1.84 39.63
N ALA C 258 8.28 -1.96 39.18
CA ALA C 258 8.62 -1.77 37.78
C ALA C 258 8.65 -3.12 37.07
N PHE C 259 8.80 -3.09 35.74
CA PHE C 259 8.73 -4.30 34.93
C PHE C 259 9.96 -4.43 34.07
N ALA C 260 10.65 -5.56 34.18
CA ALA C 260 11.83 -5.85 33.35
C ALA C 260 11.35 -6.51 32.06
N LEU C 261 11.08 -5.69 31.04
CA LEU C 261 10.61 -6.16 29.75
C LEU C 261 11.77 -6.53 28.85
N SER C 262 11.50 -7.46 27.94
CA SER C 262 12.38 -7.79 26.81
C SER C 262 11.47 -7.96 25.60
N ARG C 263 11.41 -6.92 24.75
CA ARG C 263 10.50 -6.91 23.62
C ARG C 263 10.86 -7.99 22.61
N GLY C 264 9.84 -8.54 21.96
CA GLY C 264 10.02 -9.58 20.96
C GLY C 264 9.48 -9.19 19.60
N PHE C 265 9.08 -10.19 18.81
CA PHE C 265 8.53 -9.93 17.49
C PHE C 265 7.26 -9.08 17.60
N GLY C 266 7.22 -8.00 16.84
CA GLY C 266 6.13 -7.04 16.91
C GLY C 266 4.76 -7.64 16.66
N SER C 267 3.83 -7.43 17.59
CA SER C 267 2.49 -7.98 17.49
C SER C 267 1.50 -6.88 17.91
N GLY C 268 0.23 -7.27 18.07
CA GLY C 268 -0.79 -6.31 18.43
C GLY C 268 -1.69 -6.76 19.56
N ILE C 269 -2.86 -6.14 19.66
CA ILE C 269 -3.85 -6.46 20.69
C ILE C 269 -5.16 -6.84 19.99
N ILE C 270 -5.74 -7.96 20.41
CA ILE C 270 -6.97 -8.48 19.84
C ILE C 270 -8.10 -8.24 20.83
N THR C 271 -9.17 -7.61 20.37
CA THR C 271 -10.38 -7.39 21.17
C THR C 271 -11.37 -8.49 20.83
N SER C 272 -11.56 -9.43 21.76
CA SER C 272 -12.43 -10.56 21.52
C SER C 272 -13.01 -11.06 22.84
N ASN C 273 -14.28 -11.43 22.81
CA ASN C 273 -14.94 -12.06 23.95
C ASN C 273 -15.07 -13.57 23.76
N ALA C 274 -14.41 -14.13 22.75
CA ALA C 274 -14.50 -15.56 22.48
C ALA C 274 -13.75 -16.35 23.56
N PRO C 275 -14.19 -17.57 23.84
CA PRO C 275 -13.48 -18.40 24.83
C PRO C 275 -12.04 -18.67 24.40
N MET C 276 -11.15 -18.70 25.40
CA MET C 276 -9.72 -18.93 25.16
C MET C 276 -9.44 -20.42 25.29
N ASP C 277 -9.44 -21.11 24.15
CA ASP C 277 -9.11 -22.52 24.12
C ASP C 277 -7.61 -22.70 24.00
N GLU C 278 -7.15 -23.93 24.26
CA GLU C 278 -5.73 -24.25 24.28
C GLU C 278 -5.24 -24.87 22.97
N CYS C 279 -6.00 -24.68 21.89
CA CYS C 279 -5.54 -25.08 20.57
C CYS C 279 -4.31 -24.27 20.17
N ASP C 280 -3.50 -24.85 19.28
CA ASP C 280 -2.33 -24.19 18.74
C ASP C 280 -2.59 -23.80 17.29
N ALA C 281 -2.19 -22.58 16.93
CA ALA C 281 -2.44 -22.07 15.59
C ALA C 281 -1.37 -21.08 15.20
N LYS C 282 -1.23 -20.86 13.89
CA LYS C 282 -0.29 -19.90 13.35
C LYS C 282 -0.93 -18.58 12.96
N CYS C 283 -2.26 -18.55 12.80
CA CYS C 283 -2.99 -17.34 12.49
C CYS C 283 -4.11 -17.15 13.49
N GLN C 284 -4.40 -15.88 13.81
CA GLN C 284 -5.44 -15.55 14.78
C GLN C 284 -6.28 -14.40 14.26
N THR C 285 -7.59 -14.50 14.46
CA THR C 285 -8.54 -13.44 14.15
C THR C 285 -9.34 -13.11 15.40
N PRO C 286 -9.95 -11.92 15.46
CA PRO C 286 -10.80 -11.63 16.63
C PRO C 286 -11.91 -12.65 16.82
N GLN C 287 -12.51 -13.14 15.74
CA GLN C 287 -13.56 -14.14 15.87
C GLN C 287 -12.99 -15.52 16.21
N GLY C 288 -11.88 -15.90 15.59
CA GLY C 288 -11.27 -17.20 15.83
C GLY C 288 -9.90 -17.37 15.19
N ALA C 289 -9.65 -18.55 14.64
CA ALA C 289 -8.41 -18.86 13.95
C ALA C 289 -8.75 -19.59 12.67
N ILE C 290 -7.87 -19.47 11.67
CA ILE C 290 -8.21 -19.86 10.31
C ILE C 290 -7.15 -20.81 9.75
N ASN C 291 -7.37 -21.18 8.47
CA ASN C 291 -6.65 -22.26 7.80
C ASN C 291 -5.17 -21.92 7.61
N SER C 292 -4.89 -20.80 6.97
CA SER C 292 -3.56 -20.25 6.70
C SER C 292 -2.80 -21.04 5.63
N SER C 293 -3.27 -22.23 5.28
CA SER C 293 -2.67 -22.93 4.15
C SER C 293 -3.23 -22.42 2.84
N LEU C 294 -4.51 -22.02 2.84
CA LEU C 294 -5.08 -21.30 1.73
C LEU C 294 -4.45 -19.92 1.61
N PRO C 295 -4.30 -19.40 0.40
CA PRO C 295 -3.70 -18.07 0.23
C PRO C 295 -4.64 -16.92 0.51
N PHE C 296 -5.94 -17.17 0.62
CA PHE C 296 -6.93 -16.10 0.77
C PHE C 296 -7.90 -16.44 1.88
N GLN C 297 -8.46 -15.39 2.49
CA GLN C 297 -9.41 -15.54 3.58
C GLN C 297 -10.39 -14.38 3.55
N ASN C 298 -11.57 -14.60 4.15
CA ASN C 298 -12.57 -13.56 4.27
C ASN C 298 -13.22 -13.57 5.65
N VAL C 299 -12.48 -13.99 6.67
CA VAL C 299 -13.03 -14.07 8.02
C VAL C 299 -12.98 -12.71 8.71
N HIS C 300 -11.81 -12.08 8.74
CA HIS C 300 -11.65 -10.79 9.40
C HIS C 300 -10.47 -10.03 8.81
N PRO C 301 -10.64 -8.75 8.48
CA PRO C 301 -9.51 -7.96 7.98
C PRO C 301 -8.36 -7.84 8.96
N VAL C 302 -8.65 -7.80 10.27
CA VAL C 302 -7.62 -7.71 11.29
C VAL C 302 -7.17 -9.12 11.65
N THR C 303 -5.87 -9.37 11.53
CA THR C 303 -5.31 -10.68 11.81
C THR C 303 -3.97 -10.53 12.52
N ILE C 304 -3.58 -11.58 13.23
CA ILE C 304 -2.30 -11.64 13.93
C ILE C 304 -1.60 -12.93 13.53
N GLY C 305 -0.36 -12.82 13.08
CA GLY C 305 0.43 -13.97 12.69
C GLY C 305 0.54 -14.11 11.17
N GLU C 306 1.13 -15.22 10.77
CA GLU C 306 1.32 -15.55 9.36
C GLU C 306 -0.03 -15.95 8.77
N CYS C 307 -0.83 -14.94 8.43
CA CYS C 307 -2.21 -15.13 8.01
C CYS C 307 -2.35 -14.91 6.51
N PRO C 308 -3.32 -15.56 5.88
CA PRO C 308 -3.58 -15.31 4.46
C PRO C 308 -4.02 -13.88 4.22
N LYS C 309 -3.71 -13.37 3.03
CA LYS C 309 -4.12 -12.02 2.68
C LYS C 309 -5.64 -11.94 2.61
N TYR C 310 -6.23 -11.14 3.49
CA TYR C 310 -7.67 -10.97 3.53
C TYR C 310 -8.17 -10.37 2.23
N VAL C 311 -9.24 -10.94 1.69
CA VAL C 311 -9.86 -10.47 0.45
C VAL C 311 -11.36 -10.33 0.68
N ARG C 312 -11.99 -9.53 -0.17
CA ARG C 312 -13.42 -9.27 -0.10
C ARG C 312 -14.23 -10.26 -0.93
N SER C 313 -13.68 -11.44 -1.22
CA SER C 313 -14.34 -12.43 -2.03
C SER C 313 -15.16 -13.38 -1.17
N ALA C 314 -16.23 -13.91 -1.77
CA ALA C 314 -17.05 -14.94 -1.13
C ALA C 314 -16.89 -16.30 -1.78
N LYS C 315 -16.26 -16.37 -2.96
CA LYS C 315 -16.09 -17.64 -3.67
C LYS C 315 -14.83 -17.54 -4.51
N LEU C 316 -13.78 -18.26 -4.11
CA LEU C 316 -12.52 -18.34 -4.86
C LEU C 316 -12.21 -19.81 -5.08
N ARG C 317 -12.76 -20.38 -6.16
CA ARG C 317 -12.63 -21.80 -6.47
C ARG C 317 -11.95 -21.94 -7.82
N MET C 318 -10.97 -22.82 -7.90
CA MET C 318 -10.19 -23.06 -9.11
C MET C 318 -10.47 -24.45 -9.65
N VAL C 319 -10.63 -24.55 -10.96
CA VAL C 319 -10.93 -25.83 -11.58
C VAL C 319 -9.71 -26.73 -11.56
N THR C 320 -9.94 -28.03 -11.35
CA THR C 320 -8.90 -29.03 -11.51
C THR C 320 -9.30 -30.13 -12.48
N GLY C 321 -10.49 -30.07 -13.06
CA GLY C 321 -10.94 -31.09 -13.99
C GLY C 321 -11.59 -30.51 -15.24
N LEU C 322 -12.43 -31.31 -15.90
CA LEU C 322 -13.10 -30.92 -17.12
C LEU C 322 -14.49 -30.38 -16.80
N ARG C 323 -15.18 -29.90 -17.83
CA ARG C 323 -16.57 -29.50 -17.68
C ARG C 323 -17.45 -30.74 -17.57
N ASN C 324 -18.25 -30.80 -16.51
CA ASN C 324 -19.07 -31.97 -16.22
C ASN C 324 -20.32 -31.92 -17.09
N ILE C 325 -20.25 -32.56 -18.24
CA ILE C 325 -21.38 -32.69 -19.15
C ILE C 325 -21.88 -34.14 -19.05
N PRO C 326 -23.05 -34.37 -18.44
CA PRO C 326 -23.51 -35.74 -18.21
C PRO C 326 -24.13 -36.34 -19.46
N SER C 327 -24.64 -37.56 -19.31
CA SER C 327 -25.27 -38.28 -20.40
C SER C 327 -26.67 -37.74 -20.68
N LEU C 333 -13.24 -24.55 -27.05
CA LEU C 333 -12.16 -24.15 -27.94
C LEU C 333 -11.39 -25.43 -28.30
N PHE C 334 -10.63 -25.38 -29.40
CA PHE C 334 -9.98 -26.52 -30.05
C PHE C 334 -10.98 -27.51 -30.64
N GLY C 335 -12.27 -27.22 -30.60
CA GLY C 335 -13.27 -28.12 -31.16
C GLY C 335 -13.50 -29.37 -30.36
N ALA C 336 -13.19 -29.36 -29.06
CA ALA C 336 -13.35 -30.53 -28.21
C ALA C 336 -14.27 -30.21 -27.04
N ILE C 337 -14.72 -31.27 -26.37
CA ILE C 337 -15.60 -31.19 -25.21
C ILE C 337 -16.95 -30.57 -25.59
N ALA C 338 -16.93 -29.39 -26.18
CA ALA C 338 -18.12 -28.80 -26.77
C ALA C 338 -18.24 -29.10 -28.26
N GLY C 339 -17.32 -29.89 -28.81
CA GLY C 339 -17.29 -30.15 -30.24
C GLY C 339 -17.77 -31.53 -30.64
N PHE C 340 -16.82 -32.39 -31.05
CA PHE C 340 -17.20 -33.69 -31.61
C PHE C 340 -17.77 -34.63 -30.56
N ILE C 341 -17.27 -34.58 -29.32
CA ILE C 341 -17.87 -35.32 -28.20
C ILE C 341 -18.70 -34.31 -27.41
N GLU C 342 -20.02 -34.35 -27.61
CA GLU C 342 -20.89 -33.42 -26.89
C GLU C 342 -20.88 -33.68 -25.39
N GLY C 343 -20.91 -34.94 -24.99
CA GLY C 343 -20.95 -35.29 -23.58
C GLY C 343 -19.91 -36.33 -23.23
N GLY C 344 -19.46 -36.28 -21.98
CA GLY C 344 -18.47 -37.20 -21.49
C GLY C 344 -19.09 -38.43 -20.84
N TRP C 345 -18.35 -39.53 -20.88
CA TRP C 345 -18.82 -40.78 -20.30
C TRP C 345 -18.90 -40.65 -18.79
N THR C 346 -20.01 -41.12 -18.21
CA THR C 346 -20.23 -41.09 -16.78
C THR C 346 -19.72 -42.34 -16.08
N GLY C 347 -19.15 -43.29 -16.81
CA GLY C 347 -18.68 -44.52 -16.22
C GLY C 347 -17.17 -44.61 -16.08
N MET C 348 -16.44 -43.90 -16.94
CA MET C 348 -14.99 -43.92 -16.89
C MET C 348 -14.51 -43.14 -15.67
N VAL C 349 -13.98 -43.85 -14.68
CA VAL C 349 -13.51 -43.24 -13.43
C VAL C 349 -12.02 -43.47 -13.20
N ASP C 350 -11.36 -44.24 -14.05
CA ASP C 350 -9.92 -44.49 -13.89
C ASP C 350 -9.06 -43.34 -14.40
N GLY C 351 -9.62 -42.40 -15.14
CA GLY C 351 -8.85 -41.28 -15.66
C GLY C 351 -9.77 -40.22 -16.22
N TRP C 352 -9.15 -39.19 -16.78
CA TRP C 352 -9.89 -38.08 -17.38
C TRP C 352 -10.14 -38.27 -18.87
N TYR C 353 -9.23 -38.93 -19.58
CA TYR C 353 -9.37 -39.17 -21.00
C TYR C 353 -9.30 -40.67 -21.26
N GLY C 354 -10.10 -41.15 -22.21
CA GLY C 354 -10.08 -42.57 -22.48
C GLY C 354 -10.76 -42.91 -23.79
N TYR C 355 -10.86 -44.22 -24.03
CA TYR C 355 -11.40 -44.79 -25.26
C TYR C 355 -12.58 -45.70 -24.93
N HIS C 356 -13.18 -46.24 -25.98
CA HIS C 356 -14.36 -47.10 -25.88
C HIS C 356 -14.06 -48.43 -26.55
N HIS C 357 -14.09 -49.50 -25.76
CA HIS C 357 -13.91 -50.85 -26.30
C HIS C 357 -15.11 -51.24 -27.15
N GLN C 358 -14.86 -51.98 -28.22
CA GLN C 358 -15.91 -52.53 -29.06
C GLN C 358 -15.37 -53.78 -29.76
N ASN C 359 -16.12 -54.27 -30.75
CA ASN C 359 -15.80 -55.49 -31.47
C ASN C 359 -15.74 -56.68 -30.53
N GLU C 360 -14.53 -57.19 -30.26
CA GLU C 360 -14.40 -58.37 -29.40
C GLU C 360 -14.91 -58.10 -28.00
N GLN C 361 -14.50 -56.97 -27.41
CA GLN C 361 -14.94 -56.57 -26.08
C GLN C 361 -15.77 -55.30 -26.22
N GLY C 362 -17.07 -55.41 -25.97
CA GLY C 362 -17.97 -54.27 -26.05
C GLY C 362 -18.19 -53.54 -24.74
N SER C 363 -17.36 -53.79 -23.74
CA SER C 363 -17.55 -53.17 -22.43
C SER C 363 -17.41 -51.65 -22.50
N GLY C 364 -16.43 -51.16 -23.24
CA GLY C 364 -16.18 -49.74 -23.34
C GLY C 364 -15.20 -49.16 -22.34
N TYR C 365 -14.68 -49.98 -21.43
CA TYR C 365 -13.71 -49.51 -20.45
C TYR C 365 -12.41 -49.09 -21.13
N ALA C 366 -11.87 -47.95 -20.70
CA ALA C 366 -10.53 -47.50 -21.09
C ALA C 366 -10.23 -46.23 -20.30
N ALA C 367 -8.93 -45.97 -20.13
CA ALA C 367 -8.48 -44.73 -19.51
C ALA C 367 -7.04 -44.49 -19.96
N ASP C 368 -6.83 -43.51 -20.82
CA ASP C 368 -5.49 -43.18 -21.28
C ASP C 368 -4.71 -42.59 -20.11
N GLN C 369 -3.80 -43.39 -19.54
CA GLN C 369 -3.13 -42.99 -18.31
C GLN C 369 -2.08 -41.91 -18.53
N LYS C 370 -1.37 -41.96 -19.66
CA LYS C 370 -0.29 -40.99 -19.89
C LYS C 370 -0.83 -39.57 -19.97
N SER C 371 -1.83 -39.34 -20.83
CA SER C 371 -2.40 -38.00 -20.98
C SER C 371 -3.06 -37.54 -19.69
N THR C 372 -3.80 -38.43 -19.03
CA THR C 372 -4.47 -38.07 -17.79
C THR C 372 -3.47 -37.66 -16.72
N GLN C 373 -2.41 -38.45 -16.55
CA GLN C 373 -1.41 -38.13 -15.53
C GLN C 373 -0.66 -36.85 -15.86
N ASN C 374 -0.34 -36.62 -17.14
CA ASN C 374 0.32 -35.37 -17.50
C ASN C 374 -0.57 -34.17 -17.21
N ALA C 375 -1.87 -34.27 -17.52
CA ALA C 375 -2.79 -33.19 -17.22
C ALA C 375 -2.90 -32.96 -15.72
N ILE C 376 -2.96 -34.05 -14.94
CA ILE C 376 -3.04 -33.93 -13.49
C ILE C 376 -1.80 -33.23 -12.95
N ASN C 377 -0.62 -33.61 -13.45
CA ASN C 377 0.61 -32.96 -13.01
C ASN C 377 0.61 -31.48 -13.35
N GLY C 378 0.18 -31.13 -14.56
CA GLY C 378 0.16 -29.72 -14.94
C GLY C 378 -0.77 -28.89 -14.08
N ILE C 379 -2.00 -29.38 -13.87
CA ILE C 379 -2.97 -28.63 -13.09
C ILE C 379 -2.56 -28.57 -11.62
N THR C 380 -1.98 -29.65 -11.11
CA THR C 380 -1.49 -29.65 -9.74
C THR C 380 -0.36 -28.65 -9.57
N ASN C 381 0.54 -28.56 -10.55
CA ASN C 381 1.59 -27.56 -10.51
C ASN C 381 1.00 -26.16 -10.52
N LYS C 382 -0.02 -25.93 -11.35
CA LYS C 382 -0.66 -24.61 -11.38
C LYS C 382 -1.22 -24.24 -10.02
N VAL C 383 -2.02 -25.13 -9.43
CA VAL C 383 -2.66 -24.83 -8.14
C VAL C 383 -1.62 -24.66 -7.05
N ASN C 384 -0.63 -25.55 -7.00
CA ASN C 384 0.40 -25.47 -5.97
C ASN C 384 1.23 -24.19 -6.11
N SER C 385 1.54 -23.79 -7.33
CA SER C 385 2.26 -22.53 -7.53
C SER C 385 1.43 -21.36 -7.04
N VAL C 386 0.14 -21.33 -7.40
CA VAL C 386 -0.72 -20.23 -6.98
C VAL C 386 -0.77 -20.14 -5.46
N ILE C 387 -0.90 -21.29 -4.79
CA ILE C 387 -1.00 -21.28 -3.34
C ILE C 387 0.33 -20.91 -2.69
N GLU C 388 1.42 -21.52 -3.15
CA GLU C 388 2.71 -21.40 -2.47
C GLU C 388 3.38 -20.06 -2.70
N LYS C 389 3.25 -19.50 -3.92
CA LYS C 389 3.98 -18.28 -4.24
C LYS C 389 3.60 -17.11 -3.34
N MET C 390 2.46 -17.18 -2.66
CA MET C 390 2.06 -16.16 -1.69
C MET C 390 2.64 -16.55 -0.33
N ASN C 391 3.77 -15.95 0.01
CA ASN C 391 4.41 -16.16 1.31
C ASN C 391 4.26 -14.90 2.15
N THR C 392 3.66 -15.04 3.33
CA THR C 392 3.41 -13.92 4.23
C THR C 392 4.07 -14.21 5.58
N GLN C 393 4.72 -13.19 6.13
CA GLN C 393 5.35 -13.28 7.44
C GLN C 393 4.34 -12.86 8.50
N PHE C 394 4.80 -12.66 9.74
CA PHE C 394 3.91 -12.24 10.81
C PHE C 394 3.25 -10.92 10.48
N THR C 395 1.93 -10.85 10.68
CA THR C 395 1.14 -9.66 10.39
C THR C 395 0.59 -9.09 11.68
N ALA C 396 0.73 -7.77 11.85
CA ALA C 396 0.28 -7.04 13.02
C ALA C 396 -0.54 -5.82 12.59
N VAL C 397 -1.51 -6.06 11.71
CA VAL C 397 -2.28 -4.98 11.09
C VAL C 397 -3.01 -4.12 12.11
N GLY C 398 -3.28 -4.65 13.30
CA GLY C 398 -3.96 -3.88 14.33
C GLY C 398 -3.19 -2.64 14.76
N LYS C 399 -3.86 -1.48 14.72
CA LYS C 399 -3.26 -0.22 15.13
C LYS C 399 -4.27 0.56 15.96
N GLU C 400 -3.76 1.32 16.92
CA GLU C 400 -4.59 2.12 17.82
C GLU C 400 -4.13 3.58 17.78
N PHE C 401 -5.09 4.49 17.64
CA PHE C 401 -4.79 5.91 17.59
C PHE C 401 -5.79 6.67 18.46
N ASN C 402 -5.32 7.76 19.06
CA ASN C 402 -6.14 8.53 19.99
C ASN C 402 -7.03 9.50 19.22
N LYS C 403 -7.76 10.35 19.95
CA LYS C 403 -8.68 11.27 19.31
C LYS C 403 -7.97 12.30 18.44
N LEU C 404 -6.71 12.62 18.76
CA LEU C 404 -5.96 13.63 18.02
C LEU C 404 -5.11 13.02 16.91
N GLU C 405 -5.29 11.73 16.60
CA GLU C 405 -4.56 11.08 15.52
C GLU C 405 -5.52 10.51 14.47
N ARG C 406 -6.71 11.11 14.35
CA ARG C 406 -7.69 10.64 13.38
C ARG C 406 -7.09 10.54 11.98
N ARG C 407 -6.35 11.58 11.59
CA ARG C 407 -5.68 11.57 10.30
C ARG C 407 -4.85 10.30 10.14
N MET C 408 -4.00 10.01 11.14
CA MET C 408 -3.23 8.78 11.13
C MET C 408 -4.12 7.58 10.91
N GLU C 409 -5.21 7.49 11.70
CA GLU C 409 -6.14 6.38 11.55
C GLU C 409 -6.60 6.26 10.11
N ASN C 410 -7.03 7.38 9.52
CA ASN C 410 -7.52 7.33 8.15
C ASN C 410 -6.44 6.83 7.21
N LEU C 411 -5.20 7.30 7.39
CA LEU C 411 -4.10 6.82 6.56
C LEU C 411 -3.99 5.31 6.66
N ASN C 412 -4.03 4.77 7.88
CA ASN C 412 -3.98 3.33 8.05
C ASN C 412 -5.11 2.66 7.28
N LYS C 413 -6.32 3.22 7.40
CA LYS C 413 -7.45 2.69 6.65
C LYS C 413 -7.16 2.73 5.16
N LYS C 414 -6.62 3.85 4.67
CA LYS C 414 -6.27 3.96 3.27
C LYS C 414 -5.24 2.91 2.88
N VAL C 415 -4.33 2.59 3.79
CA VAL C 415 -3.37 1.51 3.52
C VAL C 415 -4.08 0.17 3.48
N ASP C 416 -5.01 -0.07 4.41
CA ASP C 416 -5.68 -1.36 4.45
C ASP C 416 -6.63 -1.54 3.28
N ASP C 417 -7.64 -0.66 3.20
CA ASP C 417 -8.68 -0.80 2.18
C ASP C 417 -8.07 -0.87 0.78
N GLY C 418 -7.10 -0.01 0.50
CA GLY C 418 -6.45 -0.04 -0.80
C GLY C 418 -5.85 -1.40 -1.11
N PHE C 419 -5.13 -1.97 -0.14
CA PHE C 419 -4.62 -3.32 -0.31
C PHE C 419 -5.75 -4.30 -0.55
N LEU C 420 -6.83 -4.17 0.23
CA LEU C 420 -8.00 -5.02 0.02
C LEU C 420 -8.57 -4.84 -1.38
N ASP C 421 -8.46 -3.63 -1.94
CA ASP C 421 -8.94 -3.42 -3.29
C ASP C 421 -8.07 -4.12 -4.32
N ILE C 422 -6.77 -4.26 -4.04
CA ILE C 422 -5.87 -4.89 -4.99
C ILE C 422 -6.01 -6.41 -4.96
N TRP C 423 -5.80 -7.00 -3.78
CA TRP C 423 -5.83 -8.46 -3.66
C TRP C 423 -7.17 -9.02 -4.11
N THR C 424 -8.27 -8.33 -3.79
CA THR C 424 -9.58 -8.78 -4.25
C THR C 424 -9.68 -8.76 -5.77
N TYR C 425 -9.18 -7.69 -6.40
CA TYR C 425 -9.34 -7.57 -7.84
C TYR C 425 -8.48 -8.59 -8.58
N ASN C 426 -7.22 -8.72 -8.19
CA ASN C 426 -6.33 -9.63 -8.90
C ASN C 426 -6.78 -11.08 -8.74
N ALA C 427 -6.95 -11.52 -7.48
CA ALA C 427 -7.20 -12.93 -7.19
C ALA C 427 -8.37 -13.46 -8.01
N GLU C 428 -9.55 -12.85 -7.83
CA GLU C 428 -10.72 -13.27 -8.61
C GLU C 428 -10.39 -13.26 -10.10
N LEU C 429 -9.85 -12.14 -10.59
CA LEU C 429 -9.48 -12.06 -12.00
C LEU C 429 -8.56 -13.22 -12.35
N LEU C 430 -7.54 -13.47 -11.52
CA LEU C 430 -6.65 -14.60 -11.74
C LEU C 430 -7.43 -15.90 -11.81
N VAL C 431 -8.28 -16.17 -10.81
CA VAL C 431 -9.02 -17.42 -10.82
C VAL C 431 -10.07 -17.43 -11.92
N LEU C 432 -10.40 -16.27 -12.50
CA LEU C 432 -11.21 -16.28 -13.71
C LEU C 432 -10.38 -16.69 -14.92
N LEU C 433 -9.15 -16.19 -15.02
CA LEU C 433 -8.34 -16.46 -16.21
C LEU C 433 -7.92 -17.92 -16.26
N GLU C 434 -7.15 -18.36 -15.26
CA GLU C 434 -6.52 -19.68 -15.31
C GLU C 434 -7.56 -20.77 -15.45
N ASN C 435 -8.68 -20.66 -14.72
CA ASN C 435 -9.79 -21.58 -14.88
C ASN C 435 -10.08 -21.84 -16.35
N GLU C 436 -10.40 -20.76 -17.09
CA GLU C 436 -10.65 -20.89 -18.52
C GLU C 436 -9.49 -21.60 -19.20
N ARG C 437 -8.27 -21.11 -18.97
CA ARG C 437 -7.09 -21.74 -19.55
C ARG C 437 -7.06 -23.22 -19.22
N THR C 438 -7.28 -23.57 -17.95
CA THR C 438 -7.27 -24.96 -17.55
C THR C 438 -8.28 -25.76 -18.37
N LEU C 439 -9.51 -25.24 -18.49
CA LEU C 439 -10.50 -25.91 -19.32
C LEU C 439 -9.99 -26.04 -20.75
N ASP C 440 -9.47 -24.93 -21.30
CA ASP C 440 -8.90 -24.99 -22.64
C ASP C 440 -7.77 -26.02 -22.70
N PHE C 441 -6.97 -26.10 -21.64
CA PHE C 441 -5.91 -27.09 -21.58
C PHE C 441 -6.48 -28.49 -21.78
N HIS C 442 -7.56 -28.80 -21.06
CA HIS C 442 -8.22 -30.09 -21.26
C HIS C 442 -8.67 -30.23 -22.71
N ASP C 443 -9.33 -29.19 -23.24
CA ASP C 443 -9.78 -29.21 -24.62
C ASP C 443 -8.64 -29.45 -25.59
N SER C 444 -7.41 -29.09 -25.20
CA SER C 444 -6.26 -29.46 -26.02
C SER C 444 -6.04 -30.96 -25.99
N ASN C 445 -5.80 -31.51 -24.79
CA ASN C 445 -5.30 -32.87 -24.66
C ASN C 445 -6.18 -33.85 -25.42
N VAL C 446 -7.47 -33.91 -25.05
CA VAL C 446 -8.38 -34.85 -25.68
C VAL C 446 -8.37 -34.68 -27.19
N LYS C 447 -8.44 -33.43 -27.66
CA LYS C 447 -8.44 -33.19 -29.10
C LYS C 447 -7.18 -33.78 -29.73
N ASN C 448 -6.01 -33.48 -29.14
CA ASN C 448 -4.77 -34.03 -29.66
C ASN C 448 -4.83 -35.55 -29.68
N LEU C 449 -5.36 -36.14 -28.60
CA LEU C 449 -5.48 -37.59 -28.55
C LEU C 449 -6.25 -38.11 -29.75
N TYR C 450 -7.37 -37.45 -30.07
CA TYR C 450 -8.15 -37.84 -31.24
C TYR C 450 -7.27 -37.83 -32.49
N GLU C 451 -6.55 -36.72 -32.70
CA GLU C 451 -5.68 -36.64 -33.86
C GLU C 451 -4.63 -37.75 -33.84
N LYS C 452 -4.09 -38.02 -32.64
CA LYS C 452 -3.08 -39.07 -32.53
C LYS C 452 -3.63 -40.42 -32.97
N VAL C 453 -4.91 -40.68 -32.70
CA VAL C 453 -5.51 -41.91 -33.19
C VAL C 453 -5.70 -41.83 -34.70
N LYS C 454 -6.13 -40.68 -35.20
CA LYS C 454 -6.45 -40.56 -36.62
C LYS C 454 -5.24 -40.87 -37.49
N SER C 455 -4.14 -40.15 -37.27
CA SER C 455 -2.92 -40.40 -38.03
C SER C 455 -2.43 -41.83 -37.81
N GLN C 456 -2.78 -42.43 -36.67
CA GLN C 456 -2.38 -43.80 -36.41
C GLN C 456 -3.23 -44.79 -37.20
N LEU C 457 -4.51 -44.47 -37.44
CA LEU C 457 -5.39 -45.37 -38.17
C LEU C 457 -5.50 -45.05 -39.65
N LYS C 458 -5.08 -43.85 -40.06
CA LYS C 458 -5.07 -43.42 -41.46
C LYS C 458 -6.47 -43.63 -42.03
N ASN C 459 -6.62 -44.32 -43.16
CA ASN C 459 -7.92 -44.55 -43.76
C ASN C 459 -8.50 -45.92 -43.42
N ASN C 460 -7.88 -46.65 -42.50
CA ASN C 460 -8.42 -47.94 -42.11
C ASN C 460 -9.72 -47.83 -41.31
N ALA C 461 -10.10 -46.61 -40.91
CA ALA C 461 -11.32 -46.40 -40.15
C ALA C 461 -12.10 -45.23 -40.76
N LYS C 462 -13.42 -45.37 -40.78
CA LYS C 462 -14.31 -44.30 -41.18
C LYS C 462 -14.54 -43.35 -40.01
N GLU C 463 -14.33 -42.06 -40.27
CA GLU C 463 -14.52 -41.04 -39.22
C GLU C 463 -16.01 -40.72 -39.13
N ILE C 464 -16.65 -41.22 -38.09
CA ILE C 464 -18.09 -41.00 -37.92
C ILE C 464 -18.38 -39.53 -37.64
N GLY C 465 -17.49 -38.85 -36.92
CA GLY C 465 -17.66 -37.45 -36.61
C GLY C 465 -18.07 -37.15 -35.19
N ASN C 466 -18.50 -38.16 -34.42
CA ASN C 466 -18.82 -37.98 -33.01
C ASN C 466 -17.64 -38.29 -32.10
N GLY C 467 -16.42 -38.15 -32.60
CA GLY C 467 -15.25 -38.55 -31.83
C GLY C 467 -14.93 -40.01 -31.90
N CYS C 468 -15.33 -40.70 -32.97
CA CYS C 468 -15.15 -42.14 -33.08
C CYS C 468 -14.60 -42.50 -34.46
N PHE C 469 -13.94 -43.65 -34.51
CA PHE C 469 -13.42 -44.23 -35.74
C PHE C 469 -14.00 -45.64 -35.87
N GLU C 470 -14.73 -45.88 -36.96
CA GLU C 470 -15.31 -47.20 -37.22
C GLU C 470 -14.34 -47.99 -38.08
N PHE C 471 -13.72 -49.01 -37.49
CA PHE C 471 -12.74 -49.82 -38.22
C PHE C 471 -13.38 -50.51 -39.41
N TYR C 472 -12.83 -50.29 -40.60
CA TYR C 472 -13.27 -51.04 -41.78
C TYR C 472 -12.93 -52.52 -41.62
N HIS C 473 -11.76 -52.82 -41.07
CA HIS C 473 -11.31 -54.18 -40.85
C HIS C 473 -11.86 -54.71 -39.52
N LYS C 474 -11.44 -55.90 -39.12
CA LYS C 474 -11.82 -56.50 -37.85
C LYS C 474 -10.66 -56.37 -36.88
N CYS C 475 -10.84 -55.54 -35.86
CA CYS C 475 -9.81 -55.30 -34.85
C CYS C 475 -10.26 -55.93 -33.55
N ASN C 476 -9.50 -56.93 -33.09
CA ASN C 476 -9.78 -57.56 -31.81
C ASN C 476 -9.30 -56.67 -30.67
N ASN C 477 -9.40 -57.19 -29.44
CA ASN C 477 -8.97 -56.41 -28.29
C ASN C 477 -7.47 -56.15 -28.30
N GLU C 478 -6.69 -57.08 -28.86
CA GLU C 478 -5.23 -56.92 -28.87
C GLU C 478 -4.81 -55.73 -29.72
N CYS C 479 -5.34 -55.62 -30.94
CA CYS C 479 -4.96 -54.50 -31.80
C CYS C 479 -5.55 -53.19 -31.29
N MET C 480 -6.71 -53.22 -30.63
CA MET C 480 -7.22 -52.00 -30.02
C MET C 480 -6.33 -51.54 -28.87
N GLU C 481 -5.84 -52.49 -28.07
CA GLU C 481 -4.87 -52.13 -27.03
C GLU C 481 -3.60 -51.56 -27.65
N SER C 482 -3.14 -52.15 -28.75
CA SER C 482 -1.98 -51.59 -29.46
C SER C 482 -2.25 -50.18 -29.95
N VAL C 483 -3.47 -49.93 -30.44
CA VAL C 483 -3.86 -48.58 -30.85
C VAL C 483 -3.77 -47.63 -29.67
N LYS C 484 -4.30 -48.06 -28.52
CA LYS C 484 -4.16 -47.26 -27.30
C LYS C 484 -2.71 -47.18 -26.84
N ASN C 485 -1.85 -48.08 -27.30
CA ASN C 485 -0.42 -48.01 -27.05
C ASN C 485 0.32 -47.16 -28.08
N GLY C 486 -0.38 -46.64 -29.08
CA GLY C 486 0.24 -45.84 -30.11
C GLY C 486 0.88 -46.62 -31.24
N THR C 487 0.65 -47.93 -31.31
CA THR C 487 1.22 -48.77 -32.36
C THR C 487 0.09 -49.41 -33.16
N TYR C 488 0.13 -49.23 -34.48
CA TYR C 488 -0.88 -49.79 -35.36
C TYR C 488 -0.26 -50.04 -36.73
N ASP C 489 -0.19 -51.31 -37.13
CA ASP C 489 0.37 -51.68 -38.42
C ASP C 489 -0.68 -51.42 -39.49
N TYR C 490 -0.57 -50.26 -40.14
CA TYR C 490 -1.58 -49.87 -41.14
C TYR C 490 -1.67 -50.85 -42.31
N PRO C 491 -0.57 -51.26 -42.97
CA PRO C 491 -0.72 -52.22 -44.07
C PRO C 491 -1.28 -53.57 -43.63
N LYS C 492 -1.08 -53.95 -42.36
CA LYS C 492 -1.57 -55.25 -41.89
C LYS C 492 -3.10 -55.32 -41.97
N TYR C 493 -3.78 -54.23 -41.63
CA TYR C 493 -5.23 -54.18 -41.66
C TYR C 493 -5.77 -53.32 -42.80
N SER C 494 -4.98 -53.13 -43.85
CA SER C 494 -5.43 -52.35 -45.00
C SER C 494 -6.60 -53.02 -45.70
N GLU C 495 -6.57 -54.34 -45.84
CA GLU C 495 -7.65 -55.10 -46.47
C GLU C 495 -8.06 -56.22 -45.53
N GLU C 496 -9.28 -56.16 -45.02
CA GLU C 496 -9.84 -57.23 -44.19
C GLU C 496 -11.35 -57.08 -44.05
C1 NAG D . -9.93 39.21 4.02
C2 NAG D . -9.19 40.11 5.02
C3 NAG D . -8.81 41.44 4.37
C4 NAG D . -8.04 41.20 3.08
C5 NAG D . -8.85 40.31 2.15
C6 NAG D . -8.12 39.95 0.89
C7 NAG D . -9.87 39.62 7.33
C8 NAG D . -10.78 40.00 8.46
N2 NAG D . -9.99 40.34 6.21
O3 NAG D . -8.02 42.20 5.29
O4 NAG D . -7.76 42.43 2.44
O5 NAG D . -9.15 39.07 2.82
O6 NAG D . -6.85 39.37 1.15
O7 NAG D . -9.07 38.70 7.42
C1 NAG D . -6.36 42.73 2.61
C2 NAG D . -5.88 43.59 1.43
C3 NAG D . -4.41 43.97 1.62
C4 NAG D . -4.20 44.64 2.97
C5 NAG D . -4.75 43.75 4.09
C6 NAG D . -4.70 44.41 5.45
C7 NAG D . -7.17 42.99 -0.56
C8 NAG D . -7.19 42.20 -1.84
N2 NAG D . -6.06 42.89 0.17
O3 NAG D . -4.01 44.84 0.58
O4 NAG D . -2.82 44.88 3.21
O5 NAG D . -6.13 43.44 3.84
O6 NAG D . -5.15 43.52 6.47
O7 NAG D . -8.12 43.68 -0.22
C1 BMA D . -2.54 46.28 3.02
C2 BMA D . -1.94 46.84 4.32
C3 BMA D . -1.48 48.29 4.11
C4 BMA D . -0.61 48.44 2.85
C5 BMA D . -1.36 47.85 1.63
C6 BMA D . -0.54 47.91 0.35
O2 BMA D . -0.78 46.11 4.71
O3 BMA D . -0.78 48.80 5.24
O4 BMA D . -0.31 49.80 2.61
O5 BMA D . -1.66 46.48 1.92
O6 BMA D . -0.16 49.26 0.12
C1 NAG E . 34.36 10.90 17.98
C2 NAG E . 34.54 11.07 19.49
C3 NAG E . 35.82 10.38 19.94
C4 NAG E . 35.86 8.93 19.47
C5 NAG E . 35.59 8.85 17.97
C6 NAG E . 35.47 7.43 17.46
C7 NAG E . 33.50 13.16 20.25
C8 NAG E . 33.72 14.61 20.57
N2 NAG E . 34.59 12.48 19.84
O3 NAG E . 35.89 10.42 21.37
O4 NAG E . 37.12 8.33 19.75
O5 NAG E . 34.36 9.51 17.65
O6 NAG E . 34.71 7.37 16.26
O7 NAG E . 32.41 12.64 20.35
C1 NAG E . 38.21 9.23 19.44
C2 NAG E . 39.32 9.04 20.47
C3 NAG E . 40.50 9.95 20.16
C4 NAG E . 40.95 9.75 18.71
C5 NAG E . 39.77 9.92 17.75
C6 NAG E . 40.13 9.63 16.31
C7 NAG E . 38.17 8.38 22.54
C8 NAG E . 37.73 8.81 23.91
N2 NAG E . 38.82 9.29 21.82
O3 NAG E . 41.57 9.66 21.05
O4 NAG E . 41.96 10.71 18.38
O5 NAG E . 38.73 9.01 18.12
O6 NAG E . 39.01 9.82 15.46
O7 NAG E . 37.94 7.25 22.11
C1 NAG F . -26.03 -23.04 -11.77
C2 NAG F . -27.21 -22.32 -11.12
C3 NAG F . -27.92 -23.25 -10.14
C4 NAG F . -28.29 -24.57 -10.82
C5 NAG F . -27.09 -25.18 -11.52
C6 NAG F . -27.43 -26.39 -12.34
C7 NAG F . -26.88 -19.89 -10.99
C8 NAG F . -26.37 -18.75 -10.15
N2 NAG F . -26.76 -21.11 -10.45
O3 NAG F . -29.09 -22.61 -9.65
O4 NAG F . -28.76 -25.49 -9.84
O5 NAG F . -26.50 -24.22 -12.42
O6 NAG F . -26.32 -26.82 -13.12
O7 NAG F . -27.37 -19.71 -12.10
C1 NAG F . -30.16 -25.78 -10.01
C2 NAG F . -30.60 -26.65 -8.84
C3 NAG F . -32.08 -26.96 -8.91
C4 NAG F . -32.89 -25.68 -9.06
C5 NAG F . -32.37 -24.85 -10.23
C6 NAG F . -33.04 -23.50 -10.35
C7 NAG F . -29.78 -28.81 -9.72
C8 NAG F . -28.91 -30.00 -9.46
N2 NAG F . -29.81 -27.88 -8.76
O3 NAG F . -32.48 -27.64 -7.72
O4 NAG F . -34.28 -25.95 -9.25
O5 NAG F . -30.96 -24.59 -10.05
O6 NAG F . -34.46 -23.63 -10.29
O7 NAG F . -30.42 -28.70 -10.77
C1 BMA F . -34.50 -27.10 -10.10
C2 BMA F . -35.73 -27.86 -9.55
C3 BMA F . -36.09 -29.03 -10.48
C4 BMA F . -36.17 -28.56 -11.95
C5 BMA F . -34.87 -27.85 -12.34
C6 BMA F . -34.88 -27.34 -13.77
O2 BMA F . -36.86 -27.02 -9.48
O3 BMA F . -37.32 -29.63 -10.10
O4 BMA F . -36.37 -29.68 -12.79
O5 BMA F . -34.70 -26.73 -11.46
O6 BMA F . -33.56 -26.96 -14.12
C1 NAG G . -13.71 -3.21 38.17
C2 NAG G . -14.02 -1.95 39.00
C3 NAG G . -15.29 -2.17 39.82
C4 NAG G . -16.44 -2.59 38.92
C5 NAG G . -16.04 -3.86 38.17
C6 NAG G . -17.11 -4.32 37.20
C7 NAG G . -11.99 -0.70 39.56
C8 NAG G . -10.91 -0.47 40.58
N2 NAG G . -12.91 -1.61 39.87
O3 NAG G . -15.62 -0.95 40.50
O4 NAG G . -17.62 -2.80 39.69
O5 NAG G . -14.86 -3.59 37.39
O6 NAG G . -17.33 -3.37 36.18
O7 NAG G . -12.02 -0.08 38.50
C1 NAG G . -18.70 -1.82 39.55
C2 NAG G . -18.66 -0.90 38.30
C3 NAG G . -19.98 -0.13 38.15
C4 NAG G . -21.19 -1.05 38.27
C5 NAG G . -21.11 -1.86 39.55
C6 NAG G . -22.24 -2.85 39.70
C7 NAG G . -16.81 0.32 37.25
C8 NAG G . -15.69 1.30 37.47
N2 NAG G . -17.55 0.02 38.33
O3 NAG G . -19.99 0.54 36.89
O4 NAG G . -22.41 -0.30 38.25
O5 NAG G . -19.89 -2.62 39.54
O6 NAG G . -22.04 -3.70 40.82
O7 NAG G . -17.02 -0.18 36.16
C1 BMA G . -22.30 0.95 38.98
C2 BMA G . -23.26 1.97 38.31
C3 BMA G . -23.29 3.28 39.12
C4 BMA G . -23.48 3.02 40.63
C5 BMA G . -22.45 2.00 41.12
C6 BMA G . -22.60 1.65 42.60
O2 BMA G . -24.59 1.48 38.29
O3 BMA G . -24.29 4.17 38.65
O4 BMA G . -23.34 4.23 41.36
O5 BMA G . -22.62 0.80 40.37
O6 BMA G . -21.52 0.80 42.97
C1 NAG H . -6.79 -25.38 4.08
C2 NAG H . -8.07 -25.83 3.40
C3 NAG H . -7.77 -26.93 2.38
C4 NAG H . -6.66 -26.50 1.42
C5 NAG H . -5.44 -25.98 2.19
C6 NAG H . -4.39 -25.39 1.28
C7 NAG H . -10.30 -25.86 4.46
C8 NAG H . -10.73 -24.88 3.41
N2 NAG H . -9.03 -26.29 4.40
O3 NAG H . -8.96 -27.24 1.65
O4 NAG H . -6.23 -27.60 0.61
O5 NAG H . -5.84 -24.93 3.09
O6 NAG H . -3.82 -26.35 0.39
O7 NAG H . -11.06 -26.25 5.34
C1 NAG H . -6.21 -28.80 1.41
C2 NAG H . -6.70 -29.94 0.52
C3 NAG H . -6.75 -31.23 1.32
C4 NAG H . -5.41 -31.49 2.00
C5 NAG H . -4.93 -30.26 2.77
C6 NAG H . -3.53 -30.41 3.31
C7 NAG H . -8.16 -28.99 -1.22
C8 NAG H . -9.58 -28.77 -1.66
N2 NAG H . -8.00 -29.63 -0.06
O3 NAG H . -7.10 -32.31 0.46
O4 NAG H . -5.51 -32.59 2.89
O5 NAG H . -4.90 -29.12 1.91
O6 NAG H . -2.59 -30.46 2.26
O7 NAG H . -7.21 -28.60 -1.88
C1 NAG I . -17.82 3.39 -44.04
C2 NAG I . -19.09 3.98 -43.41
C3 NAG I . -20.22 3.98 -44.43
C4 NAG I . -19.80 4.70 -45.70
C5 NAG I . -18.50 4.09 -46.23
C6 NAG I . -17.96 4.84 -47.43
C7 NAG I . -19.14 3.61 -40.98
C8 NAG I . -19.61 2.72 -39.87
N2 NAG I . -19.47 3.22 -42.22
O3 NAG I . -21.36 4.62 -43.86
O4 NAG I . -20.81 4.57 -46.69
O5 NAG I . -17.48 4.13 -45.22
O6 NAG I . -18.76 4.65 -48.58
O7 NAG I . -18.49 4.62 -40.76
C1 NAG J . -7.87 34.72 41.38
C2 NAG J . -7.94 34.59 42.90
C3 NAG J . -6.67 35.17 43.53
C4 NAG J . -5.43 34.53 42.91
C5 NAG J . -5.47 34.67 41.39
C6 NAG J . -4.34 33.96 40.70
C7 NAG J . -10.29 34.62 43.62
C8 NAG J . -11.39 35.45 44.19
N2 NAG J . -9.12 35.24 43.44
O3 NAG J . -6.68 34.93 44.93
O4 NAG J . -4.26 35.17 43.41
O5 NAG J . -6.69 34.09 40.88
O6 NAG J . -4.22 32.60 41.12
O7 NAG J . -10.43 33.43 43.35
C1 NAG K . -1.08 4.15 -35.21
C2 NAG K . -0.71 4.73 -36.58
C3 NAG K . -1.16 6.19 -36.68
C4 NAG K . -2.64 6.31 -36.34
C5 NAG K . -2.91 5.69 -34.98
C6 NAG K . -4.38 5.68 -34.61
C7 NAG K . 1.32 3.52 -37.28
C8 NAG K . 2.80 3.59 -37.47
N2 NAG K . 0.73 4.63 -36.82
O3 NAG K . -0.93 6.67 -38.00
O4 NAG K . -3.02 7.68 -36.31
O5 NAG K . -2.48 4.32 -34.97
O6 NAG K . -4.78 6.93 -34.07
O7 NAG K . 0.68 2.50 -37.53
C1 EDO L . -8.13 -5.14 -49.09
O1 EDO L . -9.09 -4.16 -49.53
C2 EDO L . -6.79 -4.87 -49.74
O2 EDO L . -6.31 -3.58 -49.36
C1 GOL M . -3.04 -11.57 -14.48
O1 GOL M . -2.10 -12.46 -14.99
C2 GOL M . -2.27 -10.55 -13.60
O2 GOL M . -3.07 -9.50 -13.20
C3 GOL M . -1.75 -11.39 -12.41
O3 GOL M . -1.05 -10.51 -11.58
C1 NAG N . 36.78 7.53 13.36
C2 NAG N . 37.94 8.24 12.67
C3 NAG N . 39.15 7.32 12.56
C4 NAG N . 39.52 6.75 13.93
C5 NAG N . 38.30 6.08 14.55
C6 NAG N . 38.56 5.57 15.95
C7 NAG N . 37.01 9.92 11.13
C8 NAG N . 36.66 10.23 9.70
N2 NAG N . 37.54 8.71 11.35
O3 NAG N . 40.26 8.05 12.03
O4 NAG N . 40.57 5.81 13.81
O5 NAG N . 37.22 7.02 14.64
O6 NAG N . 38.99 6.61 16.81
O7 NAG N . 36.81 10.71 12.04
C1 NAG O . 17.02 -29.29 -13.18
C2 NAG O . 17.93 -28.51 -12.24
C3 NAG O . 19.39 -28.87 -12.51
C4 NAG O . 19.59 -30.38 -12.43
C5 NAG O . 18.61 -31.10 -13.36
C6 NAG O . 18.66 -32.60 -13.23
C7 NAG O . 16.93 -26.38 -11.57
C8 NAG O . 16.83 -24.91 -11.85
N2 NAG O . 17.73 -27.08 -12.38
O3 NAG O . 20.23 -28.21 -11.56
O4 NAG O . 20.93 -30.72 -12.81
O5 NAG O . 17.26 -30.70 -13.04
O6 NAG O . 18.91 -32.99 -11.88
O7 NAG O . 16.30 -26.91 -10.65
C1 NAG P . 14.93 40.85 32.19
C2 NAG P . 14.69 42.17 32.92
C3 NAG P . 14.18 41.91 34.34
C4 NAG P . 12.95 41.01 34.30
C5 NAG P . 13.25 39.74 33.51
C6 NAG P . 12.03 38.85 33.34
C7 NAG P . 15.90 44.30 33.03
C8 NAG P . 17.24 44.97 33.05
N2 NAG P . 15.90 42.97 32.96
O3 NAG P . 13.86 43.14 34.97
O4 NAG P . 12.57 40.66 35.63
O5 NAG P . 13.72 40.07 32.20
O6 NAG P . 11.70 38.17 34.54
O7 NAG P . 14.85 44.95 33.06
C1 NAG Q . 24.37 44.32 25.86
C2 NAG Q . 23.31 45.30 26.30
C3 NAG Q . 21.97 44.80 25.77
C4 NAG Q . 22.06 44.53 24.27
C5 NAG Q . 23.38 43.86 23.83
C6 NAG Q . 23.63 43.96 22.35
C7 NAG Q . 23.08 46.60 28.38
C8 NAG Q . 22.88 47.79 27.49
N2 NAG Q . 23.28 45.43 27.75
O3 NAG Q . 20.95 45.75 26.05
O4 NAG Q . 20.99 43.67 23.90
O5 NAG Q . 24.53 44.42 24.49
O6 NAG Q . 22.64 44.76 21.71
O7 NAG Q . 23.05 46.68 29.60
C1 EDO R . 27.79 -13.56 -15.17
O1 EDO R . 28.40 -14.31 -14.11
C2 EDO R . 26.47 -12.98 -14.70
O2 EDO R . 26.68 -12.08 -13.61
C1 NAG S . -16.90 -8.95 33.52
C2 NAG S . -16.97 -10.30 34.22
C3 NAG S . -18.28 -11.00 33.86
C4 NAG S . -19.47 -10.10 34.15
C5 NAG S . -19.29 -8.75 33.46
C6 NAG S . -20.37 -7.76 33.81
C7 NAG S . -14.73 -11.22 34.63
C8 NAG S . -13.66 -12.13 34.13
N2 NAG S . -15.83 -11.13 33.88
O3 NAG S . -18.39 -12.21 34.60
O4 NAG S . -20.66 -10.71 33.69
O5 NAG S . -18.05 -8.16 33.86
O6 NAG S . -21.67 -8.28 33.54
O7 NAG S . -14.62 -10.59 35.69
C1 NAG T . 13.58 21.26 48.36
C2 NAG T . 14.73 22.00 49.05
C3 NAG T . 14.53 23.50 48.94
C4 NAG T . 14.34 23.92 47.49
C5 NAG T . 13.20 23.10 46.86
C6 NAG T . 13.03 23.37 45.39
C7 NAG T . 15.62 20.59 50.85
C8 NAG T . 15.61 20.31 52.32
N2 NAG T . 14.84 21.59 50.44
O3 NAG T . 15.67 24.17 49.48
O4 NAG T . 14.03 25.30 47.41
O5 NAG T . 13.47 21.70 47.00
O6 NAG T . 14.02 22.70 44.61
O7 NAG T . 16.29 19.93 50.07
C1 NAG U . -21.02 -38.84 -7.10
C2 NAG U . -21.78 -39.97 -6.40
C3 NAG U . -21.08 -40.33 -5.10
C4 NAG U . -19.61 -40.64 -5.33
C5 NAG U . -18.95 -39.48 -6.07
C6 NAG U . -17.51 -39.77 -6.45
C7 NAG U . -24.16 -40.00 -6.96
C8 NAG U . -25.54 -39.53 -6.56
N2 NAG U . -23.17 -39.61 -6.16
O3 NAG U . -21.73 -41.46 -4.51
O4 NAG U . -18.95 -40.85 -4.09
O5 NAG U . -19.65 -39.22 -7.29
O6 NAG U . -17.41 -40.87 -7.34
O7 NAG U . -23.98 -40.69 -7.95
#